data_6ZSS
#
_entry.id   6ZSS
#
_cell.length_a   1.000
_cell.length_b   1.000
_cell.length_c   1.000
_cell.angle_alpha   90.00
_cell.angle_beta   90.00
_cell.angle_gamma   90.00
#
_symmetry.space_group_name_H-M   'P 1'
#
_entity_poly.entity_id   1
_entity_poly.type   'polypeptide(L)'
_entity_poly.pdbx_seq_one_letter_code
;MIQCYQCEEFQLNNDCSSPEFIVNCTVNVQDMCQKEVMEQSAGIMYRKSCASSAACLIASAGYQSFCSPGKLNSVCISCC
NTPLCN
;
_entity_poly.pdbx_strand_id   A
#
# COMPACT_ATOMS: atom_id res chain seq x y z
N MET A 1 7.98 11.76 13.27
CA MET A 1 8.11 10.57 14.10
C MET A 1 7.77 9.31 13.30
N ILE A 2 6.61 9.33 12.64
CA ILE A 2 6.17 8.20 11.84
C ILE A 2 5.72 8.64 10.46
N GLN A 3 6.43 8.20 9.43
CA GLN A 3 6.10 8.55 8.05
C GLN A 3 5.79 7.30 7.23
N CYS A 4 5.27 7.52 6.02
CA CYS A 4 4.93 6.41 5.14
C CYS A 4 5.11 6.80 3.68
N TYR A 5 5.44 5.83 2.84
CA TYR A 5 5.64 6.07 1.42
C TYR A 5 4.33 6.01 0.66
N GLN A 6 4.06 7.03 -0.14
CA GLN A 6 2.84 7.10 -0.93
C GLN A 6 3.15 7.03 -2.42
N CYS A 7 2.48 6.12 -3.11
CA CYS A 7 2.69 5.95 -4.56
C CYS A 7 1.35 5.74 -5.27
N GLU A 8 0.81 6.82 -5.82
CA GLU A 8 -0.47 6.75 -6.53
C GLU A 8 -0.27 6.23 -7.95
N GLU A 9 0.92 6.45 -8.50
CA GLU A 9 1.23 6.01 -9.85
C GLU A 9 1.79 4.58 -9.83
N PHE A 10 0.96 3.63 -10.24
CA PHE A 10 1.36 2.22 -10.28
C PHE A 10 2.17 1.92 -11.53
N GLN A 11 3.46 1.65 -11.35
CA GLN A 11 4.34 1.34 -12.47
C GLN A 11 5.10 0.04 -12.23
N LEU A 12 5.63 -0.54 -13.31
CA LEU A 12 6.38 -1.78 -13.21
C LEU A 12 7.88 -1.53 -13.23
N ASN A 13 8.33 -0.62 -12.37
CA ASN A 13 9.74 -0.27 -12.29
C ASN A 13 10.19 -0.14 -10.84
N ASN A 14 11.39 0.40 -10.65
CA ASN A 14 11.94 0.59 -9.31
C ASN A 14 12.07 2.08 -8.98
N ASP A 15 11.46 2.92 -9.81
CA ASP A 15 11.52 4.37 -9.60
C ASP A 15 10.70 4.77 -8.38
N CYS A 16 9.70 3.95 -8.05
CA CYS A 16 8.85 4.24 -6.90
C CYS A 16 9.55 3.86 -5.60
N SER A 17 10.73 4.42 -5.37
CA SER A 17 11.49 4.14 -4.17
C SER A 17 12.36 5.33 -3.79
N SER A 18 11.76 6.53 -3.79
CA SER A 18 12.48 7.74 -3.46
C SER A 18 11.99 8.31 -2.12
N PRO A 19 12.92 8.92 -1.36
CA PRO A 19 12.61 9.52 -0.06
C PRO A 19 11.74 10.76 -0.18
N GLU A 20 11.46 11.17 -1.42
CA GLU A 20 10.65 12.34 -1.67
C GLU A 20 9.17 12.02 -1.53
N PHE A 21 8.83 10.74 -1.67
CA PHE A 21 7.45 10.29 -1.57
C PHE A 21 7.08 9.97 -0.12
N ILE A 22 8.11 9.90 0.73
CA ILE A 22 7.90 9.60 2.14
C ILE A 22 7.32 10.80 2.89
N VAL A 23 6.09 10.67 3.34
CA VAL A 23 5.42 11.74 4.07
C VAL A 23 5.23 11.38 5.53
N ASN A 24 5.32 12.38 6.40
CA ASN A 24 5.16 12.16 7.84
C ASN A 24 3.68 12.20 8.23
N CYS A 25 3.04 11.04 8.19
CA CYS A 25 1.62 10.94 8.55
C CYS A 25 1.46 10.73 10.04
N THR A 26 1.65 11.80 10.81
CA THR A 26 1.52 11.74 12.26
C THR A 26 0.10 12.06 12.70
N VAL A 27 -0.63 12.76 11.84
CA VAL A 27 -2.01 13.13 12.14
C VAL A 27 -2.80 11.93 12.69
N ASN A 28 -3.67 12.20 13.66
CA ASN A 28 -4.48 11.15 14.26
C ASN A 28 -5.23 10.36 13.20
N VAL A 29 -5.77 11.07 12.21
CA VAL A 29 -6.52 10.43 11.14
C VAL A 29 -5.73 9.27 10.54
N GLN A 30 -4.63 9.59 9.86
CA GLN A 30 -3.79 8.58 9.24
C GLN A 30 -2.45 8.47 9.97
N ASP A 31 -2.09 7.24 10.35
CA ASP A 31 -0.83 7.00 11.04
C ASP A 31 -0.23 5.66 10.64
N MET A 32 -0.54 5.23 9.42
CA MET A 32 -0.03 3.96 8.89
C MET A 32 0.15 4.02 7.38
N CYS A 33 0.76 2.98 6.83
CA CYS A 33 0.99 2.92 5.39
C CYS A 33 0.11 1.85 4.74
N GLN A 34 -0.30 2.09 3.51
CA GLN A 34 -1.15 1.16 2.78
C GLN A 34 -0.42 0.59 1.56
N LYS A 35 -0.57 -0.72 1.34
CA LYS A 35 0.08 -1.38 0.22
C LYS A 35 -0.91 -2.30 -0.50
N GLU A 36 -0.82 -2.33 -1.82
CA GLU A 36 -1.70 -3.18 -2.63
C GLU A 36 -0.95 -3.76 -3.83
N VAL A 37 -1.36 -4.94 -4.27
CA VAL A 37 -0.73 -5.59 -5.40
C VAL A 37 -1.77 -5.97 -6.46
N MET A 38 -1.45 -5.68 -7.72
CA MET A 38 -2.35 -5.98 -8.83
C MET A 38 -1.57 -6.51 -10.04
N GLU A 39 -2.23 -7.30 -10.86
CA GLU A 39 -1.61 -7.87 -12.05
C GLU A 39 -2.55 -7.81 -13.25
N GLN A 40 -2.04 -7.32 -14.37
CA GLN A 40 -2.84 -7.21 -15.58
C GLN A 40 -1.97 -7.35 -16.83
N SER A 41 -2.58 -7.16 -18.00
CA SER A 41 -1.86 -7.26 -19.25
C SER A 41 -0.61 -6.38 -19.25
N ALA A 42 -0.75 -5.19 -18.69
CA ALA A 42 0.36 -4.24 -18.61
C ALA A 42 1.53 -4.83 -17.83
N GLY A 43 1.21 -5.51 -16.72
CA GLY A 43 2.24 -6.10 -15.89
C GLY A 43 1.82 -6.22 -14.45
N ILE A 44 2.77 -6.02 -13.54
CA ILE A 44 2.50 -6.11 -12.11
C ILE A 44 2.50 -4.72 -11.46
N MET A 45 1.31 -4.14 -11.32
CA MET A 45 1.17 -2.82 -10.71
C MET A 45 0.99 -2.94 -9.20
N TYR A 46 1.22 -1.82 -8.51
CA TYR A 46 1.09 -1.79 -7.05
C TYR A 46 0.69 -0.41 -6.56
N ARG A 47 -0.29 -0.36 -5.68
CA ARG A 47 -0.77 0.91 -5.13
C ARG A 47 -0.27 1.11 -3.70
N LYS A 48 0.11 2.34 -3.38
CA LYS A 48 0.59 2.67 -2.05
C LYS A 48 0.20 4.09 -1.65
N SER A 49 -0.02 4.30 -0.35
CA SER A 49 -0.40 5.61 0.15
C SER A 49 -0.63 5.57 1.66
N CYS A 50 -0.71 6.74 2.28
CA CYS A 50 -0.93 6.84 3.71
C CYS A 50 -2.31 6.32 4.10
N ALA A 51 -2.34 5.36 5.02
CA ALA A 51 -3.60 4.78 5.47
C ALA A 51 -3.94 5.25 6.89
N SER A 52 -5.11 4.86 7.37
CA SER A 52 -5.56 5.24 8.70
C SER A 52 -5.97 4.01 9.52
N SER A 53 -6.16 4.21 10.81
CA SER A 53 -6.56 3.12 11.70
C SER A 53 -7.85 2.47 11.23
N ALA A 54 -8.93 3.24 11.25
CA ALA A 54 -10.24 2.74 10.83
C ALA A 54 -10.13 1.99 9.50
N ALA A 55 -9.45 2.61 8.54
CA ALA A 55 -9.27 1.99 7.23
C ALA A 55 -8.52 0.67 7.33
N CYS A 56 -7.42 0.68 8.09
CA CYS A 56 -6.62 -0.52 8.28
C CYS A 56 -7.48 -1.71 8.70
N LEU A 57 -8.44 -1.45 9.58
CA LEU A 57 -9.33 -2.49 10.07
C LEU A 57 -10.20 -3.03 8.94
N ILE A 58 -10.66 -2.14 8.06
CA ILE A 58 -11.49 -2.53 6.94
C ILE A 58 -10.85 -3.65 6.14
N ALA A 59 -9.63 -3.41 5.66
CA ALA A 59 -8.90 -4.40 4.88
C ALA A 59 -8.79 -5.72 5.64
N SER A 60 -8.30 -5.66 6.87
CA SER A 60 -8.14 -6.84 7.70
C SER A 60 -9.48 -7.58 7.86
N ALA A 61 -10.42 -6.93 8.54
CA ALA A 61 -11.73 -7.51 8.77
C ALA A 61 -12.34 -8.02 7.47
N GLY A 62 -12.00 -7.35 6.36
CA GLY A 62 -12.53 -7.74 5.07
C GLY A 62 -11.96 -9.07 4.60
N TYR A 63 -12.82 -10.08 4.51
CA TYR A 63 -12.40 -11.41 4.07
C TYR A 63 -11.75 -11.34 2.69
N GLN A 64 -11.31 -12.49 2.20
CA GLN A 64 -10.68 -12.57 0.89
C GLN A 64 -9.48 -11.62 0.82
N SER A 65 -8.78 -11.47 1.93
CA SER A 65 -7.62 -10.59 1.99
C SER A 65 -6.43 -11.20 1.25
N PHE A 66 -6.25 -12.51 1.41
CA PHE A 66 -5.15 -13.22 0.76
C PHE A 66 -5.26 -13.09 -0.76
N CYS A 67 -4.29 -13.66 -1.46
CA CYS A 67 -4.26 -13.62 -2.92
C CYS A 67 -3.27 -14.63 -3.48
N SER A 68 -3.11 -14.62 -4.80
CA SER A 68 -2.19 -15.54 -5.47
C SER A 68 -1.32 -14.80 -6.48
N PRO A 69 -0.05 -15.24 -6.59
CA PRO A 69 0.91 -14.63 -7.52
C PRO A 69 0.57 -14.92 -8.98
N GLY A 70 0.01 -16.10 -9.22
CA GLY A 70 -0.36 -16.48 -10.57
C GLY A 70 -1.85 -16.39 -10.82
N LYS A 71 -2.40 -15.18 -10.68
CA LYS A 71 -3.82 -14.95 -10.89
C LYS A 71 -4.06 -13.58 -11.49
N LEU A 72 -4.80 -13.54 -12.60
CA LEU A 72 -5.11 -12.28 -13.26
C LEU A 72 -5.67 -11.26 -12.28
N ASN A 73 -6.66 -11.69 -11.50
CA ASN A 73 -7.29 -10.81 -10.51
C ASN A 73 -6.59 -10.93 -9.16
N SER A 74 -5.26 -10.93 -9.19
CA SER A 74 -4.47 -11.04 -7.96
C SER A 74 -4.54 -9.74 -7.16
N VAL A 75 -5.64 -9.55 -6.44
CA VAL A 75 -5.81 -8.35 -5.63
C VAL A 75 -5.37 -8.59 -4.19
N CYS A 76 -4.44 -7.77 -3.72
CA CYS A 76 -3.93 -7.89 -2.36
C CYS A 76 -4.03 -6.56 -1.62
N ILE A 77 -4.45 -6.62 -0.36
CA ILE A 77 -4.58 -5.42 0.46
C ILE A 77 -3.98 -5.62 1.84
N SER A 78 -3.25 -4.61 2.32
CA SER A 78 -2.63 -4.68 3.64
C SER A 78 -1.98 -3.34 4.00
N CYS A 79 -1.85 -3.09 5.29
CA CYS A 79 -1.25 -1.85 5.77
C CYS A 79 -0.16 -2.13 6.79
N CYS A 80 0.57 -1.09 7.19
CA CYS A 80 1.65 -1.23 8.15
C CYS A 80 1.64 -0.08 9.15
N ASN A 81 2.13 -0.35 10.36
CA ASN A 81 2.17 0.66 11.41
C ASN A 81 3.58 1.22 11.57
N THR A 82 4.54 0.57 10.92
CA THR A 82 5.94 1.00 10.99
C THR A 82 6.26 2.00 9.90
N PRO A 83 7.28 2.83 10.14
CA PRO A 83 7.71 3.86 9.19
C PRO A 83 8.37 3.26 7.96
N LEU A 84 8.15 3.89 6.81
CA LEU A 84 8.72 3.42 5.55
C LEU A 84 8.47 1.92 5.36
N CYS A 85 7.21 1.53 5.44
CA CYS A 85 6.84 0.13 5.28
C CYS A 85 7.04 -0.33 3.83
N ASN A 86 6.73 0.56 2.89
CA ASN A 86 6.88 0.25 1.48
C ASN A 86 8.28 0.59 0.98
N MET A 1 4.65 11.49 13.63
CA MET A 1 6.02 11.44 13.16
C MET A 1 6.21 10.27 12.18
N ILE A 2 5.51 9.18 12.44
CA ILE A 2 5.60 8.00 11.59
C ILE A 2 5.38 8.36 10.12
N GLN A 3 6.40 8.13 9.30
CA GLN A 3 6.32 8.42 7.88
C GLN A 3 6.07 7.15 7.07
N CYS A 4 5.52 7.32 5.88
CA CYS A 4 5.23 6.18 5.00
C CYS A 4 5.43 6.57 3.54
N TYR A 5 5.61 5.55 2.69
CA TYR A 5 5.82 5.78 1.27
C TYR A 5 4.48 5.80 0.52
N GLN A 6 4.18 6.93 -0.11
CA GLN A 6 2.94 7.08 -0.85
C GLN A 6 3.21 7.27 -2.35
N CYS A 7 2.75 6.34 -3.16
CA CYS A 7 2.94 6.39 -4.59
C CYS A 7 1.69 5.91 -5.34
N GLU A 8 0.75 6.83 -5.55
CA GLU A 8 -0.49 6.50 -6.25
C GLU A 8 -0.28 6.54 -7.76
N GLU A 9 0.75 5.84 -8.23
CA GLU A 9 1.06 5.78 -9.64
C GLU A 9 1.75 4.47 -10.01
N PHE A 10 0.96 3.41 -10.16
CA PHE A 10 1.50 2.10 -10.51
C PHE A 10 2.07 2.10 -11.92
N GLN A 11 3.24 1.50 -12.08
CA GLN A 11 3.89 1.42 -13.38
C GLN A 11 5.21 0.67 -13.29
N LEU A 12 5.61 0.04 -14.39
CA LEU A 12 6.86 -0.72 -14.44
C LEU A 12 8.06 0.22 -14.35
N ASN A 13 8.95 -0.04 -13.39
CA ASN A 13 10.14 0.77 -13.22
C ASN A 13 9.78 2.19 -12.81
N ASN A 14 9.54 2.40 -11.51
CA ASN A 14 9.18 3.71 -11.00
C ASN A 14 10.03 4.06 -9.78
N ASP A 15 9.91 5.31 -9.33
CA ASP A 15 10.67 5.78 -8.18
C ASP A 15 9.80 5.76 -6.92
N CYS A 16 8.90 4.79 -6.84
CA CYS A 16 8.01 4.66 -5.70
C CYS A 16 8.77 4.21 -4.46
N SER A 17 9.90 3.54 -4.68
CA SER A 17 10.72 3.05 -3.57
C SER A 17 11.81 4.06 -3.23
N SER A 18 11.50 5.34 -3.39
CA SER A 18 12.46 6.41 -3.11
C SER A 18 12.12 7.10 -1.80
N PRO A 19 13.16 7.57 -1.09
CA PRO A 19 13.01 8.27 0.18
C PRO A 19 12.36 9.64 0.03
N GLU A 20 12.17 10.07 -1.22
CA GLU A 20 11.55 11.35 -1.51
C GLU A 20 10.04 11.27 -1.38
N PHE A 21 9.50 10.06 -1.47
CA PHE A 21 8.07 9.85 -1.38
C PHE A 21 7.65 9.63 0.08
N ILE A 22 8.56 9.91 1.00
CA ILE A 22 8.28 9.74 2.42
C ILE A 22 7.37 10.83 2.94
N VAL A 23 6.13 10.47 3.26
CA VAL A 23 5.16 11.42 3.77
C VAL A 23 4.82 11.13 5.22
N ASN A 24 4.36 12.16 5.93
CA ASN A 24 4.00 12.02 7.34
C ASN A 24 2.49 11.82 7.50
N CYS A 25 2.09 10.59 7.81
CA CYS A 25 0.69 10.27 7.99
C CYS A 25 0.13 10.94 9.25
N THR A 26 1.00 11.16 10.23
CA THR A 26 0.59 11.80 11.48
C THR A 26 -0.18 13.08 11.22
N VAL A 27 0.17 13.75 10.12
CA VAL A 27 -0.49 15.01 9.76
C VAL A 27 -2.00 14.85 9.78
N ASN A 28 -2.48 13.66 9.45
CA ASN A 28 -3.91 13.38 9.44
C ASN A 28 -4.24 12.17 10.30
N VAL A 29 -5.51 11.80 10.33
CA VAL A 29 -5.96 10.64 11.11
C VAL A 29 -5.07 9.43 10.86
N GLN A 30 -4.56 9.32 9.64
CA GLN A 30 -3.70 8.20 9.28
C GLN A 30 -2.45 8.18 10.15
N ASP A 31 -1.91 6.99 10.37
CA ASP A 31 -0.71 6.83 11.20
C ASP A 31 0.01 5.53 10.85
N MET A 32 -0.22 5.03 9.64
CA MET A 32 0.41 3.79 9.19
C MET A 32 0.57 3.78 7.68
N CYS A 33 1.18 2.73 7.15
CA CYS A 33 1.39 2.60 5.72
C CYS A 33 0.57 1.46 5.15
N GLN A 34 0.25 1.55 3.86
CA GLN A 34 -0.55 0.52 3.20
C GLN A 34 -0.08 0.32 1.76
N LYS A 35 -0.23 -0.90 1.26
CA LYS A 35 0.18 -1.23 -0.10
C LYS A 35 -0.78 -2.23 -0.73
N GLU A 36 -1.00 -2.09 -2.03
CA GLU A 36 -1.90 -2.97 -2.76
C GLU A 36 -1.26 -3.47 -4.05
N VAL A 37 -1.19 -4.79 -4.20
CA VAL A 37 -0.60 -5.40 -5.39
C VAL A 37 -1.68 -5.89 -6.35
N MET A 38 -1.41 -5.76 -7.64
CA MET A 38 -2.36 -6.19 -8.67
C MET A 38 -1.62 -6.62 -9.93
N GLU A 39 -2.37 -7.15 -10.89
CA GLU A 39 -1.80 -7.61 -12.15
C GLU A 39 -2.63 -7.13 -13.34
N GLN A 40 -1.95 -6.71 -14.40
CA GLN A 40 -2.64 -6.23 -15.59
C GLN A 40 -1.80 -6.50 -16.85
N SER A 41 -2.36 -6.19 -18.01
CA SER A 41 -1.68 -6.40 -19.27
C SER A 41 -0.27 -5.80 -19.24
N ALA A 42 -0.14 -4.67 -18.56
CA ALA A 42 1.15 -3.99 -18.44
C ALA A 42 2.12 -4.80 -17.58
N GLY A 43 1.59 -5.40 -16.52
CA GLY A 43 2.42 -6.20 -15.62
C GLY A 43 1.93 -6.16 -14.19
N ILE A 44 2.87 -6.19 -13.25
CA ILE A 44 2.53 -6.15 -11.83
C ILE A 44 2.43 -4.72 -11.32
N MET A 45 1.20 -4.24 -11.15
CA MET A 45 0.98 -2.89 -10.67
C MET A 45 0.85 -2.86 -9.14
N TYR A 46 1.36 -1.80 -8.54
CA TYR A 46 1.31 -1.66 -7.09
C TYR A 46 1.22 -0.19 -6.68
N ARG A 47 0.20 0.14 -5.92
CA ARG A 47 -0.01 1.52 -5.46
C ARG A 47 0.17 1.61 -3.95
N LYS A 48 0.98 2.57 -3.51
CA LYS A 48 1.24 2.79 -2.09
C LYS A 48 0.67 4.11 -1.63
N SER A 49 0.43 4.22 -0.32
CA SER A 49 -0.12 5.45 0.25
C SER A 49 -0.34 5.29 1.76
N CYS A 50 -0.52 6.42 2.44
CA CYS A 50 -0.74 6.41 3.89
C CYS A 50 -2.08 5.79 4.23
N ALA A 51 -2.20 5.27 5.44
CA ALA A 51 -3.44 4.64 5.89
C ALA A 51 -3.69 4.93 7.37
N SER A 52 -4.89 4.62 7.84
CA SER A 52 -5.26 4.85 9.22
C SER A 52 -5.59 3.54 9.93
N SER A 53 -5.79 3.60 11.24
CA SER A 53 -6.11 2.42 12.03
C SER A 53 -7.39 1.77 11.53
N ALA A 54 -8.37 2.59 11.20
CA ALA A 54 -9.66 2.09 10.71
C ALA A 54 -9.49 1.34 9.40
N ALA A 55 -8.73 1.92 8.47
CA ALA A 55 -8.49 1.28 7.18
C ALA A 55 -7.85 -0.08 7.34
N CYS A 56 -6.72 -0.12 8.05
CA CYS A 56 -6.01 -1.38 8.27
C CYS A 56 -6.95 -2.45 8.84
N LEU A 57 -7.90 -2.01 9.66
CA LEU A 57 -8.86 -2.93 10.26
C LEU A 57 -9.76 -3.55 9.19
N ILE A 58 -10.07 -2.76 8.16
CA ILE A 58 -10.93 -3.23 7.07
C ILE A 58 -10.29 -4.42 6.35
N ALA A 59 -9.06 -4.23 5.91
CA ALA A 59 -8.34 -5.28 5.20
C ALA A 59 -8.25 -6.55 6.03
N SER A 60 -7.82 -6.41 7.28
CA SER A 60 -7.69 -7.54 8.18
C SER A 60 -9.00 -8.33 8.24
N ALA A 61 -9.98 -7.78 8.95
CA ALA A 61 -11.27 -8.43 9.09
C ALA A 61 -11.83 -8.86 7.74
N GLY A 62 -11.48 -8.10 6.69
CA GLY A 62 -11.95 -8.40 5.36
C GLY A 62 -11.29 -9.65 4.79
N TYR A 63 -11.77 -10.81 5.20
CA TYR A 63 -11.22 -12.08 4.73
C TYR A 63 -11.77 -12.43 3.35
N GLN A 64 -13.02 -12.05 3.11
CA GLN A 64 -13.67 -12.32 1.83
C GLN A 64 -12.79 -11.87 0.66
N SER A 65 -12.05 -10.80 0.88
CA SER A 65 -11.17 -10.27 -0.16
C SER A 65 -9.90 -11.10 -0.28
N PHE A 66 -10.05 -12.35 -0.71
CA PHE A 66 -8.92 -13.25 -0.86
C PHE A 66 -8.15 -12.95 -2.14
N CYS A 67 -7.01 -13.60 -2.30
CA CYS A 67 -6.18 -13.40 -3.50
C CYS A 67 -4.99 -14.35 -3.48
N SER A 68 -4.06 -14.14 -4.42
CA SER A 68 -2.88 -14.98 -4.52
C SER A 68 -1.67 -14.17 -4.98
N PRO A 69 -0.47 -14.71 -4.74
CA PRO A 69 0.78 -14.05 -5.12
C PRO A 69 0.99 -14.03 -6.64
N GLY A 70 0.56 -15.10 -7.31
CA GLY A 70 0.70 -15.18 -8.75
C GLY A 70 -0.56 -15.68 -9.43
N LYS A 71 -1.59 -14.85 -9.43
CA LYS A 71 -2.86 -15.21 -10.05
C LYS A 71 -3.48 -14.01 -10.75
N LEU A 72 -4.14 -14.26 -11.88
CA LEU A 72 -4.78 -13.20 -12.64
C LEU A 72 -5.68 -12.35 -11.74
N ASN A 73 -5.50 -11.03 -11.80
CA ASN A 73 -6.30 -10.11 -11.00
C ASN A 73 -6.04 -10.33 -9.50
N SER A 74 -4.78 -10.62 -9.17
CA SER A 74 -4.40 -10.85 -7.78
C SER A 74 -4.40 -9.55 -7.00
N VAL A 75 -5.59 -9.13 -6.56
CA VAL A 75 -5.73 -7.90 -5.80
C VAL A 75 -5.61 -8.17 -4.31
N CYS A 76 -4.50 -7.72 -3.72
CA CYS A 76 -4.26 -7.92 -2.29
C CYS A 76 -3.96 -6.59 -1.61
N ILE A 77 -4.27 -6.51 -0.32
CA ILE A 77 -4.03 -5.29 0.46
C ILE A 77 -3.30 -5.60 1.76
N SER A 78 -2.41 -4.70 2.16
CA SER A 78 -1.65 -4.88 3.40
C SER A 78 -1.23 -3.53 3.97
N CYS A 79 -0.91 -3.52 5.26
CA CYS A 79 -0.48 -2.30 5.93
C CYS A 79 0.49 -2.61 7.06
N CYS A 80 1.22 -1.59 7.50
CA CYS A 80 2.19 -1.75 8.58
C CYS A 80 2.12 -0.57 9.55
N ASN A 81 2.30 -0.87 10.84
CA ASN A 81 2.25 0.16 11.87
C ASN A 81 3.64 0.76 12.10
N THR A 82 4.57 0.44 11.21
CA THR A 82 5.93 0.95 11.31
C THR A 82 6.22 1.96 10.21
N PRO A 83 7.06 2.95 10.54
CA PRO A 83 7.44 4.01 9.59
C PRO A 83 8.34 3.49 8.48
N LEU A 84 8.08 3.95 7.25
CA LEU A 84 8.87 3.53 6.09
C LEU A 84 8.78 2.02 5.89
N CYS A 85 7.55 1.50 5.86
CA CYS A 85 7.32 0.07 5.68
C CYS A 85 7.43 -0.30 4.20
N ASN A 86 6.86 0.53 3.34
CA ASN A 86 6.90 0.29 1.90
C ASN A 86 8.15 0.91 1.27
N MET A 1 7.31 9.79 15.73
CA MET A 1 6.96 10.13 14.36
C MET A 1 7.19 8.95 13.43
N ILE A 2 6.20 8.66 12.58
CA ILE A 2 6.31 7.54 11.64
C ILE A 2 5.83 7.96 10.25
N GLN A 3 6.66 7.67 9.25
CA GLN A 3 6.32 8.01 7.88
C GLN A 3 5.88 6.77 7.10
N CYS A 4 5.36 6.98 5.89
CA CYS A 4 4.91 5.89 5.04
C CYS A 4 5.16 6.19 3.57
N TYR A 5 5.49 5.15 2.81
CA TYR A 5 5.76 5.29 1.38
C TYR A 5 4.47 5.45 0.59
N GLN A 6 4.12 6.69 0.28
CA GLN A 6 2.90 6.98 -0.47
C GLN A 6 3.21 7.16 -1.95
N CYS A 7 2.62 6.31 -2.78
CA CYS A 7 2.83 6.36 -4.22
C CYS A 7 1.62 5.81 -4.97
N GLU A 8 0.60 6.65 -5.14
CA GLU A 8 -0.61 6.24 -5.84
C GLU A 8 -0.34 6.05 -7.33
N GLU A 9 0.76 6.62 -7.80
CA GLU A 9 1.14 6.50 -9.21
C GLU A 9 1.99 5.27 -9.45
N PHE A 10 1.33 4.14 -9.69
CA PHE A 10 2.03 2.89 -9.94
C PHE A 10 2.92 2.99 -11.17
N GLN A 11 3.80 2.01 -11.35
CA GLN A 11 4.71 1.99 -12.48
C GLN A 11 5.61 0.76 -12.45
N LEU A 12 5.98 0.27 -13.63
CA LEU A 12 6.84 -0.90 -13.73
C LEU A 12 8.28 -0.49 -14.01
N ASN A 13 8.52 0.04 -15.21
CA ASN A 13 9.85 0.46 -15.60
C ASN A 13 10.48 1.35 -14.53
N ASN A 14 9.64 2.07 -13.79
CA ASN A 14 10.11 2.96 -12.74
C ASN A 14 10.21 2.21 -11.41
N ASP A 15 10.48 2.96 -10.35
CA ASP A 15 10.61 2.37 -9.02
C ASP A 15 10.30 3.40 -7.94
N CYS A 16 9.13 3.27 -7.32
CA CYS A 16 8.71 4.19 -6.27
C CYS A 16 9.50 3.95 -4.99
N SER A 17 10.82 4.18 -5.06
CA SER A 17 11.68 3.98 -3.91
C SER A 17 12.48 5.25 -3.62
N SER A 18 11.80 6.39 -3.65
CA SER A 18 12.45 7.68 -3.40
C SER A 18 11.96 8.27 -2.07
N PRO A 19 12.84 9.02 -1.40
CA PRO A 19 12.53 9.66 -0.12
C PRO A 19 11.52 10.80 -0.28
N GLU A 20 11.21 11.14 -1.52
CA GLU A 20 10.26 12.22 -1.81
C GLU A 20 8.82 11.74 -1.61
N PHE A 21 8.63 10.43 -1.64
CA PHE A 21 7.31 9.84 -1.46
C PHE A 21 7.01 9.62 0.02
N ILE A 22 8.06 9.52 0.82
CA ILE A 22 7.90 9.31 2.25
C ILE A 22 7.12 10.44 2.90
N VAL A 23 5.88 10.15 3.31
CA VAL A 23 5.04 11.14 3.94
C VAL A 23 4.83 10.82 5.42
N ASN A 24 4.50 11.85 6.20
CA ASN A 24 4.27 11.67 7.63
C ASN A 24 2.78 11.45 7.93
N CYS A 25 2.42 10.21 8.20
CA CYS A 25 1.04 9.86 8.51
C CYS A 25 0.60 10.46 9.85
N THR A 26 1.48 10.39 10.84
CA THR A 26 1.20 10.93 12.16
C THR A 26 0.67 12.35 12.07
N VAL A 27 1.17 13.10 11.09
CA VAL A 27 0.75 14.48 10.90
C VAL A 27 -0.76 14.58 10.69
N ASN A 28 -1.32 13.62 9.98
CA ASN A 28 -2.75 13.58 9.71
C ASN A 28 -3.42 12.41 10.43
N VAL A 29 -4.72 12.27 10.23
CA VAL A 29 -5.48 11.19 10.85
C VAL A 29 -4.82 9.85 10.61
N GLN A 30 -4.31 9.65 9.40
CA GLN A 30 -3.64 8.41 9.04
C GLN A 30 -2.60 8.03 10.08
N ASP A 31 -2.56 6.74 10.43
CA ASP A 31 -1.61 6.25 11.42
C ASP A 31 -0.78 5.10 10.85
N MET A 32 -1.39 4.31 9.97
CA MET A 32 -0.71 3.19 9.35
C MET A 32 -0.49 3.43 7.87
N CYS A 33 0.25 2.53 7.22
CA CYS A 33 0.55 2.65 5.80
C CYS A 33 -0.20 1.60 5.00
N GLN A 34 -1.07 2.04 4.11
CA GLN A 34 -1.86 1.13 3.27
C GLN A 34 -1.12 0.82 1.97
N LYS A 35 -1.23 -0.41 1.51
CA LYS A 35 -0.57 -0.84 0.28
C LYS A 35 -1.37 -1.95 -0.41
N GLU A 36 -1.40 -1.92 -1.73
CA GLU A 36 -2.12 -2.92 -2.50
C GLU A 36 -1.34 -3.29 -3.77
N VAL A 37 -1.66 -4.47 -4.31
CA VAL A 37 -0.99 -4.95 -5.52
C VAL A 37 -1.98 -5.62 -6.46
N MET A 38 -1.69 -5.56 -7.76
CA MET A 38 -2.56 -6.17 -8.77
C MET A 38 -1.75 -6.67 -9.96
N GLU A 39 -2.42 -7.34 -10.88
CA GLU A 39 -1.74 -7.88 -12.06
C GLU A 39 -2.57 -7.60 -13.32
N GLN A 40 -1.91 -7.06 -14.34
CA GLN A 40 -2.58 -6.73 -15.59
C GLN A 40 -1.61 -6.83 -16.77
N SER A 41 -2.08 -6.46 -17.95
CA SER A 41 -1.26 -6.51 -19.15
C SER A 41 0.07 -5.78 -18.93
N ALA A 42 -0.01 -4.61 -18.32
CA ALA A 42 1.17 -3.80 -18.05
C ALA A 42 2.14 -4.55 -17.12
N GLY A 43 1.58 -5.33 -16.20
CA GLY A 43 2.40 -6.08 -15.27
C GLY A 43 1.86 -6.04 -13.86
N ILE A 44 2.77 -5.97 -12.88
CA ILE A 44 2.38 -5.91 -11.48
C ILE A 44 2.18 -4.47 -11.01
N MET A 45 0.92 -4.09 -10.83
CA MET A 45 0.59 -2.74 -10.37
C MET A 45 0.56 -2.67 -8.84
N TYR A 46 0.93 -1.51 -8.31
CA TYR A 46 0.95 -1.31 -6.86
C TYR A 46 0.52 0.11 -6.51
N ARG A 47 -0.19 0.24 -5.39
CA ARG A 47 -0.67 1.55 -4.94
C ARG A 47 -0.44 1.71 -3.44
N LYS A 48 0.49 2.58 -3.09
CA LYS A 48 0.80 2.84 -1.69
C LYS A 48 0.35 4.23 -1.27
N SER A 49 0.06 4.40 0.02
CA SER A 49 -0.39 5.69 0.54
C SER A 49 -0.69 5.59 2.03
N CYS A 50 -0.76 6.74 2.69
CA CYS A 50 -1.03 6.79 4.12
C CYS A 50 -2.47 6.35 4.41
N ALA A 51 -2.63 5.52 5.44
CA ALA A 51 -3.95 5.04 5.81
C ALA A 51 -4.24 5.33 7.29
N SER A 52 -5.50 5.18 7.67
CA SER A 52 -5.91 5.44 9.05
C SER A 52 -6.34 4.14 9.73
N SER A 53 -6.76 4.25 10.99
CA SER A 53 -7.20 3.09 11.75
C SER A 53 -8.42 2.44 11.11
N ALA A 54 -9.45 3.24 10.88
CA ALA A 54 -10.68 2.75 10.27
C ALA A 54 -10.39 1.99 8.98
N ALA A 55 -9.57 2.60 8.13
CA ALA A 55 -9.20 1.98 6.86
C ALA A 55 -8.56 0.61 7.08
N CYS A 56 -7.51 0.58 7.89
CA CYS A 56 -6.80 -0.65 8.18
C CYS A 56 -7.77 -1.74 8.65
N LEU A 57 -8.82 -1.33 9.34
CA LEU A 57 -9.83 -2.26 9.85
C LEU A 57 -10.63 -2.86 8.70
N ILE A 58 -10.84 -2.07 7.64
CA ILE A 58 -11.59 -2.53 6.48
C ILE A 58 -10.87 -3.68 5.79
N ALA A 59 -9.59 -3.49 5.50
CA ALA A 59 -8.80 -4.52 4.84
C ALA A 59 -8.66 -5.76 5.72
N SER A 60 -8.59 -5.54 7.02
CA SER A 60 -8.45 -6.65 7.97
C SER A 60 -9.79 -7.35 8.18
N ALA A 61 -10.67 -6.71 8.94
CA ALA A 61 -11.99 -7.28 9.22
C ALA A 61 -12.69 -7.69 7.92
N GLY A 62 -12.49 -6.90 6.87
CA GLY A 62 -13.12 -7.20 5.59
C GLY A 62 -12.52 -8.43 4.94
N TYR A 63 -12.26 -8.35 3.64
CA TYR A 63 -11.69 -9.46 2.89
C TYR A 63 -10.45 -10.01 3.59
N GLN A 64 -10.33 -11.34 3.62
CA GLN A 64 -9.19 -11.98 4.26
C GLN A 64 -7.91 -11.68 3.50
N SER A 65 -6.80 -12.20 4.01
CA SER A 65 -5.50 -11.99 3.37
C SER A 65 -5.17 -13.13 2.40
N PHE A 66 -6.15 -13.48 1.58
CA PHE A 66 -5.97 -14.55 0.60
C PHE A 66 -5.59 -13.99 -0.76
N CYS A 67 -4.32 -14.14 -1.13
CA CYS A 67 -3.83 -13.64 -2.41
C CYS A 67 -3.07 -14.73 -3.16
N SER A 68 -3.06 -14.62 -4.48
CA SER A 68 -2.36 -15.61 -5.32
C SER A 68 -0.95 -15.13 -5.67
N PRO A 69 -0.10 -16.08 -6.06
CA PRO A 69 1.29 -15.78 -6.42
C PRO A 69 1.40 -15.01 -7.73
N GLY A 70 0.71 -15.50 -8.75
CA GLY A 70 0.73 -14.84 -10.05
C GLY A 70 -0.55 -15.02 -10.82
N LYS A 71 -1.66 -14.59 -10.23
CA LYS A 71 -2.97 -14.72 -10.87
C LYS A 71 -3.32 -13.44 -11.63
N LEU A 72 -4.00 -13.61 -12.76
CA LEU A 72 -4.41 -12.47 -13.58
C LEU A 72 -5.12 -11.41 -12.74
N ASN A 73 -5.89 -11.87 -11.76
CA ASN A 73 -6.62 -10.97 -10.88
C ASN A 73 -6.14 -11.09 -9.45
N SER A 74 -4.83 -11.00 -9.27
CA SER A 74 -4.22 -11.09 -7.94
C SER A 74 -4.44 -9.81 -7.15
N VAL A 75 -5.62 -9.68 -6.56
CA VAL A 75 -5.96 -8.50 -5.78
C VAL A 75 -5.57 -8.67 -4.32
N CYS A 76 -4.46 -8.06 -3.93
CA CYS A 76 -3.97 -8.15 -2.55
C CYS A 76 -3.91 -6.77 -1.91
N ILE A 77 -4.53 -6.65 -0.73
CA ILE A 77 -4.55 -5.39 -0.01
C ILE A 77 -4.21 -5.59 1.46
N SER A 78 -3.49 -4.62 2.03
CA SER A 78 -3.09 -4.70 3.43
C SER A 78 -2.39 -3.42 3.87
N CYS A 79 -2.20 -3.27 5.17
CA CYS A 79 -1.55 -2.08 5.72
C CYS A 79 -0.40 -2.48 6.66
N CYS A 80 0.32 -1.47 7.15
CA CYS A 80 1.44 -1.71 8.05
C CYS A 80 1.45 -0.69 9.18
N ASN A 81 2.17 -1.01 10.26
CA ASN A 81 2.26 -0.12 11.41
C ASN A 81 3.68 0.46 11.54
N THR A 82 4.62 -0.14 10.82
CA THR A 82 6.00 0.32 10.86
C THR A 82 6.27 1.38 9.80
N PRO A 83 7.32 2.18 10.01
CA PRO A 83 7.70 3.25 9.08
C PRO A 83 8.25 2.70 7.77
N LEU A 84 7.87 3.34 6.66
CA LEU A 84 8.34 2.92 5.35
C LEU A 84 8.24 1.40 5.19
N CYS A 85 7.04 0.87 5.41
CA CYS A 85 6.81 -0.57 5.30
C CYS A 85 6.64 -0.97 3.84
N ASN A 86 6.14 -0.05 3.03
CA ASN A 86 5.92 -0.31 1.61
C ASN A 86 7.17 0.03 0.80
N MET A 1 6.94 10.89 15.16
CA MET A 1 6.39 10.90 13.81
C MET A 1 6.91 9.72 13.00
N ILE A 2 6.03 9.14 12.19
CA ILE A 2 6.40 7.99 11.36
C ILE A 2 6.22 8.30 9.88
N GLN A 3 7.27 8.04 9.10
CA GLN A 3 7.22 8.30 7.66
C GLN A 3 6.82 7.05 6.90
N CYS A 4 6.12 7.23 5.79
CA CYS A 4 5.67 6.12 4.97
C CYS A 4 5.89 6.41 3.48
N TYR A 5 5.93 5.35 2.68
CA TYR A 5 6.14 5.49 1.24
C TYR A 5 4.81 5.49 0.50
N GLN A 6 4.36 6.67 0.12
CA GLN A 6 3.09 6.80 -0.60
C GLN A 6 3.33 6.85 -2.11
N CYS A 7 2.64 6.00 -2.85
CA CYS A 7 2.78 5.94 -4.29
C CYS A 7 1.42 5.73 -4.96
N GLU A 8 0.94 6.75 -5.65
CA GLU A 8 -0.34 6.68 -6.34
C GLU A 8 -0.21 5.95 -7.68
N GLU A 9 0.95 6.11 -8.32
CA GLU A 9 1.20 5.47 -9.60
C GLU A 9 1.79 4.07 -9.41
N PHE A 10 0.91 3.08 -9.38
CA PHE A 10 1.34 1.70 -9.20
C PHE A 10 1.68 1.05 -10.54
N GLN A 11 2.95 0.68 -10.71
CA GLN A 11 3.40 0.05 -11.95
C GLN A 11 4.87 -0.34 -11.85
N LEU A 12 5.40 -0.88 -12.94
CA LEU A 12 6.80 -1.29 -12.98
C LEU A 12 7.67 -0.24 -13.66
N ASN A 13 7.10 0.43 -14.67
CA ASN A 13 7.83 1.46 -15.40
C ASN A 13 8.37 2.53 -14.45
N ASN A 14 7.67 2.71 -13.34
CA ASN A 14 8.09 3.70 -12.34
C ASN A 14 9.03 3.09 -11.31
N ASP A 15 9.24 3.80 -10.22
CA ASP A 15 10.12 3.32 -9.16
C ASP A 15 9.97 4.17 -7.89
N CYS A 16 9.11 3.73 -6.99
CA CYS A 16 8.87 4.44 -5.74
C CYS A 16 10.03 4.25 -4.77
N SER A 17 11.21 4.67 -5.18
CA SER A 17 12.41 4.54 -4.35
C SER A 17 13.07 5.89 -4.12
N SER A 18 12.24 6.94 -4.03
CA SER A 18 12.75 8.29 -3.83
C SER A 18 12.22 8.87 -2.52
N PRO A 19 13.03 9.73 -1.87
CA PRO A 19 12.66 10.37 -0.61
C PRO A 19 11.54 11.40 -0.78
N GLU A 20 11.15 11.63 -2.03
CA GLU A 20 10.09 12.59 -2.34
C GLU A 20 8.72 12.00 -2.02
N PHE A 21 8.64 10.68 -2.03
CA PHE A 21 7.39 9.98 -1.75
C PHE A 21 7.21 9.75 -0.25
N ILE A 22 8.32 9.81 0.48
CA ILE A 22 8.29 9.61 1.92
C ILE A 22 7.56 10.76 2.63
N VAL A 23 6.39 10.45 3.18
CA VAL A 23 5.60 11.45 3.88
C VAL A 23 5.39 11.06 5.34
N ASN A 24 5.20 12.06 6.20
CA ASN A 24 4.99 11.82 7.62
C ASN A 24 3.50 11.72 7.94
N CYS A 25 3.04 10.50 8.18
CA CYS A 25 1.63 10.27 8.50
C CYS A 25 1.39 10.39 10.00
N THR A 26 0.86 11.54 10.42
CA THR A 26 0.58 11.78 11.83
C THR A 26 -0.91 12.00 12.06
N VAL A 27 -1.56 12.66 11.12
CA VAL A 27 -2.99 12.93 11.22
C VAL A 27 -3.78 11.65 11.50
N ASN A 28 -4.84 11.79 12.30
CA ASN A 28 -5.67 10.64 12.65
C ASN A 28 -6.17 9.92 11.41
N VAL A 29 -6.56 10.71 10.39
CA VAL A 29 -7.06 10.14 9.15
C VAL A 29 -6.10 9.10 8.59
N GLN A 30 -4.81 9.35 8.75
CA GLN A 30 -3.78 8.44 8.26
C GLN A 30 -2.49 8.60 9.03
N ASP A 31 -2.15 7.61 9.86
CA ASP A 31 -0.93 7.66 10.66
C ASP A 31 0.00 6.51 10.28
N MET A 32 -0.58 5.42 9.78
CA MET A 32 0.20 4.26 9.38
C MET A 32 0.39 4.22 7.87
N CYS A 33 1.03 3.16 7.39
CA CYS A 33 1.28 3.01 5.96
C CYS A 33 0.43 1.88 5.38
N GLN A 34 0.08 2.01 4.11
CA GLN A 34 -0.74 1.01 3.43
C GLN A 34 -0.01 0.44 2.20
N LYS A 35 -0.29 -0.81 1.88
CA LYS A 35 0.32 -1.46 0.72
C LYS A 35 -0.69 -2.30 -0.03
N GLU A 36 -0.62 -2.25 -1.36
CA GLU A 36 -1.53 -3.02 -2.20
C GLU A 36 -0.77 -3.77 -3.29
N VAL A 37 -1.18 -5.01 -3.54
CA VAL A 37 -0.54 -5.82 -4.56
C VAL A 37 -1.56 -6.36 -5.57
N MET A 38 -1.28 -6.15 -6.85
CA MET A 38 -2.17 -6.60 -7.91
C MET A 38 -1.40 -6.93 -9.18
N GLU A 39 -2.04 -7.65 -10.09
CA GLU A 39 -1.39 -8.03 -11.34
C GLU A 39 -2.29 -7.70 -12.53
N GLN A 40 -1.73 -7.02 -13.53
CA GLN A 40 -2.48 -6.64 -14.71
C GLN A 40 -1.68 -6.90 -15.97
N SER A 41 -2.24 -6.54 -17.12
CA SER A 41 -1.56 -6.73 -18.40
C SER A 41 -0.15 -6.15 -18.37
N ALA A 42 -0.01 -5.00 -17.70
CA ALA A 42 1.28 -4.34 -17.59
C ALA A 42 2.26 -5.19 -16.78
N GLY A 43 1.76 -5.85 -15.76
CA GLY A 43 2.60 -6.69 -14.92
C GLY A 43 2.19 -6.66 -13.46
N ILE A 44 3.17 -6.60 -12.57
CA ILE A 44 2.89 -6.56 -11.14
C ILE A 44 2.88 -5.13 -10.62
N MET A 45 1.68 -4.62 -10.37
CA MET A 45 1.53 -3.25 -9.87
C MET A 45 1.51 -3.24 -8.35
N TYR A 46 1.77 -2.07 -7.76
CA TYR A 46 1.79 -1.93 -6.31
C TYR A 46 1.38 -0.52 -5.90
N ARG A 47 0.24 -0.42 -5.22
CA ARG A 47 -0.27 0.88 -4.77
C ARG A 47 -0.09 1.04 -3.27
N LYS A 48 0.61 2.10 -2.87
CA LYS A 48 0.86 2.37 -1.46
C LYS A 48 0.48 3.80 -1.11
N SER A 49 0.23 4.04 0.17
CA SER A 49 -0.15 5.37 0.65
C SER A 49 -0.41 5.36 2.15
N CYS A 50 -0.47 6.55 2.74
CA CYS A 50 -0.71 6.68 4.17
C CYS A 50 -2.13 6.25 4.53
N ALA A 51 -2.25 5.41 5.55
CA ALA A 51 -3.55 4.93 5.99
C ALA A 51 -3.70 5.04 7.51
N SER A 52 -4.82 4.55 8.03
CA SER A 52 -5.07 4.60 9.47
C SER A 52 -5.42 3.21 10.00
N SER A 53 -5.25 3.03 11.31
CA SER A 53 -5.53 1.76 11.95
C SER A 53 -6.96 1.30 11.62
N ALA A 54 -7.94 2.09 12.05
CA ALA A 54 -9.34 1.77 11.80
C ALA A 54 -9.58 1.47 10.32
N ALA A 55 -9.06 2.32 9.46
CA ALA A 55 -9.21 2.14 8.02
C ALA A 55 -8.65 0.80 7.57
N CYS A 56 -7.57 0.37 8.21
CA CYS A 56 -6.93 -0.89 7.88
C CYS A 56 -7.82 -2.07 8.26
N LEU A 57 -8.48 -1.95 9.41
CA LEU A 57 -9.36 -3.00 9.90
C LEU A 57 -10.49 -3.27 8.91
N ILE A 58 -10.90 -2.23 8.19
CA ILE A 58 -11.97 -2.35 7.20
C ILE A 58 -11.50 -3.10 5.97
N ALA A 59 -10.34 -2.70 5.45
CA ALA A 59 -9.76 -3.35 4.27
C ALA A 59 -9.37 -4.78 4.56
N SER A 60 -8.90 -5.03 5.78
CA SER A 60 -8.50 -6.37 6.18
C SER A 60 -9.70 -7.26 6.46
N ALA A 61 -10.49 -6.88 7.47
CA ALA A 61 -11.68 -7.64 7.83
C ALA A 61 -12.58 -7.87 6.62
N GLY A 62 -12.77 -6.82 5.82
CA GLY A 62 -13.60 -6.94 4.64
C GLY A 62 -12.81 -7.31 3.40
N TYR A 63 -11.84 -8.20 3.56
CA TYR A 63 -11.00 -8.63 2.45
C TYR A 63 -11.86 -9.11 1.27
N GLN A 64 -11.44 -8.75 0.06
CA GLN A 64 -12.17 -9.16 -1.14
C GLN A 64 -11.97 -10.64 -1.42
N SER A 65 -10.72 -11.04 -1.59
CA SER A 65 -10.38 -12.42 -1.88
C SER A 65 -8.99 -12.77 -1.37
N PHE A 66 -8.63 -14.05 -1.45
CA PHE A 66 -7.33 -14.51 -0.99
C PHE A 66 -6.21 -13.83 -1.76
N CYS A 67 -4.98 -14.02 -1.31
CA CYS A 67 -3.81 -13.42 -1.96
C CYS A 67 -3.03 -14.47 -2.73
N SER A 68 -2.96 -14.30 -4.05
CA SER A 68 -2.24 -15.24 -4.90
C SER A 68 -0.88 -14.67 -5.32
N PRO A 69 0.03 -15.55 -5.75
CA PRO A 69 1.36 -15.16 -6.18
C PRO A 69 1.34 -14.38 -7.51
N GLY A 70 0.62 -14.92 -8.49
CA GLY A 70 0.54 -14.27 -9.78
C GLY A 70 -0.78 -14.54 -10.48
N LYS A 71 -1.88 -14.27 -9.79
CA LYS A 71 -3.21 -14.48 -10.35
C LYS A 71 -3.74 -13.22 -11.00
N LEU A 72 -4.49 -13.37 -12.08
CA LEU A 72 -5.06 -12.24 -12.80
C LEU A 72 -5.79 -11.31 -11.85
N ASN A 73 -6.42 -11.88 -10.83
CA ASN A 73 -7.16 -11.11 -9.85
C ASN A 73 -6.53 -11.24 -8.46
N SER A 74 -5.23 -10.94 -8.38
CA SER A 74 -4.51 -11.03 -7.12
C SER A 74 -4.76 -9.79 -6.27
N VAL A 75 -5.89 -9.78 -5.57
CA VAL A 75 -6.24 -8.66 -4.71
C VAL A 75 -5.72 -8.86 -3.29
N CYS A 76 -4.62 -8.18 -2.97
CA CYS A 76 -4.01 -8.28 -1.65
C CYS A 76 -3.98 -6.92 -0.96
N ILE A 77 -4.50 -6.88 0.26
CA ILE A 77 -4.52 -5.64 1.03
C ILE A 77 -3.85 -5.82 2.39
N SER A 78 -3.03 -4.84 2.77
CA SER A 78 -2.32 -4.90 4.04
C SER A 78 -1.64 -3.56 4.34
N CYS A 79 -1.40 -3.30 5.62
CA CYS A 79 -0.76 -2.07 6.04
C CYS A 79 0.53 -2.36 6.82
N CYS A 80 1.17 -1.30 7.30
CA CYS A 80 2.40 -1.43 8.07
C CYS A 80 2.42 -0.48 9.26
N ASN A 81 3.22 -0.80 10.26
CA ASN A 81 3.32 0.03 11.46
C ASN A 81 4.71 0.66 11.56
N THR A 82 5.67 0.11 10.81
CA THR A 82 7.03 0.62 10.82
C THR A 82 7.23 1.68 9.76
N PRO A 83 8.18 2.60 10.00
CA PRO A 83 8.49 3.69 9.06
C PRO A 83 9.17 3.18 7.79
N LEU A 84 8.79 3.75 6.65
CA LEU A 84 9.37 3.36 5.37
C LEU A 84 9.18 1.86 5.13
N CYS A 85 7.95 1.39 5.24
CA CYS A 85 7.64 -0.02 5.04
C CYS A 85 7.53 -0.34 3.55
N ASN A 86 6.91 0.57 2.79
CA ASN A 86 6.74 0.39 1.36
C ASN A 86 7.92 0.97 0.59
N MET A 1 7.15 10.15 15.35
CA MET A 1 6.59 10.45 14.04
C MET A 1 6.93 9.35 13.03
N ILE A 2 5.90 8.64 12.59
CA ILE A 2 6.08 7.55 11.63
C ILE A 2 5.73 8.01 10.22
N GLN A 3 6.61 7.70 9.27
CA GLN A 3 6.38 8.08 7.88
C GLN A 3 6.03 6.86 7.03
N CYS A 4 5.49 7.11 5.84
CA CYS A 4 5.10 6.03 4.94
C CYS A 4 5.43 6.39 3.49
N TYR A 5 5.65 5.38 2.66
CA TYR A 5 5.97 5.59 1.26
C TYR A 5 4.70 5.66 0.42
N GLN A 6 4.27 6.88 0.11
CA GLN A 6 3.07 7.09 -0.69
C GLN A 6 3.42 7.23 -2.17
N CYS A 7 2.91 6.31 -2.99
CA CYS A 7 3.16 6.33 -4.42
C CYS A 7 1.93 5.88 -5.20
N GLU A 8 1.08 6.84 -5.55
CA GLU A 8 -0.14 6.55 -6.30
C GLU A 8 0.20 6.15 -7.73
N GLU A 9 1.26 6.73 -8.27
CA GLU A 9 1.67 6.44 -9.64
C GLU A 9 2.64 5.25 -9.67
N PHE A 10 2.09 4.04 -9.61
CA PHE A 10 2.90 2.84 -9.64
C PHE A 10 3.79 2.80 -10.87
N GLN A 11 4.60 1.75 -10.98
CA GLN A 11 5.51 1.60 -12.11
C GLN A 11 6.32 0.31 -11.99
N LEU A 12 6.53 -0.36 -13.11
CA LEU A 12 7.29 -1.60 -13.13
C LEU A 12 8.72 -1.36 -13.63
N ASN A 13 8.87 -0.41 -14.54
CA ASN A 13 10.18 -0.08 -15.09
C ASN A 13 10.88 0.96 -14.22
N ASN A 14 10.09 1.85 -13.63
CA ASN A 14 10.64 2.91 -12.78
C ASN A 14 10.75 2.44 -11.33
N ASP A 15 11.68 3.02 -10.59
CA ASP A 15 11.88 2.67 -9.19
C ASP A 15 11.31 3.73 -8.27
N CYS A 16 10.00 3.64 -8.02
CA CYS A 16 9.31 4.59 -7.16
C CYS A 16 9.73 4.40 -5.70
N SER A 17 10.98 4.75 -5.40
CA SER A 17 11.51 4.62 -4.05
C SER A 17 12.31 5.86 -3.65
N SER A 18 11.72 7.02 -3.89
CA SER A 18 12.37 8.28 -3.56
C SER A 18 11.91 8.79 -2.20
N PRO A 19 12.81 9.51 -1.50
CA PRO A 19 12.52 10.07 -0.17
C PRO A 19 11.51 11.20 -0.23
N GLU A 20 11.15 11.62 -1.45
CA GLU A 20 10.20 12.70 -1.64
C GLU A 20 8.76 12.19 -1.48
N PHE A 21 8.60 10.88 -1.56
CA PHE A 21 7.28 10.25 -1.43
C PHE A 21 6.97 9.98 0.04
N ILE A 22 8.01 9.91 0.86
CA ILE A 22 7.84 9.65 2.28
C ILE A 22 7.03 10.75 2.96
N VAL A 23 5.84 10.39 3.42
CA VAL A 23 4.97 11.35 4.09
C VAL A 23 4.69 10.93 5.53
N ASN A 24 4.21 11.88 6.33
CA ASN A 24 3.90 11.61 7.73
C ASN A 24 2.40 11.37 7.92
N CYS A 25 2.02 10.11 8.06
CA CYS A 25 0.62 9.75 8.24
C CYS A 25 0.11 10.20 9.61
N THR A 26 1.01 10.17 10.60
CA THR A 26 0.66 10.57 11.96
C THR A 26 0.13 12.00 11.99
N VAL A 27 -0.33 12.43 13.15
CA VAL A 27 -0.86 13.78 13.32
C VAL A 27 -1.70 14.18 12.12
N ASN A 28 -2.46 13.23 11.58
CA ASN A 28 -3.32 13.49 10.43
C ASN A 28 -4.38 12.40 10.28
N VAL A 29 -5.26 12.58 9.30
CA VAL A 29 -6.32 11.61 9.05
C VAL A 29 -5.77 10.18 8.99
N GLN A 30 -4.55 10.05 8.49
CA GLN A 30 -3.91 8.75 8.38
C GLN A 30 -3.08 8.44 9.62
N ASP A 31 -2.38 7.31 9.59
CA ASP A 31 -1.54 6.89 10.71
C ASP A 31 -0.60 5.77 10.29
N MET A 32 -1.10 4.83 9.51
CA MET A 32 -0.30 3.71 9.05
C MET A 32 -0.07 3.79 7.54
N CYS A 33 0.74 2.88 7.01
CA CYS A 33 1.05 2.84 5.59
C CYS A 33 0.21 1.79 4.88
N GLN A 34 -0.47 2.21 3.82
CA GLN A 34 -1.31 1.30 3.05
C GLN A 34 -0.51 0.64 1.92
N LYS A 35 -0.52 -0.69 1.88
CA LYS A 35 0.20 -1.43 0.85
C LYS A 35 -0.77 -2.27 0.02
N GLU A 36 -0.80 -2.01 -1.29
CA GLU A 36 -1.67 -2.75 -2.19
C GLU A 36 -0.88 -3.31 -3.37
N VAL A 37 -1.14 -4.58 -3.69
CA VAL A 37 -0.47 -5.24 -4.79
C VAL A 37 -1.46 -5.95 -5.70
N MET A 38 -1.49 -5.53 -6.96
CA MET A 38 -2.40 -6.12 -7.94
C MET A 38 -1.70 -6.31 -9.28
N GLU A 39 -2.32 -7.08 -10.17
CA GLU A 39 -1.76 -7.34 -11.49
C GLU A 39 -2.72 -6.90 -12.59
N GLN A 40 -2.16 -6.42 -13.70
CA GLN A 40 -2.96 -5.96 -14.82
C GLN A 40 -2.22 -6.16 -16.13
N SER A 41 -2.81 -5.67 -17.23
CA SER A 41 -2.21 -5.81 -18.54
C SER A 41 -0.75 -5.36 -18.52
N ALA A 42 -0.50 -4.17 -17.97
CA ALA A 42 0.85 -3.64 -17.88
C ALA A 42 1.78 -4.61 -17.15
N GLY A 43 1.28 -5.20 -16.07
CA GLY A 43 2.07 -6.13 -15.30
C GLY A 43 1.72 -6.13 -13.83
N ILE A 44 2.73 -6.25 -12.98
CA ILE A 44 2.52 -6.26 -11.53
C ILE A 44 2.69 -4.86 -10.95
N MET A 45 1.57 -4.18 -10.71
CA MET A 45 1.59 -2.84 -10.15
C MET A 45 1.43 -2.88 -8.64
N TYR A 46 1.66 -1.75 -7.98
CA TYR A 46 1.54 -1.66 -6.53
C TYR A 46 1.09 -0.25 -6.11
N ARG A 47 -0.07 -0.18 -5.47
CA ARG A 47 -0.59 1.11 -5.01
C ARG A 47 -0.17 1.39 -3.58
N LYS A 48 0.70 2.37 -3.40
CA LYS A 48 1.19 2.75 -2.08
C LYS A 48 0.66 4.12 -1.67
N SER A 49 0.31 4.25 -0.39
CA SER A 49 -0.21 5.52 0.12
C SER A 49 -0.55 5.39 1.61
N CYS A 50 -0.65 6.53 2.29
CA CYS A 50 -0.97 6.55 3.71
C CYS A 50 -2.40 6.08 3.95
N ALA A 51 -2.62 5.46 5.11
CA ALA A 51 -3.94 4.96 5.46
C ALA A 51 -4.31 5.35 6.88
N SER A 52 -5.61 5.36 7.18
CA SER A 52 -6.08 5.71 8.51
C SER A 52 -6.43 4.46 9.32
N SER A 53 -6.59 4.64 10.63
CA SER A 53 -6.91 3.53 11.51
C SER A 53 -8.17 2.81 11.05
N ALA A 54 -9.24 3.57 10.84
CA ALA A 54 -10.50 3.00 10.39
C ALA A 54 -10.30 2.10 9.18
N ALA A 55 -9.59 2.61 8.18
CA ALA A 55 -9.32 1.86 6.96
C ALA A 55 -8.56 0.58 7.27
N CYS A 56 -7.54 0.70 8.12
CA CYS A 56 -6.72 -0.45 8.49
C CYS A 56 -7.59 -1.58 9.03
N LEU A 57 -8.62 -1.22 9.78
CA LEU A 57 -9.53 -2.21 10.35
C LEU A 57 -10.32 -2.92 9.27
N ILE A 58 -10.70 -2.18 8.23
CA ILE A 58 -11.46 -2.74 7.12
C ILE A 58 -10.71 -3.90 6.48
N ALA A 59 -9.46 -3.66 6.09
CA ALA A 59 -8.64 -4.69 5.47
C ALA A 59 -8.54 -5.93 6.36
N SER A 60 -8.13 -5.72 7.60
CA SER A 60 -7.99 -6.82 8.55
C SER A 60 -9.30 -7.59 8.68
N ALA A 61 -10.40 -6.87 8.81
CA ALA A 61 -11.72 -7.48 8.94
C ALA A 61 -12.10 -8.25 7.67
N GLY A 62 -11.68 -7.71 6.52
CA GLY A 62 -11.99 -8.35 5.25
C GLY A 62 -11.09 -9.54 4.97
N TYR A 63 -11.09 -10.52 5.87
CA TYR A 63 -10.27 -11.70 5.71
C TYR A 63 -10.72 -12.53 4.52
N GLN A 64 -10.04 -13.66 4.29
CA GLN A 64 -10.38 -14.53 3.17
C GLN A 64 -10.43 -13.76 1.87
N SER A 65 -9.34 -13.06 1.55
CA SER A 65 -9.27 -12.27 0.34
C SER A 65 -8.47 -13.01 -0.74
N PHE A 66 -9.14 -13.37 -1.82
CA PHE A 66 -8.50 -14.08 -2.92
C PHE A 66 -7.25 -13.34 -3.39
N CYS A 67 -6.12 -14.04 -3.37
CA CYS A 67 -4.84 -13.45 -3.80
C CYS A 67 -3.81 -14.53 -4.08
N SER A 68 -3.38 -14.61 -5.34
CA SER A 68 -2.39 -15.60 -5.74
C SER A 68 -1.53 -15.07 -6.88
N PRO A 69 -0.32 -15.64 -7.02
CA PRO A 69 0.62 -15.25 -8.07
C PRO A 69 0.16 -15.68 -9.46
N GLY A 70 -0.64 -16.74 -9.50
CA GLY A 70 -1.13 -17.24 -10.78
C GLY A 70 -2.45 -16.59 -11.17
N LYS A 71 -3.12 -15.98 -10.21
CA LYS A 71 -4.39 -15.32 -10.46
C LYS A 71 -4.19 -13.87 -10.87
N LEU A 72 -4.48 -13.56 -12.13
CA LEU A 72 -4.32 -12.20 -12.65
C LEU A 72 -4.99 -11.19 -11.72
N ASN A 73 -6.05 -11.61 -11.05
CA ASN A 73 -6.77 -10.74 -10.13
C ASN A 73 -6.23 -10.87 -8.72
N SER A 74 -4.91 -10.91 -8.60
CA SER A 74 -4.25 -11.04 -7.30
C SER A 74 -4.38 -9.74 -6.50
N VAL A 75 -5.54 -9.55 -5.89
CA VAL A 75 -5.78 -8.35 -5.09
C VAL A 75 -5.37 -8.56 -3.63
N CYS A 76 -4.35 -7.82 -3.20
CA CYS A 76 -3.84 -7.93 -1.84
C CYS A 76 -3.79 -6.56 -1.17
N ILE A 77 -4.50 -6.42 -0.06
CA ILE A 77 -4.53 -5.17 0.67
C ILE A 77 -4.13 -5.37 2.14
N SER A 78 -3.36 -4.42 2.67
CA SER A 78 -2.91 -4.50 4.06
C SER A 78 -2.29 -3.17 4.49
N CYS A 79 -2.13 -3.01 5.81
CA CYS A 79 -1.55 -1.80 6.36
C CYS A 79 -0.37 -2.13 7.27
N CYS A 80 0.67 -1.29 7.20
CA CYS A 80 1.86 -1.49 8.03
C CYS A 80 1.85 -0.55 9.22
N ASN A 81 2.54 -0.95 10.29
CA ASN A 81 2.62 -0.14 11.50
C ASN A 81 4.01 0.46 11.67
N THR A 82 4.97 -0.08 10.92
CA THR A 82 6.35 0.40 10.99
C THR A 82 6.59 1.50 9.95
N PRO A 83 7.57 2.38 10.24
CA PRO A 83 7.93 3.48 9.35
C PRO A 83 8.61 3.00 8.07
N LEU A 84 8.33 3.69 6.96
CA LEU A 84 8.92 3.32 5.67
C LEU A 84 8.71 1.84 5.38
N CYS A 85 7.46 1.41 5.43
CA CYS A 85 7.12 0.01 5.16
C CYS A 85 7.21 -0.29 3.68
N ASN A 86 6.64 0.60 2.86
CA ASN A 86 6.66 0.42 1.41
C ASN A 86 7.90 1.06 0.79
N MET A 1 6.29 12.64 13.21
CA MET A 1 6.25 11.52 14.14
C MET A 1 6.34 10.18 13.39
N ILE A 2 5.46 10.00 12.42
CA ILE A 2 5.45 8.77 11.63
C ILE A 2 5.31 9.07 10.14
N GLN A 3 6.35 8.70 9.39
CA GLN A 3 6.34 8.94 7.94
C GLN A 3 6.04 7.65 7.19
N CYS A 4 5.52 7.80 5.97
CA CYS A 4 5.17 6.64 5.14
C CYS A 4 5.40 6.95 3.67
N TYR A 5 5.66 5.91 2.88
CA TYR A 5 5.90 6.07 1.45
C TYR A 5 4.57 6.09 0.68
N GLN A 6 4.27 7.23 0.07
CA GLN A 6 3.04 7.38 -0.69
C GLN A 6 3.35 7.57 -2.17
N CYS A 7 2.84 6.64 -2.99
CA CYS A 7 3.06 6.71 -4.44
C CYS A 7 1.91 6.04 -5.18
N GLU A 8 0.87 6.81 -5.45
CA GLU A 8 -0.31 6.29 -6.16
C GLU A 8 -0.05 6.27 -7.66
N GLU A 9 1.04 5.61 -8.06
CA GLU A 9 1.39 5.52 -9.47
C GLU A 9 2.18 4.24 -9.75
N PHE A 10 1.54 3.30 -10.44
CA PHE A 10 2.19 2.03 -10.77
C PHE A 10 3.19 2.21 -11.91
N GLN A 11 4.27 1.43 -11.86
CA GLN A 11 5.30 1.50 -12.88
C GLN A 11 6.02 0.16 -13.02
N LEU A 12 6.56 -0.09 -14.22
CA LEU A 12 7.28 -1.34 -14.48
C LEU A 12 8.78 -1.12 -14.40
N ASN A 13 9.34 -0.47 -15.42
CA ASN A 13 10.77 -0.20 -15.46
C ASN A 13 11.20 0.63 -14.25
N ASN A 14 10.29 1.46 -13.75
CA ASN A 14 10.58 2.31 -12.60
C ASN A 14 10.27 1.58 -11.29
N ASP A 15 10.38 2.29 -10.18
CA ASP A 15 10.10 1.72 -8.87
C ASP A 15 9.97 2.81 -7.81
N CYS A 16 8.76 2.99 -7.30
CA CYS A 16 8.50 4.01 -6.29
C CYS A 16 9.10 3.60 -4.96
N SER A 17 10.43 3.57 -4.90
CA SER A 17 11.13 3.19 -3.67
C SER A 17 12.20 4.23 -3.33
N SER A 18 11.80 5.50 -3.30
CA SER A 18 12.72 6.58 -2.98
C SER A 18 12.30 7.30 -1.70
N PRO A 19 13.29 7.78 -0.95
CA PRO A 19 13.04 8.49 0.32
C PRO A 19 12.40 9.85 0.10
N GLU A 20 12.25 10.24 -1.16
CA GLU A 20 11.65 11.52 -1.50
C GLU A 20 10.12 11.45 -1.39
N PHE A 21 9.58 10.24 -1.50
CA PHE A 21 8.14 10.04 -1.41
C PHE A 21 7.71 9.84 0.04
N ILE A 22 8.60 10.14 0.97
CA ILE A 22 8.30 9.99 2.39
C ILE A 22 7.48 11.17 2.90
N VAL A 23 6.21 10.89 3.20
CA VAL A 23 5.30 11.92 3.70
C VAL A 23 5.18 11.86 5.22
N ASN A 24 4.86 12.98 5.84
CA ASN A 24 4.71 13.05 7.29
C ASN A 24 3.25 12.94 7.68
N CYS A 25 2.73 11.72 7.68
CA CYS A 25 1.34 11.48 8.04
C CYS A 25 1.15 11.51 9.55
N THR A 26 0.64 12.63 10.06
CA THR A 26 0.42 12.80 11.49
C THR A 26 -0.68 13.82 11.76
N VAL A 27 -0.91 14.11 13.03
CA VAL A 27 -1.92 15.08 13.43
C VAL A 27 -3.32 14.61 13.05
N ASN A 28 -3.56 13.31 13.23
CA ASN A 28 -4.86 12.73 12.90
C ASN A 28 -4.88 11.22 13.20
N VAL A 29 -6.05 10.71 13.53
CA VAL A 29 -6.21 9.29 13.84
C VAL A 29 -5.65 8.42 12.71
N GLN A 30 -5.80 8.90 11.47
CA GLN A 30 -5.33 8.16 10.31
C GLN A 30 -3.90 8.57 9.96
N ASP A 31 -2.96 7.64 10.13
CA ASP A 31 -1.57 7.90 9.83
C ASP A 31 -0.76 6.60 9.80
N MET A 32 -0.89 5.85 8.72
CA MET A 32 -0.17 4.59 8.57
C MET A 32 0.32 4.41 7.14
N CYS A 33 1.10 3.36 6.91
CA CYS A 33 1.65 3.07 5.60
C CYS A 33 0.92 1.90 4.94
N GLN A 34 0.24 2.18 3.84
CA GLN A 34 -0.50 1.14 3.13
C GLN A 34 0.07 0.91 1.73
N LYS A 35 0.03 -0.33 1.26
CA LYS A 35 0.55 -0.67 -0.05
C LYS A 35 -0.23 -1.85 -0.65
N GLU A 36 -0.35 -1.85 -1.97
CA GLU A 36 -1.06 -2.93 -2.66
C GLU A 36 -0.41 -3.23 -4.01
N VAL A 37 -0.68 -4.41 -4.55
CA VAL A 37 -0.12 -4.82 -5.83
C VAL A 37 -1.15 -5.59 -6.65
N MET A 38 -1.14 -5.38 -7.97
CA MET A 38 -2.07 -6.06 -8.86
C MET A 38 -1.33 -6.68 -10.04
N GLU A 39 -2.09 -7.31 -10.94
CA GLU A 39 -1.50 -7.94 -12.11
C GLU A 39 -2.41 -7.78 -13.33
N GLN A 40 -1.84 -7.30 -14.42
CA GLN A 40 -2.60 -7.11 -15.66
C GLN A 40 -1.69 -7.24 -16.88
N SER A 41 -2.22 -6.88 -18.04
CA SER A 41 -1.48 -6.97 -19.29
C SER A 41 -0.11 -6.32 -19.14
N ALA A 42 -0.10 -5.05 -18.75
CA ALA A 42 1.15 -4.31 -18.58
C ALA A 42 2.15 -5.11 -17.75
N GLY A 43 1.65 -5.78 -16.71
CA GLY A 43 2.52 -6.57 -15.86
C GLY A 43 2.18 -6.43 -14.39
N ILE A 44 3.21 -6.36 -13.55
CA ILE A 44 3.00 -6.23 -12.11
C ILE A 44 2.92 -4.77 -11.71
N MET A 45 1.72 -4.32 -11.34
CA MET A 45 1.51 -2.94 -10.93
C MET A 45 1.42 -2.84 -9.41
N TYR A 46 1.87 -1.71 -8.87
CA TYR A 46 1.84 -1.49 -7.42
C TYR A 46 1.60 -0.02 -7.10
N ARG A 47 0.90 0.23 -6.00
CA ARG A 47 0.60 1.59 -5.58
C ARG A 47 0.53 1.70 -4.06
N LYS A 48 1.31 2.62 -3.50
CA LYS A 48 1.34 2.81 -2.05
C LYS A 48 0.77 4.17 -1.68
N SER A 49 0.39 4.32 -0.41
CA SER A 49 -0.19 5.57 0.08
C SER A 49 -0.58 5.46 1.55
N CYS A 50 -0.75 6.60 2.20
CA CYS A 50 -1.12 6.63 3.60
C CYS A 50 -2.56 6.13 3.79
N ALA A 51 -2.80 5.46 4.92
CA ALA A 51 -4.12 4.94 5.22
C ALA A 51 -4.47 5.15 6.69
N SER A 52 -5.62 4.62 7.10
CA SER A 52 -6.07 4.75 8.48
C SER A 52 -6.09 3.39 9.19
N SER A 53 -5.77 3.39 10.47
CA SER A 53 -5.74 2.17 11.26
C SER A 53 -7.05 1.40 11.09
N ALA A 54 -8.17 2.08 11.35
CA ALA A 54 -9.48 1.46 11.23
C ALA A 54 -9.65 0.78 9.88
N ALA A 55 -9.31 1.49 8.81
CA ALA A 55 -9.42 0.95 7.47
C ALA A 55 -8.64 -0.35 7.33
N CYS A 56 -7.36 -0.29 7.68
CA CYS A 56 -6.49 -1.47 7.60
C CYS A 56 -7.13 -2.67 8.29
N LEU A 57 -7.82 -2.41 9.39
CA LEU A 57 -8.47 -3.46 10.16
C LEU A 57 -9.60 -4.10 9.34
N ILE A 58 -10.26 -3.30 8.53
CA ILE A 58 -11.35 -3.78 7.69
C ILE A 58 -10.86 -4.81 6.69
N ALA A 59 -9.82 -4.46 5.95
CA ALA A 59 -9.25 -5.37 4.96
C ALA A 59 -8.85 -6.70 5.59
N SER A 60 -8.19 -6.63 6.74
CA SER A 60 -7.75 -7.82 7.44
C SER A 60 -8.95 -8.63 7.94
N ALA A 61 -9.84 -7.97 8.66
CA ALA A 61 -11.03 -8.63 9.19
C ALA A 61 -11.78 -9.37 8.10
N GLY A 62 -11.77 -8.82 6.89
CA GLY A 62 -12.45 -9.45 5.78
C GLY A 62 -11.77 -10.73 5.32
N TYR A 63 -12.28 -11.86 5.80
CA TYR A 63 -11.71 -13.16 5.45
C TYR A 63 -11.69 -13.35 3.93
N GLN A 64 -12.70 -12.81 3.26
CA GLN A 64 -12.81 -12.93 1.82
C GLN A 64 -12.23 -11.68 1.13
N SER A 65 -10.97 -11.40 1.40
CA SER A 65 -10.31 -10.24 0.82
C SER A 65 -8.83 -10.52 0.55
N PHE A 66 -8.53 -11.76 0.16
CA PHE A 66 -7.16 -12.17 -0.12
C PHE A 66 -6.87 -12.12 -1.61
N CYS A 67 -5.69 -12.57 -2.00
CA CYS A 67 -5.29 -12.58 -3.40
C CYS A 67 -4.56 -13.88 -3.75
N SER A 68 -4.44 -14.16 -5.05
CA SER A 68 -3.77 -15.36 -5.51
C SER A 68 -2.54 -15.00 -6.35
N PRO A 69 -1.56 -15.92 -6.36
CA PRO A 69 -0.31 -15.73 -7.11
C PRO A 69 -0.53 -15.79 -8.62
N GLY A 70 -1.49 -16.60 -9.05
CA GLY A 70 -1.77 -16.73 -10.46
C GLY A 70 -3.19 -16.34 -10.81
N LYS A 71 -3.60 -15.16 -10.36
CA LYS A 71 -4.95 -14.66 -10.62
C LYS A 71 -4.91 -13.26 -11.23
N LEU A 72 -5.64 -13.08 -12.33
CA LEU A 72 -5.69 -11.79 -13.00
C LEU A 72 -6.04 -10.67 -12.03
N ASN A 73 -7.04 -10.92 -11.19
CA ASN A 73 -7.47 -9.94 -10.21
C ASN A 73 -6.77 -10.16 -8.87
N SER A 74 -5.46 -10.38 -8.93
CA SER A 74 -4.66 -10.60 -7.73
C SER A 74 -4.44 -9.29 -6.97
N VAL A 75 -5.49 -8.82 -6.30
CA VAL A 75 -5.39 -7.58 -5.53
C VAL A 75 -4.99 -7.85 -4.09
N CYS A 76 -3.72 -7.57 -3.78
CA CYS A 76 -3.20 -7.77 -2.43
C CYS A 76 -3.08 -6.46 -1.68
N ILE A 77 -3.42 -6.47 -0.40
CA ILE A 77 -3.36 -5.27 0.43
C ILE A 77 -2.39 -5.47 1.59
N SER A 78 -1.71 -4.40 1.98
CA SER A 78 -0.76 -4.45 3.08
C SER A 78 -0.72 -3.11 3.83
N CYS A 79 -0.55 -3.19 5.14
CA CYS A 79 -0.49 -1.99 5.97
C CYS A 79 0.39 -2.22 7.20
N CYS A 80 1.09 -1.18 7.62
CA CYS A 80 1.96 -1.26 8.78
C CYS A 80 1.83 -0.02 9.66
N ASN A 81 2.04 -0.19 10.96
CA ASN A 81 1.94 0.91 11.91
C ASN A 81 3.29 1.60 12.08
N THR A 82 4.34 0.99 11.55
CA THR A 82 5.68 1.54 11.64
C THR A 82 5.97 2.47 10.46
N PRO A 83 6.75 3.53 10.73
CA PRO A 83 7.11 4.51 9.71
C PRO A 83 8.08 3.95 8.68
N LEU A 84 7.93 4.38 7.43
CA LEU A 84 8.79 3.92 6.35
C LEU A 84 8.66 2.41 6.16
N CYS A 85 7.42 1.94 6.10
CA CYS A 85 7.15 0.52 5.93
C CYS A 85 7.26 0.13 4.45
N ASN A 86 6.66 0.94 3.59
CA ASN A 86 6.68 0.67 2.16
C ASN A 86 7.91 1.30 1.51
N MET A 1 5.37 12.66 13.33
CA MET A 1 5.08 11.54 14.22
C MET A 1 5.51 10.22 13.59
N ILE A 2 5.08 9.98 12.36
CA ILE A 2 5.41 8.75 11.65
C ILE A 2 5.45 8.98 10.14
N GLN A 3 6.53 8.55 9.51
CA GLN A 3 6.68 8.71 8.07
C GLN A 3 6.27 7.43 7.33
N CYS A 4 5.77 7.59 6.10
CA CYS A 4 5.35 6.46 5.30
C CYS A 4 5.58 6.73 3.82
N TYR A 5 5.86 5.66 3.07
CA TYR A 5 6.11 5.78 1.64
C TYR A 5 4.80 5.82 0.86
N GLN A 6 4.52 6.96 0.24
CA GLN A 6 3.30 7.13 -0.54
C GLN A 6 3.62 7.28 -2.02
N CYS A 7 3.12 6.34 -2.82
CA CYS A 7 3.36 6.36 -4.26
C CYS A 7 2.10 5.95 -5.03
N GLU A 8 1.19 6.91 -5.22
CA GLU A 8 -0.05 6.65 -5.93
C GLU A 8 0.17 6.67 -7.44
N GLU A 9 1.06 5.81 -7.91
CA GLU A 9 1.37 5.74 -9.34
C GLU A 9 1.82 4.33 -9.73
N PHE A 10 0.85 3.47 -9.99
CA PHE A 10 1.14 2.08 -10.37
C PHE A 10 1.59 2.01 -11.82
N GLN A 11 2.41 1.00 -12.12
CA GLN A 11 2.91 0.82 -13.48
C GLN A 11 3.80 -0.42 -13.55
N LEU A 12 4.27 -0.74 -14.76
CA LEU A 12 5.13 -1.89 -14.98
C LEU A 12 6.51 -1.66 -14.38
N ASN A 13 6.85 -0.40 -14.16
CA ASN A 13 8.14 -0.04 -13.58
C ASN A 13 7.97 0.52 -12.16
N ASN A 14 8.28 -0.30 -11.17
CA ASN A 14 8.16 0.11 -9.78
C ASN A 14 9.43 0.80 -9.30
N ASP A 15 9.56 2.09 -9.61
CA ASP A 15 10.73 2.86 -9.21
C ASP A 15 10.42 3.73 -7.99
N CYS A 16 9.54 3.24 -7.13
CA CYS A 16 9.16 3.98 -5.93
C CYS A 16 10.02 3.56 -4.74
N SER A 17 11.32 3.44 -4.97
CA SER A 17 12.25 3.05 -3.92
C SER A 17 13.19 4.18 -3.57
N SER A 18 12.65 5.39 -3.48
CA SER A 18 13.45 6.58 -3.15
C SER A 18 12.93 7.25 -1.89
N PRO A 19 13.85 7.85 -1.12
CA PRO A 19 13.51 8.55 0.12
C PRO A 19 12.74 9.84 -0.13
N GLU A 20 12.54 10.17 -1.40
CA GLU A 20 11.82 11.38 -1.77
C GLU A 20 10.31 11.19 -1.59
N PHE A 21 9.88 9.93 -1.60
CA PHE A 21 8.47 9.61 -1.46
C PHE A 21 8.09 9.50 0.02
N ILE A 22 9.06 9.75 0.89
CA ILE A 22 8.83 9.68 2.32
C ILE A 22 8.05 10.89 2.82
N VAL A 23 6.78 10.67 3.16
CA VAL A 23 5.92 11.74 3.65
C VAL A 23 5.77 11.68 5.17
N ASN A 24 5.49 12.83 5.78
CA ASN A 24 5.33 12.90 7.22
C ASN A 24 3.86 13.08 7.59
N CYS A 25 3.10 11.99 7.51
CA CYS A 25 1.68 12.02 7.85
C CYS A 25 1.47 12.28 9.34
N THR A 26 0.97 13.47 9.66
CA THR A 26 0.72 13.84 11.05
C THR A 26 -0.68 14.40 11.23
N VAL A 27 -1.69 13.57 10.99
CA VAL A 27 -3.08 13.98 11.12
C VAL A 27 -3.78 13.21 12.24
N ASN A 28 -4.97 13.66 12.61
CA ASN A 28 -5.74 13.02 13.66
C ASN A 28 -5.78 11.50 13.45
N VAL A 29 -5.81 11.08 12.19
CA VAL A 29 -5.84 9.67 11.87
C VAL A 29 -4.61 8.95 12.40
N GLN A 30 -4.50 7.66 12.07
CA GLN A 30 -3.37 6.86 12.52
C GLN A 30 -2.09 7.27 11.80
N ASP A 31 -2.24 7.69 10.55
CA ASP A 31 -1.09 8.11 9.75
C ASP A 31 -0.14 6.94 9.50
N MET A 32 -0.71 5.76 9.23
CA MET A 32 0.09 4.57 8.97
C MET A 32 0.38 4.43 7.49
N CYS A 33 1.04 3.33 7.13
CA CYS A 33 1.38 3.07 5.73
C CYS A 33 0.54 1.93 5.17
N GLN A 34 0.12 2.06 3.91
CA GLN A 34 -0.70 1.04 3.26
C GLN A 34 -0.05 0.58 1.96
N LYS A 35 -0.24 -0.68 1.62
CA LYS A 35 0.32 -1.26 0.40
C LYS A 35 -0.76 -1.97 -0.41
N GLU A 36 -0.75 -1.74 -1.72
CA GLU A 36 -1.73 -2.36 -2.62
C GLU A 36 -1.03 -3.02 -3.81
N VAL A 37 -1.45 -4.22 -4.14
CA VAL A 37 -0.87 -4.96 -5.26
C VAL A 37 -1.96 -5.52 -6.18
N MET A 38 -1.75 -5.39 -7.48
CA MET A 38 -2.71 -5.87 -8.47
C MET A 38 -2.01 -6.29 -9.75
N GLU A 39 -2.65 -7.18 -10.50
CA GLU A 39 -2.08 -7.67 -11.76
C GLU A 39 -3.12 -7.62 -12.87
N GLN A 40 -2.72 -7.12 -14.04
CA GLN A 40 -3.60 -7.01 -15.18
C GLN A 40 -2.87 -7.32 -16.48
N SER A 41 -3.58 -7.23 -17.59
CA SER A 41 -2.99 -7.51 -18.90
C SER A 41 -1.71 -6.71 -19.10
N ALA A 42 -1.69 -5.48 -18.58
CA ALA A 42 -0.52 -4.62 -18.70
C ALA A 42 0.69 -5.25 -18.03
N GLY A 43 0.50 -5.81 -16.85
CA GLY A 43 1.59 -6.44 -16.13
C GLY A 43 1.43 -6.34 -14.62
N ILE A 44 2.46 -5.87 -13.94
CA ILE A 44 2.43 -5.74 -12.49
C ILE A 44 2.05 -4.31 -12.08
N MET A 45 1.02 -4.20 -11.24
CA MET A 45 0.55 -2.89 -10.77
C MET A 45 0.59 -2.82 -9.25
N TYR A 46 1.07 -1.71 -8.73
CA TYR A 46 1.15 -1.52 -7.28
C TYR A 46 1.01 -0.04 -6.92
N ARG A 47 0.43 0.23 -5.76
CA ARG A 47 0.24 1.60 -5.29
C ARG A 47 0.30 1.67 -3.76
N LYS A 48 1.14 2.56 -3.25
CA LYS A 48 1.29 2.73 -1.81
C LYS A 48 0.85 4.12 -1.37
N SER A 49 0.48 4.26 -0.10
CA SER A 49 0.04 5.54 0.43
C SER A 49 -0.30 5.41 1.91
N CYS A 50 -0.48 6.55 2.57
CA CYS A 50 -0.82 6.57 3.99
C CYS A 50 -2.21 6.02 4.23
N ALA A 51 -2.42 5.44 5.41
CA ALA A 51 -3.70 4.86 5.77
C ALA A 51 -4.04 5.13 7.24
N SER A 52 -5.22 4.70 7.66
CA SER A 52 -5.66 4.89 9.04
C SER A 52 -5.97 3.54 9.70
N SER A 53 -6.60 3.60 10.86
CA SER A 53 -6.97 2.39 11.60
C SER A 53 -8.12 1.67 10.93
N ALA A 54 -9.24 2.39 10.76
CA ALA A 54 -10.42 1.82 10.13
C ALA A 54 -10.08 1.17 8.79
N ALA A 55 -9.32 1.89 7.97
CA ALA A 55 -8.91 1.39 6.66
C ALA A 55 -8.19 0.06 6.78
N CYS A 56 -7.13 0.04 7.60
CA CYS A 56 -6.36 -1.18 7.80
C CYS A 56 -7.26 -2.35 8.17
N LEU A 57 -8.29 -2.07 8.95
CA LEU A 57 -9.23 -3.10 9.38
C LEU A 57 -9.99 -3.68 8.18
N ILE A 58 -10.25 -2.83 7.19
CA ILE A 58 -10.96 -3.27 6.00
C ILE A 58 -10.16 -4.32 5.23
N ALA A 59 -8.89 -4.01 4.96
CA ALA A 59 -8.02 -4.92 4.24
C ALA A 59 -7.98 -6.29 4.91
N SER A 60 -7.68 -6.29 6.21
CA SER A 60 -7.61 -7.53 6.97
C SER A 60 -8.96 -8.23 7.02
N ALA A 61 -9.97 -7.52 7.52
CA ALA A 61 -11.32 -8.08 7.61
C ALA A 61 -11.76 -8.67 6.28
N GLY A 62 -11.33 -8.04 5.19
CA GLY A 62 -11.69 -8.52 3.86
C GLY A 62 -11.02 -9.83 3.51
N TYR A 63 -11.64 -10.93 3.93
CA TYR A 63 -11.10 -12.26 3.67
C TYR A 63 -11.21 -12.60 2.18
N GLN A 64 -12.28 -12.13 1.55
CA GLN A 64 -12.51 -12.39 0.14
C GLN A 64 -11.28 -12.00 -0.69
N SER A 65 -10.62 -10.92 -0.29
CA SER A 65 -9.44 -10.45 -1.00
C SER A 65 -8.25 -11.38 -0.76
N PHE A 66 -8.06 -12.33 -1.65
CA PHE A 66 -6.96 -13.28 -1.54
C PHE A 66 -5.68 -12.73 -2.15
N CYS A 67 -4.54 -13.22 -1.71
CA CYS A 67 -3.25 -12.78 -2.22
C CYS A 67 -2.54 -13.91 -2.94
N SER A 68 -2.54 -13.85 -4.27
CA SER A 68 -1.88 -14.87 -5.08
C SER A 68 -0.61 -14.33 -5.70
N PRO A 69 0.28 -15.25 -6.12
CA PRO A 69 1.57 -14.90 -6.74
C PRO A 69 1.39 -14.27 -8.12
N GLY A 70 0.56 -14.90 -8.95
CA GLY A 70 0.33 -14.40 -10.30
C GLY A 70 -1.07 -14.73 -10.80
N LYS A 71 -2.07 -14.06 -10.23
CA LYS A 71 -3.45 -14.28 -10.63
C LYS A 71 -4.07 -13.00 -11.18
N LEU A 72 -5.05 -13.16 -12.06
CA LEU A 72 -5.73 -12.01 -12.66
C LEU A 72 -6.28 -11.07 -11.59
N ASN A 73 -6.90 -11.65 -10.56
CA ASN A 73 -7.47 -10.88 -9.47
C ASN A 73 -6.60 -10.97 -8.22
N SER A 74 -5.29 -10.83 -8.41
CA SER A 74 -4.34 -10.90 -7.30
C SER A 74 -4.41 -9.64 -6.45
N VAL A 75 -5.42 -9.56 -5.60
CA VAL A 75 -5.61 -8.40 -4.73
C VAL A 75 -4.90 -8.61 -3.39
N CYS A 76 -3.70 -8.04 -3.28
CA CYS A 76 -2.91 -8.16 -2.05
C CYS A 76 -2.76 -6.80 -1.38
N ILE A 77 -3.24 -6.69 -0.16
CA ILE A 77 -3.15 -5.45 0.60
C ILE A 77 -2.58 -5.69 1.99
N SER A 78 -1.77 -4.75 2.46
CA SER A 78 -1.16 -4.85 3.78
C SER A 78 -0.68 -3.49 4.27
N CYS A 79 -0.83 -3.25 5.57
CA CYS A 79 -0.40 -1.99 6.17
C CYS A 79 0.42 -2.23 7.43
N CYS A 80 1.16 -1.21 7.85
CA CYS A 80 2.00 -1.31 9.05
C CYS A 80 1.87 -0.05 9.91
N ASN A 81 1.91 -0.23 11.23
CA ASN A 81 1.81 0.89 12.15
C ASN A 81 3.19 1.46 12.46
N THR A 82 4.18 1.11 11.65
CA THR A 82 5.54 1.58 11.84
C THR A 82 5.96 2.51 10.70
N PRO A 83 6.93 3.39 10.98
CA PRO A 83 7.44 4.35 10.00
C PRO A 83 8.25 3.66 8.90
N LEU A 84 8.17 4.22 7.69
CA LEU A 84 8.90 3.66 6.56
C LEU A 84 8.62 2.16 6.40
N CYS A 85 7.34 1.82 6.32
CA CYS A 85 6.95 0.42 6.18
C CYS A 85 7.31 -0.10 4.79
N ASN A 86 7.01 0.69 3.76
CA ASN A 86 7.31 0.30 2.40
C ASN A 86 8.72 0.72 2.01
N MET A 1 6.27 12.81 13.06
CA MET A 1 7.09 11.79 13.70
C MET A 1 7.00 10.46 12.93
N ILE A 2 5.84 10.21 12.34
CA ILE A 2 5.64 8.98 11.57
C ILE A 2 5.44 9.29 10.09
N GLN A 3 6.36 8.81 9.26
CA GLN A 3 6.28 9.02 7.82
C GLN A 3 5.98 7.73 7.09
N CYS A 4 5.47 7.84 5.87
CA CYS A 4 5.14 6.67 5.06
C CYS A 4 5.35 6.96 3.58
N TYR A 5 5.67 5.91 2.82
CA TYR A 5 5.91 6.04 1.39
C TYR A 5 4.59 6.01 0.62
N GLN A 6 4.21 7.15 0.06
CA GLN A 6 2.97 7.26 -0.70
C GLN A 6 3.27 7.45 -2.19
N CYS A 7 2.82 6.51 -3.01
CA CYS A 7 3.04 6.57 -4.44
C CYS A 7 1.82 6.06 -5.21
N GLU A 8 0.99 6.99 -5.68
CA GLU A 8 -0.21 6.64 -6.42
C GLU A 8 0.13 6.16 -7.83
N GLU A 9 1.26 6.63 -8.35
CA GLU A 9 1.71 6.26 -9.68
C GLU A 9 2.59 5.02 -9.64
N PHE A 10 2.07 3.90 -10.14
CA PHE A 10 2.80 2.65 -10.16
C PHE A 10 3.83 2.63 -11.29
N GLN A 11 4.51 1.50 -11.44
CA GLN A 11 5.52 1.35 -12.48
C GLN A 11 6.18 -0.02 -12.41
N LEU A 12 6.52 -0.57 -13.57
CA LEU A 12 7.15 -1.89 -13.65
C LEU A 12 8.65 -1.74 -13.87
N ASN A 13 9.03 -1.21 -15.03
CA ASN A 13 10.44 -1.02 -15.36
C ASN A 13 11.12 -0.13 -14.34
N ASN A 14 10.36 0.80 -13.77
CA ASN A 14 10.90 1.73 -12.78
C ASN A 14 10.78 1.14 -11.38
N ASP A 15 10.93 2.01 -10.37
CA ASP A 15 10.82 1.58 -8.98
C ASP A 15 10.60 2.77 -8.06
N CYS A 16 9.35 2.99 -7.68
CA CYS A 16 9.00 4.09 -6.80
C CYS A 16 9.47 3.82 -5.36
N SER A 17 10.77 3.77 -5.17
CA SER A 17 11.34 3.51 -3.85
C SER A 17 12.32 4.61 -3.47
N SER A 18 11.90 5.86 -3.62
CA SER A 18 12.75 7.00 -3.29
C SER A 18 12.30 7.65 -1.98
N PRO A 19 13.26 8.19 -1.23
CA PRO A 19 13.00 8.86 0.05
C PRO A 19 12.24 10.17 -0.12
N GLU A 20 12.09 10.60 -1.37
CA GLU A 20 11.39 11.85 -1.67
C GLU A 20 9.89 11.66 -1.54
N PHE A 21 9.43 10.41 -1.60
CA PHE A 21 8.01 10.10 -1.49
C PHE A 21 7.60 9.92 -0.03
N ILE A 22 8.51 10.26 0.88
CA ILE A 22 8.24 10.13 2.30
C ILE A 22 7.39 11.29 2.81
N VAL A 23 6.13 11.00 3.09
CA VAL A 23 5.20 12.02 3.59
C VAL A 23 5.05 11.93 5.11
N ASN A 24 4.74 13.06 5.73
CA ASN A 24 4.57 13.11 7.18
C ASN A 24 3.09 13.02 7.57
N CYS A 25 2.52 11.83 7.38
CA CYS A 25 1.11 11.60 7.70
C CYS A 25 0.92 11.48 9.21
N THR A 26 1.12 12.58 9.92
CA THR A 26 0.96 12.60 11.37
C THR A 26 0.04 13.73 11.81
N VAL A 27 -1.04 13.94 11.06
CA VAL A 27 -2.00 14.99 11.37
C VAL A 27 -3.02 14.50 12.39
N ASN A 28 -3.36 13.22 12.32
CA ASN A 28 -4.33 12.64 13.25
C ASN A 28 -3.79 11.33 13.83
N VAL A 29 -4.66 10.64 14.57
CA VAL A 29 -4.27 9.36 15.18
C VAL A 29 -3.92 8.32 14.13
N GLN A 30 -4.62 8.37 13.00
CA GLN A 30 -4.39 7.43 11.91
C GLN A 30 -3.10 7.78 11.17
N ASP A 31 -2.13 6.86 11.23
CA ASP A 31 -0.85 7.08 10.56
C ASP A 31 -0.21 5.74 10.20
N MET A 32 -0.68 5.13 9.12
CA MET A 32 -0.15 3.84 8.67
C MET A 32 0.28 3.91 7.21
N CYS A 33 0.87 2.83 6.72
CA CYS A 33 1.33 2.77 5.33
C CYS A 33 0.69 1.60 4.60
N GLN A 34 -0.37 1.87 3.85
CA GLN A 34 -1.07 0.83 3.09
C GLN A 34 -0.58 0.79 1.65
N LYS A 35 -0.73 -0.36 1.02
CA LYS A 35 -0.31 -0.54 -0.36
C LYS A 35 -1.15 -1.60 -1.06
N GLU A 36 -1.55 -1.32 -2.30
CA GLU A 36 -2.36 -2.26 -3.07
C GLU A 36 -1.52 -2.97 -4.12
N VAL A 37 -1.67 -4.28 -4.21
CA VAL A 37 -0.92 -5.08 -5.19
C VAL A 37 -1.86 -5.72 -6.20
N MET A 38 -1.63 -5.42 -7.48
CA MET A 38 -2.44 -5.98 -8.55
C MET A 38 -1.59 -6.29 -9.77
N GLU A 39 -2.23 -6.83 -10.81
CA GLU A 39 -1.54 -7.17 -12.05
C GLU A 39 -2.45 -7.02 -13.25
N GLN A 40 -1.90 -6.50 -14.34
CA GLN A 40 -2.66 -6.29 -15.57
C GLN A 40 -1.84 -6.66 -16.79
N SER A 41 -2.42 -6.47 -17.97
CA SER A 41 -1.74 -6.79 -19.22
C SER A 41 -0.38 -6.11 -19.29
N ALA A 42 -0.29 -4.92 -18.71
CA ALA A 42 0.95 -4.16 -18.71
C ALA A 42 2.01 -4.86 -17.85
N GLY A 43 1.59 -5.34 -16.68
CA GLY A 43 2.51 -6.02 -15.79
C GLY A 43 2.01 -6.04 -14.36
N ILE A 44 2.93 -5.84 -13.42
CA ILE A 44 2.58 -5.83 -12.00
C ILE A 44 2.34 -4.41 -11.50
N MET A 45 1.06 -4.06 -11.32
CA MET A 45 0.69 -2.74 -10.84
C MET A 45 0.63 -2.71 -9.32
N TYR A 46 1.21 -1.67 -8.73
CA TYR A 46 1.22 -1.53 -7.28
C TYR A 46 1.26 -0.06 -6.87
N ARG A 47 0.38 0.33 -5.96
CA ARG A 47 0.31 1.71 -5.48
C ARG A 47 0.29 1.76 -3.97
N LYS A 48 1.06 2.68 -3.40
CA LYS A 48 1.12 2.84 -1.95
C LYS A 48 0.62 4.21 -1.53
N SER A 49 0.25 4.34 -0.25
CA SER A 49 -0.26 5.60 0.27
C SER A 49 -0.63 5.46 1.75
N CYS A 50 -0.75 6.59 2.43
CA CYS A 50 -1.10 6.60 3.85
C CYS A 50 -2.54 6.16 4.05
N ALA A 51 -2.80 5.47 5.16
CA ALA A 51 -4.14 5.00 5.48
C ALA A 51 -4.39 5.01 6.98
N SER A 52 -5.55 4.51 7.39
CA SER A 52 -5.91 4.46 8.79
C SER A 52 -6.03 3.02 9.29
N SER A 53 -5.52 2.77 10.49
CA SER A 53 -5.56 1.44 11.08
C SER A 53 -6.96 0.85 10.98
N ALA A 54 -7.97 1.70 11.13
CA ALA A 54 -9.35 1.26 11.07
C ALA A 54 -9.68 0.67 9.70
N ALA A 55 -9.32 1.39 8.64
CA ALA A 55 -9.58 0.92 7.29
C ALA A 55 -8.90 -0.42 7.03
N CYS A 56 -7.60 -0.48 7.31
CA CYS A 56 -6.83 -1.71 7.11
C CYS A 56 -7.51 -2.89 7.78
N LEU A 57 -8.18 -2.63 8.90
CA LEU A 57 -8.88 -3.67 9.64
C LEU A 57 -10.12 -4.15 8.88
N ILE A 58 -10.76 -3.23 8.17
CA ILE A 58 -11.96 -3.54 7.40
C ILE A 58 -11.66 -4.61 6.36
N ALA A 59 -10.65 -4.36 5.52
CA ALA A 59 -10.27 -5.29 4.48
C ALA A 59 -9.63 -6.54 5.07
N SER A 60 -8.95 -6.38 6.19
CA SER A 60 -8.29 -7.49 6.86
C SER A 60 -9.32 -8.47 7.44
N ALA A 61 -10.11 -7.98 8.40
CA ALA A 61 -11.12 -8.80 9.03
C ALA A 61 -12.37 -8.90 8.15
N GLY A 62 -12.33 -8.25 7.00
CA GLY A 62 -13.46 -8.29 6.09
C GLY A 62 -13.67 -9.65 5.46
N TYR A 63 -14.05 -9.67 4.19
CA TYR A 63 -14.29 -10.92 3.49
C TYR A 63 -13.12 -11.88 3.66
N GLN A 64 -13.34 -13.14 3.29
CA GLN A 64 -12.29 -14.16 3.41
C GLN A 64 -11.00 -13.69 2.76
N SER A 65 -9.91 -14.39 3.05
CA SER A 65 -8.61 -14.05 2.50
C SER A 65 -8.66 -13.97 0.97
N PHE A 66 -8.74 -12.75 0.45
CA PHE A 66 -8.79 -12.54 -1.00
C PHE A 66 -7.42 -12.18 -1.55
N CYS A 67 -6.39 -12.84 -1.03
CA CYS A 67 -5.02 -12.58 -1.47
C CYS A 67 -4.44 -13.81 -2.17
N SER A 68 -4.33 -13.74 -3.49
CA SER A 68 -3.79 -14.84 -4.29
C SER A 68 -2.83 -14.32 -5.35
N PRO A 69 -1.58 -14.04 -4.93
CA PRO A 69 -0.55 -13.54 -5.84
C PRO A 69 -0.08 -14.61 -6.82
N GLY A 70 -0.92 -14.92 -7.80
CA GLY A 70 -0.57 -15.92 -8.79
C GLY A 70 -1.24 -15.66 -10.12
N LYS A 71 -2.50 -15.24 -10.08
CA LYS A 71 -3.25 -14.97 -11.30
C LYS A 71 -3.20 -13.48 -11.65
N LEU A 72 -3.50 -13.16 -12.89
CA LEU A 72 -3.49 -11.78 -13.37
C LEU A 72 -4.32 -10.89 -12.44
N ASN A 73 -5.40 -11.44 -11.92
CA ASN A 73 -6.29 -10.70 -11.02
C ASN A 73 -5.89 -10.92 -9.57
N SER A 74 -4.58 -10.89 -9.30
CA SER A 74 -4.07 -11.10 -7.96
C SER A 74 -4.18 -9.81 -7.13
N VAL A 75 -5.36 -9.57 -6.58
CA VAL A 75 -5.60 -8.38 -5.77
C VAL A 75 -5.27 -8.64 -4.30
N CYS A 76 -4.58 -7.68 -3.68
CA CYS A 76 -4.20 -7.79 -2.29
C CYS A 76 -3.78 -6.44 -1.72
N ILE A 77 -3.83 -6.31 -0.40
CA ILE A 77 -3.45 -5.08 0.27
C ILE A 77 -2.49 -5.35 1.42
N SER A 78 -1.52 -4.45 1.60
CA SER A 78 -0.54 -4.60 2.68
C SER A 78 -0.38 -3.29 3.44
N CYS A 79 -0.63 -3.33 4.74
CA CYS A 79 -0.52 -2.15 5.59
C CYS A 79 0.50 -2.38 6.70
N CYS A 80 1.12 -1.31 7.17
CA CYS A 80 2.11 -1.38 8.22
C CYS A 80 1.92 -0.25 9.23
N ASN A 81 2.21 -0.54 10.50
CA ASN A 81 2.06 0.45 11.56
C ASN A 81 3.37 1.23 11.74
N THR A 82 4.45 0.70 11.20
CA THR A 82 5.75 1.34 11.31
C THR A 82 5.98 2.31 10.15
N PRO A 83 6.70 3.41 10.44
CA PRO A 83 7.01 4.43 9.44
C PRO A 83 7.99 3.95 8.39
N LEU A 84 7.90 4.50 7.18
CA LEU A 84 8.78 4.11 6.10
C LEU A 84 8.67 2.62 5.80
N CYS A 85 7.44 2.14 5.68
CA CYS A 85 7.19 0.73 5.40
C CYS A 85 7.35 0.44 3.90
N ASN A 86 6.64 1.20 3.08
CA ASN A 86 6.70 1.03 1.64
C ASN A 86 7.81 1.88 1.03
N MET A 1 7.64 11.68 15.22
CA MET A 1 6.88 11.60 13.98
C MET A 1 7.30 10.40 13.15
N ILE A 2 6.38 9.86 12.38
CA ILE A 2 6.66 8.70 11.54
C ILE A 2 6.30 8.98 10.08
N GLN A 3 7.22 8.63 9.18
CA GLN A 3 7.01 8.86 7.75
C GLN A 3 6.75 7.53 7.03
N CYS A 4 6.11 7.61 5.88
CA CYS A 4 5.79 6.43 5.09
C CYS A 4 5.88 6.73 3.59
N TYR A 5 5.77 5.69 2.78
CA TYR A 5 5.83 5.83 1.33
C TYR A 5 4.44 5.83 0.72
N GLN A 6 4.02 6.98 0.21
CA GLN A 6 2.71 7.11 -0.42
C GLN A 6 2.83 7.32 -1.92
N CYS A 7 2.51 6.28 -2.68
CA CYS A 7 2.58 6.35 -4.14
C CYS A 7 1.19 6.54 -4.75
N GLU A 8 0.89 7.77 -5.15
CA GLU A 8 -0.41 8.08 -5.75
C GLU A 8 -0.81 7.01 -6.76
N GLU A 9 -0.20 7.06 -7.93
CA GLU A 9 -0.49 6.09 -8.99
C GLU A 9 0.72 5.23 -9.29
N PHE A 10 0.50 3.92 -9.46
CA PHE A 10 1.57 2.99 -9.75
C PHE A 10 2.00 3.09 -11.22
N GLN A 11 3.07 2.41 -11.57
CA GLN A 11 3.58 2.43 -12.92
C GLN A 11 4.83 1.55 -13.06
N LEU A 12 5.08 1.05 -14.27
CA LEU A 12 6.23 0.20 -14.52
C LEU A 12 7.52 1.02 -14.55
N ASN A 13 8.65 0.34 -14.49
CA ASN A 13 9.95 1.01 -14.52
C ASN A 13 9.91 2.29 -13.70
N ASN A 14 9.63 2.15 -12.40
CA ASN A 14 9.56 3.30 -11.51
C ASN A 14 10.14 2.95 -10.14
N ASP A 15 10.04 3.90 -9.20
CA ASP A 15 10.54 3.69 -7.85
C ASP A 15 9.57 4.26 -6.82
N CYS A 16 8.49 3.52 -6.56
CA CYS A 16 7.49 3.95 -5.60
C CYS A 16 8.04 3.90 -4.18
N SER A 17 9.06 3.06 -3.97
CA SER A 17 9.68 2.91 -2.66
C SER A 17 10.88 3.84 -2.51
N SER A 18 10.80 5.01 -3.15
CA SER A 18 11.88 5.98 -3.10
C SER A 18 11.71 6.91 -1.90
N PRO A 19 12.84 7.49 -1.44
CA PRO A 19 12.84 8.40 -0.30
C PRO A 19 12.18 9.74 -0.61
N GLU A 20 11.83 9.93 -1.88
CA GLU A 20 11.18 11.17 -2.32
C GLU A 20 9.69 11.13 -2.02
N PHE A 21 9.15 9.92 -1.87
CA PHE A 21 7.73 9.74 -1.59
C PHE A 21 7.48 9.65 -0.08
N ILE A 22 8.47 10.07 0.70
CA ILE A 22 8.36 10.04 2.15
C ILE A 22 7.48 11.16 2.66
N VAL A 23 6.32 10.79 3.20
CA VAL A 23 5.37 11.78 3.73
C VAL A 23 5.17 11.59 5.23
N ASN A 24 4.77 12.65 5.90
CA ASN A 24 4.53 12.61 7.34
C ASN A 24 3.08 12.29 7.65
N CYS A 25 2.80 11.01 7.87
CA CYS A 25 1.44 10.57 8.17
C CYS A 25 1.11 10.79 9.65
N THR A 26 1.09 12.04 10.06
CA THR A 26 0.80 12.39 11.45
C THR A 26 -0.03 13.68 11.53
N VAL A 27 -0.90 13.87 10.56
CA VAL A 27 -1.75 15.06 10.51
C VAL A 27 -3.19 14.69 10.17
N ASN A 28 -3.37 14.09 9.00
CA ASN A 28 -4.70 13.68 8.54
C ASN A 28 -5.16 12.43 9.26
N VAL A 29 -6.36 11.96 8.92
CA VAL A 29 -6.92 10.76 9.53
C VAL A 29 -5.91 9.62 9.55
N GLN A 30 -5.54 9.16 8.35
CA GLN A 30 -4.57 8.07 8.23
C GLN A 30 -3.31 8.36 9.02
N ASP A 31 -2.86 7.37 9.79
CA ASP A 31 -1.66 7.53 10.61
C ASP A 31 -0.63 6.46 10.25
N MET A 32 -1.10 5.27 9.91
CA MET A 32 -0.22 4.17 9.55
C MET A 32 0.08 4.17 8.06
N CYS A 33 0.84 3.18 7.60
CA CYS A 33 1.20 3.07 6.19
C CYS A 33 0.53 1.85 5.56
N GLN A 34 0.03 2.03 4.33
CA GLN A 34 -0.63 0.96 3.61
C GLN A 34 0.02 0.73 2.26
N LYS A 35 -0.09 -0.49 1.76
CA LYS A 35 0.49 -0.86 0.46
C LYS A 35 -0.40 -1.84 -0.28
N GLU A 36 -0.48 -1.68 -1.60
CA GLU A 36 -1.30 -2.56 -2.43
C GLU A 36 -0.51 -3.07 -3.63
N VAL A 37 -0.36 -4.38 -3.72
CA VAL A 37 0.38 -5.00 -4.82
C VAL A 37 -0.56 -5.76 -5.75
N MET A 38 -0.41 -5.52 -7.05
CA MET A 38 -1.25 -6.18 -8.04
C MET A 38 -0.50 -6.34 -9.36
N GLU A 39 -1.17 -6.89 -10.36
CA GLU A 39 -0.57 -7.10 -11.67
C GLU A 39 -1.64 -7.15 -12.76
N GLN A 40 -1.26 -6.75 -13.97
CA GLN A 40 -2.18 -6.75 -15.09
C GLN A 40 -1.44 -6.96 -16.41
N SER A 41 -2.18 -6.92 -17.52
CA SER A 41 -1.59 -7.12 -18.84
C SER A 41 -0.39 -6.20 -19.04
N ALA A 42 -0.52 -4.96 -18.57
CA ALA A 42 0.55 -3.98 -18.71
C ALA A 42 1.80 -4.43 -17.96
N GLY A 43 1.61 -4.97 -16.77
CA GLY A 43 2.73 -5.43 -15.97
C GLY A 43 2.42 -5.46 -14.49
N ILE A 44 3.46 -5.36 -13.66
CA ILE A 44 3.29 -5.37 -12.21
C ILE A 44 3.05 -3.97 -11.67
N MET A 45 1.85 -3.74 -11.16
CA MET A 45 1.49 -2.43 -10.60
C MET A 45 1.17 -2.54 -9.12
N TYR A 46 1.61 -1.55 -8.35
CA TYR A 46 1.37 -1.54 -6.90
C TYR A 46 1.30 -0.12 -6.38
N ARG A 47 0.16 0.25 -5.79
CA ARG A 47 -0.03 1.58 -5.25
C ARG A 47 0.20 1.59 -3.74
N LYS A 48 0.66 2.72 -3.21
CA LYS A 48 0.91 2.86 -1.79
C LYS A 48 0.36 4.18 -1.26
N SER A 49 0.10 4.24 0.04
CA SER A 49 -0.43 5.44 0.66
C SER A 49 -0.69 5.21 2.14
N CYS A 50 -0.69 6.30 2.91
CA CYS A 50 -0.93 6.21 4.35
C CYS A 50 -2.39 5.86 4.64
N ALA A 51 -2.59 4.95 5.59
CA ALA A 51 -3.94 4.52 5.96
C ALA A 51 -4.14 4.62 7.47
N SER A 52 -5.23 4.04 7.95
CA SER A 52 -5.54 4.06 9.38
C SER A 52 -5.63 2.65 9.94
N SER A 53 -5.50 2.54 11.26
CA SER A 53 -5.56 1.25 11.93
C SER A 53 -6.82 0.49 11.55
N ALA A 54 -7.97 0.99 11.97
CA ALA A 54 -9.24 0.36 11.66
C ALA A 54 -9.31 -0.04 10.19
N ALA A 55 -8.95 0.88 9.31
CA ALA A 55 -8.96 0.63 7.88
C ALA A 55 -8.23 -0.66 7.54
N CYS A 56 -6.99 -0.76 7.98
CA CYS A 56 -6.17 -1.94 7.73
C CYS A 56 -6.91 -3.21 8.14
N LEU A 57 -7.48 -3.19 9.34
CA LEU A 57 -8.21 -4.34 9.85
C LEU A 57 -9.26 -4.82 8.84
N ILE A 58 -9.86 -3.88 8.13
CA ILE A 58 -10.86 -4.21 7.12
C ILE A 58 -10.26 -5.02 5.99
N ALA A 59 -9.20 -4.50 5.38
CA ALA A 59 -8.53 -5.19 4.28
C ALA A 59 -8.18 -6.62 4.67
N SER A 60 -7.96 -6.85 5.95
CA SER A 60 -7.62 -8.18 6.45
C SER A 60 -8.87 -8.99 6.77
N ALA A 61 -9.53 -8.63 7.87
CA ALA A 61 -10.74 -9.32 8.28
C ALA A 61 -11.96 -8.76 7.56
N GLY A 62 -11.81 -8.48 6.27
CA GLY A 62 -12.91 -7.93 5.49
C GLY A 62 -13.73 -9.02 4.82
N TYR A 63 -15.04 -8.79 4.74
CA TYR A 63 -15.94 -9.76 4.12
C TYR A 63 -15.45 -10.16 2.73
N GLN A 64 -15.32 -11.46 2.50
CA GLN A 64 -14.85 -11.97 1.22
C GLN A 64 -13.57 -11.26 0.78
N SER A 65 -12.65 -11.08 1.73
CA SER A 65 -11.38 -10.42 1.45
C SER A 65 -10.25 -11.43 1.32
N PHE A 66 -9.88 -11.75 0.08
CA PHE A 66 -8.82 -12.71 -0.18
C PHE A 66 -8.06 -12.35 -1.45
N CYS A 67 -6.90 -12.97 -1.64
CA CYS A 67 -6.08 -12.72 -2.82
C CYS A 67 -6.21 -13.85 -3.82
N SER A 68 -5.36 -13.83 -4.85
CA SER A 68 -5.38 -14.86 -5.89
C SER A 68 -3.98 -15.09 -6.44
N PRO A 69 -3.21 -15.95 -5.77
CA PRO A 69 -1.85 -16.28 -6.19
C PRO A 69 -1.81 -17.11 -7.46
N GLY A 70 -2.90 -17.83 -7.73
CA GLY A 70 -2.98 -18.65 -8.92
C GLY A 70 -3.68 -17.95 -10.07
N LYS A 71 -3.60 -16.63 -10.08
CA LYS A 71 -4.23 -15.83 -11.13
C LYS A 71 -3.38 -14.62 -11.49
N LEU A 72 -3.32 -14.30 -12.78
CA LEU A 72 -2.54 -13.16 -13.25
C LEU A 72 -2.89 -11.90 -12.46
N ASN A 73 -4.13 -11.83 -11.99
CA ASN A 73 -4.59 -10.68 -11.22
C ASN A 73 -4.35 -10.90 -9.72
N SER A 74 -3.18 -11.43 -9.39
CA SER A 74 -2.84 -11.70 -7.99
C SER A 74 -2.65 -10.40 -7.22
N VAL A 75 -3.76 -9.85 -6.71
CA VAL A 75 -3.72 -8.61 -5.96
C VAL A 75 -3.73 -8.88 -4.46
N CYS A 76 -3.07 -8.01 -3.70
CA CYS A 76 -3.01 -8.16 -2.24
C CYS A 76 -2.82 -6.80 -1.57
N ILE A 77 -2.76 -6.81 -0.24
CA ILE A 77 -2.58 -5.58 0.52
C ILE A 77 -1.84 -5.85 1.82
N SER A 78 -1.32 -4.78 2.43
CA SER A 78 -0.57 -4.89 3.67
C SER A 78 -0.25 -3.52 4.24
N CYS A 79 -0.33 -3.40 5.56
CA CYS A 79 -0.04 -2.13 6.23
C CYS A 79 1.14 -2.28 7.18
N CYS A 80 1.65 -1.15 7.66
CA CYS A 80 2.78 -1.15 8.58
C CYS A 80 2.60 -0.11 9.68
N ASN A 81 3.49 -0.13 10.66
CA ASN A 81 3.42 0.82 11.77
C ASN A 81 4.79 1.43 12.05
N THR A 82 5.73 1.20 11.14
CA THR A 82 7.08 1.73 11.30
C THR A 82 7.38 2.77 10.22
N PRO A 83 8.39 3.62 10.47
CA PRO A 83 8.80 4.67 9.54
C PRO A 83 9.45 4.11 8.29
N LEU A 84 8.90 4.46 7.13
CA LEU A 84 9.44 3.99 5.85
C LEU A 84 9.40 2.47 5.77
N CYS A 85 8.29 1.89 6.23
CA CYS A 85 8.11 0.44 6.20
C CYS A 85 7.67 -0.03 4.82
N ASN A 86 7.21 0.91 4.00
CA ASN A 86 6.76 0.59 2.65
C ASN A 86 7.92 0.63 1.66
N MET A 1 5.80 11.33 15.48
CA MET A 1 5.46 11.47 14.07
C MET A 1 5.94 10.26 13.27
N ILE A 2 5.07 9.73 12.42
CA ILE A 2 5.40 8.57 11.60
C ILE A 2 5.17 8.85 10.13
N GLN A 3 6.25 8.82 9.35
CA GLN A 3 6.16 9.07 7.91
C GLN A 3 5.95 7.77 7.14
N CYS A 4 5.28 7.88 6.00
CA CYS A 4 5.01 6.72 5.16
C CYS A 4 5.17 7.04 3.69
N TYR A 5 5.46 6.03 2.88
CA TYR A 5 5.64 6.21 1.45
C TYR A 5 4.30 6.18 0.72
N GLN A 6 4.06 7.20 -0.10
CA GLN A 6 2.81 7.29 -0.86
C GLN A 6 3.09 7.49 -2.34
N CYS A 7 2.52 6.62 -3.17
CA CYS A 7 2.71 6.69 -4.61
C CYS A 7 1.40 6.44 -5.35
N GLU A 8 1.01 7.38 -6.20
CA GLU A 8 -0.23 7.25 -6.96
C GLU A 8 -0.35 5.87 -7.57
N GLU A 9 0.33 5.66 -8.70
CA GLU A 9 0.29 4.37 -9.38
C GLU A 9 1.70 3.88 -9.69
N PHE A 10 1.96 2.62 -9.36
CA PHE A 10 3.27 2.03 -9.61
C PHE A 10 3.41 1.59 -11.07
N GLN A 11 4.57 1.02 -11.40
CA GLN A 11 4.83 0.57 -12.76
C GLN A 11 6.26 0.05 -12.90
N LEU A 12 6.63 -0.32 -14.11
CA LEU A 12 7.97 -0.84 -14.38
C LEU A 12 8.90 0.27 -14.85
N ASN A 13 8.43 1.06 -15.81
CA ASN A 13 9.23 2.16 -16.34
C ASN A 13 9.73 3.06 -15.23
N ASN A 14 8.94 3.16 -14.16
CA ASN A 14 9.31 3.99 -13.01
C ASN A 14 9.63 3.13 -11.79
N ASP A 15 9.82 3.78 -10.65
CA ASP A 15 10.12 3.08 -9.41
C ASP A 15 9.99 4.02 -8.21
N CYS A 16 8.84 3.98 -7.57
CA CYS A 16 8.58 4.82 -6.40
C CYS A 16 9.32 4.30 -5.18
N SER A 17 10.65 4.29 -5.27
CA SER A 17 11.48 3.81 -4.16
C SER A 17 12.46 4.90 -3.72
N SER A 18 11.97 6.14 -3.63
CA SER A 18 12.80 7.26 -3.21
C SER A 18 12.29 7.85 -1.90
N PRO A 19 13.22 8.39 -1.10
CA PRO A 19 12.89 9.01 0.19
C PRO A 19 12.12 10.31 0.04
N GLU A 20 12.01 10.79 -1.20
CA GLU A 20 11.29 12.02 -1.49
C GLU A 20 9.78 11.81 -1.45
N PHE A 21 9.37 10.55 -1.55
CA PHE A 21 7.95 10.22 -1.52
C PHE A 21 7.47 10.00 -0.09
N ILE A 22 8.34 10.30 0.88
CA ILE A 22 8.00 10.14 2.28
C ILE A 22 7.09 11.27 2.77
N VAL A 23 5.86 10.90 3.13
CA VAL A 23 4.89 11.88 3.61
C VAL A 23 4.68 11.75 5.11
N ASN A 24 4.25 12.85 5.74
CA ASN A 24 4.01 12.86 7.17
C ASN A 24 2.52 12.97 7.48
N CYS A 25 1.87 11.82 7.61
CA CYS A 25 0.44 11.78 7.90
C CYS A 25 0.19 11.73 9.40
N THR A 26 1.15 12.23 10.17
CA THR A 26 1.04 12.24 11.63
C THR A 26 0.07 13.31 12.09
N VAL A 27 -0.16 14.31 11.24
CA VAL A 27 -1.06 15.40 11.57
C VAL A 27 -2.37 14.88 12.17
N ASN A 28 -2.81 13.72 11.69
CA ASN A 28 -4.04 13.11 12.18
C ASN A 28 -3.75 11.79 12.88
N VAL A 29 -4.68 11.35 13.72
CA VAL A 29 -4.53 10.10 14.46
C VAL A 29 -4.16 8.96 13.51
N GLN A 30 -4.74 8.98 12.31
CA GLN A 30 -4.48 7.95 11.32
C GLN A 30 -3.15 8.21 10.59
N ASP A 31 -2.20 7.31 10.78
CA ASP A 31 -0.89 7.43 10.14
C ASP A 31 -0.25 6.07 9.94
N MET A 32 -0.69 5.37 8.89
CA MET A 32 -0.15 4.05 8.57
C MET A 32 0.33 3.98 7.13
N CYS A 33 1.13 2.97 6.82
CA CYS A 33 1.65 2.79 5.48
C CYS A 33 0.97 1.62 4.77
N GLN A 34 0.03 1.94 3.88
CA GLN A 34 -0.70 0.91 3.13
C GLN A 34 -0.14 0.77 1.72
N LYS A 35 -0.25 -0.43 1.17
CA LYS A 35 0.24 -0.70 -0.17
C LYS A 35 -0.59 -1.80 -0.85
N GLU A 36 -0.91 -1.58 -2.12
CA GLU A 36 -1.71 -2.54 -2.87
C GLU A 36 -0.93 -3.07 -4.07
N VAL A 37 -0.73 -4.38 -4.12
CA VAL A 37 0.00 -5.01 -5.21
C VAL A 37 -0.95 -5.43 -6.33
N MET A 38 -0.66 -4.97 -7.54
CA MET A 38 -1.48 -5.29 -8.70
C MET A 38 -0.69 -6.12 -9.71
N GLU A 39 -1.40 -6.71 -10.66
CA GLU A 39 -0.77 -7.53 -11.69
C GLU A 39 -1.50 -7.40 -13.02
N GLN A 40 -0.78 -6.96 -14.05
CA GLN A 40 -1.37 -6.80 -15.38
C GLN A 40 -0.39 -7.23 -16.46
N SER A 41 -0.82 -7.10 -17.71
CA SER A 41 0.03 -7.48 -18.85
C SER A 41 1.41 -6.82 -18.75
N ALA A 42 1.43 -5.60 -18.25
CA ALA A 42 2.68 -4.86 -18.10
C ALA A 42 3.67 -5.63 -17.24
N GLY A 43 3.21 -6.13 -16.10
CA GLY A 43 4.08 -6.88 -15.21
C GLY A 43 3.64 -6.80 -13.77
N ILE A 44 4.60 -6.84 -12.86
CA ILE A 44 4.31 -6.77 -11.43
C ILE A 44 4.46 -5.35 -10.90
N MET A 45 3.36 -4.80 -10.38
CA MET A 45 3.37 -3.44 -9.84
C MET A 45 2.70 -3.40 -8.47
N TYR A 46 3.03 -2.37 -7.69
CA TYR A 46 2.47 -2.22 -6.36
C TYR A 46 2.39 -0.75 -5.96
N ARG A 47 1.18 -0.27 -5.70
CA ARG A 47 0.97 1.12 -5.32
C ARG A 47 1.13 1.30 -3.81
N LYS A 48 1.17 2.55 -3.38
CA LYS A 48 1.32 2.86 -1.95
C LYS A 48 0.65 4.18 -1.61
N SER A 49 0.31 4.35 -0.33
CA SER A 49 -0.35 5.57 0.12
C SER A 49 -0.70 5.47 1.60
N CYS A 50 -0.94 6.63 2.23
CA CYS A 50 -1.28 6.67 3.65
C CYS A 50 -2.67 6.10 3.89
N ALA A 51 -2.82 5.35 4.98
CA ALA A 51 -4.11 4.76 5.32
C ALA A 51 -4.41 4.92 6.81
N SER A 52 -5.57 4.44 7.23
CA SER A 52 -5.98 4.54 8.63
C SER A 52 -6.09 3.16 9.25
N SER A 53 -5.73 3.06 10.53
CA SER A 53 -5.78 1.79 11.25
C SER A 53 -7.14 1.12 11.06
N ALA A 54 -8.18 1.93 11.00
CA ALA A 54 -9.54 1.42 10.83
C ALA A 54 -9.69 0.73 9.47
N ALA A 55 -9.23 1.39 8.42
CA ALA A 55 -9.31 0.84 7.08
C ALA A 55 -8.61 -0.51 6.99
N CYS A 56 -7.33 -0.53 7.37
CA CYS A 56 -6.55 -1.76 7.34
C CYS A 56 -7.27 -2.89 8.06
N LEU A 57 -7.98 -2.54 9.12
CA LEU A 57 -8.72 -3.53 9.91
C LEU A 57 -9.86 -4.14 9.08
N ILE A 58 -10.45 -3.33 8.21
CA ILE A 58 -11.54 -3.79 7.35
C ILE A 58 -11.07 -4.89 6.41
N ALA A 59 -9.98 -4.63 5.70
CA ALA A 59 -9.43 -5.60 4.76
C ALA A 59 -9.06 -6.90 5.47
N SER A 60 -8.55 -6.79 6.69
CA SER A 60 -8.15 -7.94 7.47
C SER A 60 -9.39 -8.74 7.93
N ALA A 61 -10.34 -8.04 8.53
CA ALA A 61 -11.56 -8.67 9.01
C ALA A 61 -12.22 -9.50 7.91
N GLY A 62 -12.07 -9.05 6.66
CA GLY A 62 -12.66 -9.77 5.55
C GLY A 62 -11.96 -11.09 5.28
N TYR A 63 -12.43 -12.15 5.93
CA TYR A 63 -11.85 -13.48 5.76
C TYR A 63 -11.79 -13.86 4.28
N GLN A 64 -10.68 -14.48 3.89
CA GLN A 64 -10.49 -14.89 2.50
C GLN A 64 -10.76 -13.74 1.54
N SER A 65 -10.34 -12.54 1.94
CA SER A 65 -10.54 -11.35 1.12
C SER A 65 -9.23 -10.57 0.96
N PHE A 66 -8.15 -11.30 0.65
CA PHE A 66 -6.85 -10.69 0.47
C PHE A 66 -6.45 -10.67 -1.00
N CYS A 67 -6.18 -11.86 -1.55
CA CYS A 67 -5.79 -11.97 -2.95
C CYS A 67 -6.49 -13.15 -3.61
N SER A 68 -6.09 -13.45 -4.84
CA SER A 68 -6.70 -14.55 -5.59
C SER A 68 -5.67 -15.65 -5.86
N PRO A 69 -6.15 -16.88 -6.01
CA PRO A 69 -5.29 -18.05 -6.27
C PRO A 69 -4.69 -18.01 -7.67
N GLY A 70 -5.52 -17.78 -8.67
CA GLY A 70 -5.04 -17.71 -10.04
C GLY A 70 -5.88 -16.80 -10.90
N LYS A 71 -5.82 -15.51 -10.62
CA LYS A 71 -6.58 -14.51 -11.39
C LYS A 71 -5.68 -13.37 -11.83
N LEU A 72 -5.76 -13.02 -13.11
CA LEU A 72 -4.96 -11.93 -13.66
C LEU A 72 -5.08 -10.67 -12.81
N ASN A 73 -6.26 -10.47 -12.24
CA ASN A 73 -6.52 -9.31 -11.40
C ASN A 73 -6.24 -9.63 -9.93
N SER A 74 -5.13 -10.32 -9.67
CA SER A 74 -4.76 -10.69 -8.32
C SER A 74 -4.33 -9.47 -7.52
N VAL A 75 -5.31 -8.76 -6.96
CA VAL A 75 -5.03 -7.56 -6.17
C VAL A 75 -4.82 -7.91 -4.70
N CYS A 76 -3.70 -7.48 -4.15
CA CYS A 76 -3.38 -7.74 -2.75
C CYS A 76 -3.38 -6.45 -1.94
N ILE A 77 -3.58 -6.58 -0.62
CA ILE A 77 -3.61 -5.42 0.26
C ILE A 77 -2.70 -5.65 1.47
N SER A 78 -2.02 -4.59 1.89
CA SER A 78 -1.12 -4.67 3.04
C SER A 78 -0.99 -3.32 3.73
N CYS A 79 -0.56 -3.33 4.99
CA CYS A 79 -0.40 -2.11 5.75
C CYS A 79 0.71 -2.26 6.79
N CYS A 80 1.19 -1.13 7.31
CA CYS A 80 2.25 -1.14 8.31
C CYS A 80 1.95 -0.14 9.43
N ASN A 81 2.66 -0.28 10.54
CA ASN A 81 2.47 0.60 11.69
C ASN A 81 3.79 1.30 12.06
N THR A 82 4.79 1.17 11.19
CA THR A 82 6.08 1.78 11.43
C THR A 82 6.43 2.78 10.34
N PRO A 83 7.30 3.75 10.67
CA PRO A 83 7.73 4.78 9.73
C PRO A 83 8.63 4.23 8.64
N LEU A 84 8.35 4.60 7.39
CA LEU A 84 9.14 4.14 6.26
C LEU A 84 9.10 2.62 6.15
N CYS A 85 7.93 2.04 6.41
CA CYS A 85 7.75 0.61 6.33
C CYS A 85 7.52 0.15 4.90
N ASN A 86 7.14 1.10 4.05
CA ASN A 86 6.89 0.80 2.63
C ASN A 86 8.17 0.91 1.81
N MET A 1 6.50 11.38 13.52
CA MET A 1 6.32 10.18 14.34
C MET A 1 6.52 8.92 13.51
N ILE A 2 5.63 8.70 12.56
CA ILE A 2 5.72 7.53 11.69
C ILE A 2 5.58 7.93 10.22
N GLN A 3 6.61 7.64 9.43
CA GLN A 3 6.61 7.96 8.01
C GLN A 3 6.26 6.73 7.18
N CYS A 4 5.68 6.96 6.01
CA CYS A 4 5.30 5.87 5.12
C CYS A 4 5.43 6.29 3.66
N TYR A 5 5.49 5.31 2.76
CA TYR A 5 5.61 5.57 1.34
C TYR A 5 4.24 5.66 0.68
N GLN A 6 4.01 6.72 -0.09
CA GLN A 6 2.75 6.92 -0.77
C GLN A 6 2.96 7.14 -2.27
N CYS A 7 2.31 6.32 -3.08
CA CYS A 7 2.42 6.43 -4.53
C CYS A 7 1.19 5.87 -5.23
N GLU A 8 0.17 6.70 -5.37
CA GLU A 8 -1.07 6.28 -6.02
C GLU A 8 -0.90 6.19 -7.53
N GLU A 9 0.23 6.70 -8.02
CA GLU A 9 0.52 6.69 -9.45
C GLU A 9 1.26 5.41 -9.83
N PHE A 10 0.54 4.29 -9.82
CA PHE A 10 1.13 3.00 -10.17
C PHE A 10 1.88 3.09 -11.49
N GLN A 11 2.83 2.17 -11.69
CA GLN A 11 3.62 2.14 -12.92
C GLN A 11 4.62 0.99 -12.89
N LEU A 12 4.87 0.41 -14.06
CA LEU A 12 5.81 -0.71 -14.18
C LEU A 12 7.19 -0.22 -14.57
N ASN A 13 7.25 0.50 -15.69
CA ASN A 13 8.53 1.03 -16.18
C ASN A 13 9.26 1.81 -15.09
N ASN A 14 8.48 2.46 -14.22
CA ASN A 14 9.05 3.24 -13.13
C ASN A 14 9.20 2.39 -11.87
N ASP A 15 9.58 3.03 -10.78
CA ASP A 15 9.76 2.34 -9.50
C ASP A 15 9.75 3.33 -8.34
N CYS A 16 8.59 3.43 -7.68
CA CYS A 16 8.46 4.33 -6.54
C CYS A 16 9.20 3.81 -5.32
N SER A 17 10.52 3.77 -5.42
CA SER A 17 11.35 3.27 -4.33
C SER A 17 12.35 4.34 -3.88
N SER A 18 11.86 5.58 -3.77
CA SER A 18 12.71 6.70 -3.35
C SER A 18 12.25 7.25 -2.01
N PRO A 19 13.22 7.73 -1.22
CA PRO A 19 12.95 8.29 0.11
C PRO A 19 12.21 9.63 0.02
N GLU A 20 12.03 10.12 -1.19
CA GLU A 20 11.34 11.40 -1.40
C GLU A 20 9.83 11.22 -1.28
N PHE A 21 9.37 9.99 -1.46
CA PHE A 21 7.94 9.69 -1.37
C PHE A 21 7.53 9.38 0.07
N ILE A 22 8.44 9.64 1.00
CA ILE A 22 8.19 9.39 2.42
C ILE A 22 7.35 10.51 3.03
N VAL A 23 6.15 10.16 3.47
CA VAL A 23 5.25 11.13 4.08
C VAL A 23 4.95 10.77 5.54
N ASN A 24 4.62 11.78 6.33
CA ASN A 24 4.31 11.56 7.75
C ASN A 24 2.80 11.45 7.96
N CYS A 25 2.32 10.21 8.04
CA CYS A 25 0.89 9.97 8.25
C CYS A 25 0.46 10.39 9.65
N THR A 26 1.40 10.37 10.59
CA THR A 26 1.12 10.74 11.97
C THR A 26 0.43 12.10 12.03
N VAL A 27 0.75 12.97 11.07
CA VAL A 27 0.15 14.30 11.02
C VAL A 27 -1.35 14.23 11.19
N ASN A 28 -1.96 13.17 10.66
CA ASN A 28 -3.41 12.99 10.76
C ASN A 28 -3.75 11.69 11.48
N VAL A 29 -5.04 11.38 11.55
CA VAL A 29 -5.49 10.16 12.22
C VAL A 29 -4.70 8.95 11.76
N GLN A 30 -4.28 8.97 10.51
CA GLN A 30 -3.50 7.86 9.95
C GLN A 30 -2.23 7.63 10.75
N ASP A 31 -1.95 6.36 11.05
CA ASP A 31 -0.77 6.00 11.81
C ASP A 31 -0.15 4.70 11.29
N MET A 32 -0.39 4.42 10.02
CA MET A 32 0.14 3.20 9.40
C MET A 32 0.39 3.42 7.90
N CYS A 33 1.03 2.45 7.26
CA CYS A 33 1.33 2.54 5.84
C CYS A 33 0.44 1.58 5.04
N GLN A 34 -0.13 2.08 3.95
CA GLN A 34 -1.00 1.28 3.10
C GLN A 34 -0.23 0.76 1.88
N LYS A 35 -0.51 -0.48 1.50
CA LYS A 35 0.14 -1.09 0.35
C LYS A 35 -0.77 -2.11 -0.32
N GLU A 36 -0.95 -1.96 -1.63
CA GLU A 36 -1.81 -2.88 -2.38
C GLU A 36 -1.11 -3.34 -3.65
N VAL A 37 -1.24 -4.63 -3.96
CA VAL A 37 -0.62 -5.21 -5.15
C VAL A 37 -1.67 -5.80 -6.08
N MET A 38 -1.54 -5.51 -7.37
CA MET A 38 -2.47 -6.02 -8.37
C MET A 38 -1.79 -6.21 -9.72
N GLU A 39 -2.43 -6.95 -10.61
CA GLU A 39 -1.87 -7.20 -11.93
C GLU A 39 -2.95 -7.05 -13.01
N GLN A 40 -2.54 -6.53 -14.17
CA GLN A 40 -3.46 -6.33 -15.27
C GLN A 40 -2.74 -6.44 -16.61
N SER A 41 -3.48 -6.25 -17.70
CA SER A 41 -2.92 -6.34 -19.04
C SER A 41 -1.70 -5.43 -19.18
N ALA A 42 -1.76 -4.27 -18.52
CA ALA A 42 -0.67 -3.31 -18.58
C ALA A 42 0.55 -3.83 -17.81
N GLY A 43 0.29 -4.51 -16.70
CA GLY A 43 1.38 -5.04 -15.90
C GLY A 43 1.01 -5.18 -14.43
N ILE A 44 2.01 -5.32 -13.57
CA ILE A 44 1.78 -5.46 -12.15
C ILE A 44 1.75 -4.10 -11.46
N MET A 45 0.55 -3.58 -11.25
CA MET A 45 0.38 -2.28 -10.60
C MET A 45 0.23 -2.45 -9.10
N TYR A 46 0.46 -1.37 -8.36
CA TYR A 46 0.34 -1.39 -6.90
C TYR A 46 -0.08 -0.03 -6.36
N ARG A 47 -1.14 -0.02 -5.58
CA ARG A 47 -1.64 1.23 -4.99
C ARG A 47 -0.99 1.50 -3.64
N LYS A 48 -0.04 2.44 -3.62
CA LYS A 48 0.65 2.78 -2.38
C LYS A 48 0.15 4.12 -1.83
N SER A 49 0.06 4.20 -0.51
CA SER A 49 -0.41 5.42 0.14
C SER A 49 -0.45 5.25 1.65
N CYS A 50 -0.70 6.34 2.37
CA CYS A 50 -0.77 6.31 3.82
C CYS A 50 -2.00 5.52 4.28
N ALA A 51 -1.82 4.71 5.32
CA ALA A 51 -2.90 3.91 5.86
C ALA A 51 -3.44 4.52 7.15
N SER A 52 -4.69 4.19 7.47
CA SER A 52 -5.33 4.70 8.68
C SER A 52 -5.92 3.57 9.51
N SER A 53 -6.26 3.88 10.76
CA SER A 53 -6.85 2.89 11.66
C SER A 53 -8.14 2.32 11.09
N ALA A 54 -9.13 3.20 10.91
CA ALA A 54 -10.42 2.78 10.37
C ALA A 54 -10.26 2.16 8.98
N ALA A 55 -9.41 2.77 8.15
CA ALA A 55 -9.16 2.27 6.81
C ALA A 55 -8.64 0.84 6.84
N CYS A 56 -7.53 0.64 7.54
CA CYS A 56 -6.92 -0.68 7.65
C CYS A 56 -7.96 -1.73 8.08
N LEU A 57 -8.86 -1.33 8.96
CA LEU A 57 -9.91 -2.22 9.45
C LEU A 57 -10.80 -2.68 8.30
N ILE A 58 -11.03 -1.79 7.34
CA ILE A 58 -11.88 -2.09 6.20
C ILE A 58 -11.27 -3.20 5.35
N ALA A 59 -9.99 -3.04 4.99
CA ALA A 59 -9.29 -4.02 4.18
C ALA A 59 -9.41 -5.41 4.79
N SER A 60 -9.02 -5.54 6.05
CA SER A 60 -9.07 -6.82 6.76
C SER A 60 -10.44 -7.47 6.58
N ALA A 61 -11.49 -6.70 6.86
CA ALA A 61 -12.85 -7.21 6.73
C ALA A 61 -13.14 -7.67 5.31
N GLY A 62 -12.55 -6.99 4.35
CA GLY A 62 -12.75 -7.34 2.95
C GLY A 62 -11.93 -8.55 2.53
N TYR A 63 -12.52 -9.40 1.69
CA TYR A 63 -11.85 -10.61 1.23
C TYR A 63 -10.58 -10.24 0.44
N GLN A 64 -10.60 -9.08 -0.20
CA GLN A 64 -9.47 -8.63 -0.99
C GLN A 64 -8.17 -8.72 -0.19
N SER A 65 -8.30 -8.59 1.14
CA SER A 65 -7.14 -8.65 2.01
C SER A 65 -6.29 -9.88 1.71
N PHE A 66 -6.95 -10.97 1.32
CA PHE A 66 -6.25 -12.21 1.01
C PHE A 66 -5.12 -11.96 0.01
N CYS A 67 -4.15 -12.87 -0.01
CA CYS A 67 -3.01 -12.74 -0.91
C CYS A 67 -2.87 -14.00 -1.77
N SER A 68 -2.48 -13.80 -3.03
CA SER A 68 -2.30 -14.93 -3.95
C SER A 68 -0.87 -15.45 -3.89
N PRO A 69 -0.71 -16.74 -4.23
CA PRO A 69 0.60 -17.40 -4.23
C PRO A 69 1.51 -16.88 -5.34
N GLY A 70 0.95 -16.79 -6.54
CA GLY A 70 1.73 -16.32 -7.68
C GLY A 70 1.35 -14.91 -8.09
N LYS A 71 0.83 -14.77 -9.31
CA LYS A 71 0.41 -13.49 -9.83
C LYS A 71 -1.05 -13.50 -10.25
N LEU A 72 -1.52 -14.66 -10.69
CA LEU A 72 -2.91 -14.82 -11.12
C LEU A 72 -3.86 -14.22 -10.09
N ASN A 73 -4.42 -13.06 -10.41
CA ASN A 73 -5.35 -12.39 -9.52
C ASN A 73 -4.70 -12.09 -8.18
N SER A 74 -3.46 -11.61 -8.22
CA SER A 74 -2.72 -11.28 -7.01
C SER A 74 -3.25 -10.00 -6.38
N VAL A 75 -4.41 -10.10 -5.73
CA VAL A 75 -5.03 -8.95 -5.08
C VAL A 75 -4.65 -8.88 -3.60
N CYS A 76 -3.41 -8.46 -3.33
CA CYS A 76 -2.93 -8.36 -1.96
C CYS A 76 -3.14 -6.95 -1.42
N ILE A 77 -3.80 -6.86 -0.26
CA ILE A 77 -4.06 -5.58 0.36
C ILE A 77 -3.87 -5.64 1.88
N SER A 78 -3.10 -4.72 2.42
CA SER A 78 -2.85 -4.68 3.85
C SER A 78 -2.02 -3.44 4.23
N CYS A 79 -1.90 -3.19 5.52
CA CYS A 79 -1.15 -2.04 6.02
C CYS A 79 -0.12 -2.48 7.06
N CYS A 80 0.70 -1.53 7.51
CA CYS A 80 1.72 -1.81 8.50
C CYS A 80 1.78 -0.70 9.55
N ASN A 81 2.10 -1.08 10.79
CA ASN A 81 2.18 -0.11 11.88
C ASN A 81 3.60 0.45 11.99
N THR A 82 4.53 -0.16 11.29
CA THR A 82 5.93 0.28 11.30
C THR A 82 6.19 1.30 10.20
N PRO A 83 7.07 2.27 10.50
CA PRO A 83 7.43 3.33 9.55
C PRO A 83 8.25 2.81 8.38
N LEU A 84 7.98 3.33 7.19
CA LEU A 84 8.70 2.92 5.99
C LEU A 84 8.53 1.42 5.75
N CYS A 85 7.30 0.94 5.82
CA CYS A 85 7.00 -0.47 5.61
C CYS A 85 6.94 -0.80 4.12
N ASN A 86 6.40 0.13 3.34
CA ASN A 86 6.28 -0.05 1.90
C ASN A 86 7.53 0.44 1.18
N MET A 1 9.17 11.09 14.80
CA MET A 1 8.57 11.41 13.50
C MET A 1 8.54 10.18 12.61
N ILE A 2 7.34 9.68 12.33
CA ILE A 2 7.19 8.51 11.49
C ILE A 2 6.79 8.90 10.07
N GLN A 3 7.34 8.21 9.09
CA GLN A 3 7.04 8.49 7.69
C GLN A 3 6.51 7.24 6.98
N CYS A 4 5.94 7.43 5.80
CA CYS A 4 5.39 6.32 5.03
C CYS A 4 5.58 6.56 3.54
N TYR A 5 5.72 5.47 2.79
CA TYR A 5 5.93 5.55 1.34
C TYR A 5 4.59 5.61 0.61
N GLN A 6 4.19 6.81 0.21
CA GLN A 6 2.93 7.00 -0.51
C GLN A 6 3.17 7.22 -2.00
N CYS A 7 2.64 6.32 -2.81
CA CYS A 7 2.80 6.42 -4.26
C CYS A 7 1.54 5.94 -4.98
N GLU A 8 0.64 6.88 -5.26
CA GLU A 8 -0.60 6.55 -5.95
C GLU A 8 -0.40 6.47 -7.46
N GLU A 9 0.87 6.53 -7.87
CA GLU A 9 1.20 6.47 -9.30
C GLU A 9 1.97 5.19 -9.62
N PHE A 10 1.24 4.10 -9.77
CA PHE A 10 1.85 2.81 -10.09
C PHE A 10 2.39 2.80 -11.52
N GLN A 11 3.23 1.82 -11.81
CA GLN A 11 3.82 1.69 -13.14
C GLN A 11 4.76 0.49 -13.21
N LEU A 12 5.10 0.08 -14.43
CA LEU A 12 5.99 -1.05 -14.63
C LEU A 12 7.42 -0.59 -14.88
N ASN A 13 8.36 -1.52 -14.84
CA ASN A 13 9.77 -1.20 -15.06
C ASN A 13 10.15 0.10 -14.35
N ASN A 14 9.65 0.27 -13.13
CA ASN A 14 9.94 1.46 -12.34
C ASN A 14 10.25 1.10 -10.89
N ASP A 15 10.51 2.12 -10.08
CA ASP A 15 10.82 1.91 -8.67
C ASP A 15 10.46 3.15 -7.85
N CYS A 16 9.23 3.19 -7.36
CA CYS A 16 8.77 4.32 -6.55
C CYS A 16 9.37 4.27 -5.14
N SER A 17 10.68 4.39 -5.07
CA SER A 17 11.38 4.37 -3.79
C SER A 17 12.19 5.64 -3.58
N SER A 18 11.57 6.78 -3.87
CA SER A 18 12.23 8.07 -3.72
C SER A 18 11.80 8.74 -2.42
N PRO A 19 12.66 9.63 -1.90
CA PRO A 19 12.40 10.36 -0.65
C PRO A 19 11.30 11.40 -0.82
N GLU A 20 10.96 11.71 -2.06
CA GLU A 20 9.90 12.68 -2.34
C GLU A 20 8.53 12.10 -2.05
N PHE A 21 8.44 10.77 -2.08
CA PHE A 21 7.18 10.09 -1.82
C PHE A 21 6.99 9.83 -0.33
N ILE A 22 8.11 9.83 0.40
CA ILE A 22 8.07 9.60 1.84
C ILE A 22 7.32 10.72 2.56
N VAL A 23 6.08 10.43 2.96
CA VAL A 23 5.26 11.41 3.65
C VAL A 23 5.42 11.29 5.17
N ASN A 24 5.14 12.38 5.88
CA ASN A 24 5.26 12.40 7.32
C ASN A 24 3.89 12.25 7.99
N CYS A 25 3.33 11.05 7.91
CA CYS A 25 2.04 10.77 8.50
C CYS A 25 2.11 10.79 10.03
N THR A 26 2.00 11.98 10.60
CA THR A 26 2.06 12.13 12.05
C THR A 26 0.95 13.05 12.54
N VAL A 27 -0.30 12.59 12.44
CA VAL A 27 -1.44 13.37 12.89
C VAL A 27 -2.28 12.60 13.89
N ASN A 28 -2.98 13.33 14.75
CA ASN A 28 -3.82 12.70 15.77
C ASN A 28 -4.73 11.65 15.16
N VAL A 29 -5.15 11.89 13.92
CA VAL A 29 -6.03 10.96 13.21
C VAL A 29 -5.24 9.76 12.68
N GLN A 30 -5.93 8.64 12.50
CA GLN A 30 -5.30 7.43 12.00
C GLN A 30 -4.56 7.69 10.69
N ASP A 31 -3.25 7.53 10.72
CA ASP A 31 -2.44 7.75 9.53
C ASP A 31 -1.31 6.71 9.44
N MET A 32 -1.66 5.50 9.02
CA MET A 32 -0.68 4.43 8.89
C MET A 32 -0.13 4.37 7.47
N CYS A 33 0.62 3.31 7.18
CA CYS A 33 1.21 3.13 5.86
C CYS A 33 0.63 1.90 5.16
N GLN A 34 -0.31 2.13 4.25
CA GLN A 34 -0.95 1.05 3.51
C GLN A 34 -0.19 0.76 2.22
N LYS A 35 -0.22 -0.50 1.79
CA LYS A 35 0.45 -0.91 0.57
C LYS A 35 -0.26 -2.09 -0.07
N GLU A 36 -0.51 -1.99 -1.37
CA GLU A 36 -1.20 -3.06 -2.11
C GLU A 36 -0.55 -3.27 -3.47
N VAL A 37 -0.51 -4.53 -3.91
CA VAL A 37 0.08 -4.87 -5.20
C VAL A 37 -0.89 -5.68 -6.05
N MET A 38 -0.94 -5.38 -7.34
CA MET A 38 -1.82 -6.09 -8.25
C MET A 38 -1.09 -6.48 -9.54
N GLU A 39 -1.67 -7.40 -10.29
CA GLU A 39 -1.06 -7.85 -11.54
C GLU A 39 -2.11 -8.03 -12.63
N GLN A 40 -1.86 -7.45 -13.79
CA GLN A 40 -2.79 -7.55 -14.91
C GLN A 40 -2.04 -7.48 -16.24
N SER A 41 -2.80 -7.29 -17.32
CA SER A 41 -2.21 -7.21 -18.66
C SER A 41 -1.01 -6.27 -18.66
N ALA A 42 -1.25 -5.03 -18.26
CA ALA A 42 -0.19 -4.02 -18.22
C ALA A 42 1.05 -4.56 -17.50
N GLY A 43 0.83 -5.41 -16.51
CA GLY A 43 1.93 -5.98 -15.76
C GLY A 43 1.70 -5.93 -14.26
N ILE A 44 2.78 -6.01 -13.49
CA ILE A 44 2.69 -5.98 -12.03
C ILE A 44 2.77 -4.56 -11.51
N MET A 45 1.61 -3.97 -11.23
CA MET A 45 1.55 -2.61 -10.72
C MET A 45 1.61 -2.60 -9.19
N TYR A 46 1.88 -1.42 -8.62
CA TYR A 46 1.98 -1.29 -7.17
C TYR A 46 1.57 0.12 -6.74
N ARG A 47 0.56 0.19 -5.88
CA ARG A 47 0.07 1.48 -5.39
C ARG A 47 0.08 1.51 -3.87
N LYS A 48 0.79 2.48 -3.30
CA LYS A 48 0.89 2.63 -1.85
C LYS A 48 0.43 4.02 -1.41
N SER A 49 0.05 4.14 -0.15
CA SER A 49 -0.41 5.41 0.40
C SER A 49 -0.84 5.25 1.86
N CYS A 50 -0.91 6.37 2.56
CA CYS A 50 -1.30 6.37 3.97
C CYS A 50 -2.77 6.00 4.11
N ALA A 51 -3.11 5.29 5.19
CA ALA A 51 -4.48 4.89 5.45
C ALA A 51 -4.81 4.95 6.93
N SER A 52 -5.97 4.45 7.30
CA SER A 52 -6.41 4.45 8.69
C SER A 52 -6.55 3.01 9.22
N SER A 53 -6.26 2.84 10.50
CA SER A 53 -6.35 1.52 11.13
C SER A 53 -7.70 0.88 10.85
N ALA A 54 -8.77 1.56 11.25
CA ALA A 54 -10.12 1.05 11.03
C ALA A 54 -10.33 0.63 9.58
N ALA A 55 -9.92 1.50 8.65
CA ALA A 55 -10.06 1.21 7.23
C ALA A 55 -9.33 -0.07 6.86
N CYS A 56 -8.05 -0.15 7.23
CA CYS A 56 -7.24 -1.32 6.93
C CYS A 56 -7.94 -2.61 7.37
N LEU A 57 -8.66 -2.52 8.48
CA LEU A 57 -9.38 -3.67 9.02
C LEU A 57 -10.53 -4.07 8.10
N ILE A 58 -11.15 -3.08 7.47
CA ILE A 58 -12.26 -3.32 6.56
C ILE A 58 -11.83 -4.21 5.40
N ALA A 59 -10.78 -3.79 4.69
CA ALA A 59 -10.26 -4.55 3.57
C ALA A 59 -9.81 -5.94 3.99
N SER A 60 -9.28 -6.04 5.20
CA SER A 60 -8.80 -7.31 5.73
C SER A 60 -9.97 -8.22 6.08
N ALA A 61 -10.70 -7.86 7.13
CA ALA A 61 -11.85 -8.65 7.57
C ALA A 61 -12.81 -8.91 6.41
N GLY A 62 -13.01 -7.90 5.59
CA GLY A 62 -13.91 -8.03 4.45
C GLY A 62 -13.28 -8.79 3.30
N TYR A 63 -14.03 -8.97 2.22
CA TYR A 63 -13.55 -9.68 1.05
C TYR A 63 -12.32 -9.00 0.46
N GLN A 64 -11.78 -9.56 -0.62
CA GLN A 64 -10.61 -9.00 -1.28
C GLN A 64 -9.47 -8.81 -0.28
N SER A 65 -9.36 -9.73 0.67
CA SER A 65 -8.32 -9.66 1.68
C SER A 65 -7.06 -10.40 1.22
N PHE A 66 -7.15 -11.73 1.14
CA PHE A 66 -6.03 -12.55 0.73
C PHE A 66 -5.70 -12.31 -0.74
N CYS A 67 -4.69 -13.02 -1.24
CA CYS A 67 -4.27 -12.88 -2.63
C CYS A 67 -4.51 -14.17 -3.41
N SER A 68 -3.99 -14.23 -4.62
CA SER A 68 -4.16 -15.41 -5.46
C SER A 68 -2.87 -16.24 -5.49
N PRO A 69 -3.01 -17.53 -5.81
CA PRO A 69 -1.87 -18.46 -5.88
C PRO A 69 -0.96 -18.16 -7.07
N GLY A 70 -1.57 -17.91 -8.22
CA GLY A 70 -0.79 -17.62 -9.42
C GLY A 70 -0.68 -16.13 -9.69
N LYS A 71 -1.46 -15.63 -10.64
CA LYS A 71 -1.44 -14.23 -10.99
C LYS A 71 -2.86 -13.69 -11.19
N LEU A 72 -3.79 -14.60 -11.44
CA LEU A 72 -5.19 -14.22 -11.65
C LEU A 72 -5.65 -13.25 -10.56
N ASN A 73 -5.81 -11.99 -10.93
CA ASN A 73 -6.26 -10.97 -9.99
C ASN A 73 -5.57 -11.15 -8.63
N SER A 74 -4.26 -11.35 -8.66
CA SER A 74 -3.49 -11.54 -7.44
C SER A 74 -3.28 -10.21 -6.73
N VAL A 75 -4.35 -9.70 -6.11
CA VAL A 75 -4.27 -8.44 -5.39
C VAL A 75 -3.96 -8.66 -3.91
N CYS A 76 -3.01 -7.89 -3.39
CA CYS A 76 -2.62 -8.01 -1.99
C CYS A 76 -2.79 -6.68 -1.27
N ILE A 77 -3.14 -6.75 0.01
CA ILE A 77 -3.33 -5.55 0.81
C ILE A 77 -2.75 -5.73 2.22
N SER A 78 -2.12 -4.68 2.72
CA SER A 78 -1.51 -4.72 4.05
C SER A 78 -1.05 -3.33 4.49
N CYS A 79 -0.79 -3.18 5.78
CA CYS A 79 -0.35 -1.90 6.32
C CYS A 79 0.54 -2.11 7.53
N CYS A 80 1.28 -1.07 7.91
CA CYS A 80 2.18 -1.14 9.06
C CYS A 80 2.10 0.14 9.88
N ASN A 81 2.81 0.16 11.01
CA ASN A 81 2.83 1.32 11.89
C ASN A 81 4.24 1.89 12.02
N THR A 82 5.20 1.20 11.41
CA THR A 82 6.60 1.63 11.46
C THR A 82 6.92 2.60 10.31
N PRO A 83 8.00 3.36 10.47
CA PRO A 83 8.45 4.34 9.47
C PRO A 83 8.99 3.66 8.22
N LEU A 84 8.64 4.20 7.06
CA LEU A 84 9.09 3.65 5.79
C LEU A 84 8.73 2.17 5.67
N CYS A 85 7.45 1.87 5.86
CA CYS A 85 6.97 0.49 5.78
C CYS A 85 6.93 0.02 4.33
N ASN A 86 6.36 0.85 3.46
CA ASN A 86 6.24 0.52 2.05
C ASN A 86 7.46 1.01 1.27
N MET A 1 7.93 10.96 15.30
CA MET A 1 7.46 11.18 13.94
C MET A 1 7.40 9.87 13.15
N ILE A 2 6.54 9.82 12.15
CA ILE A 2 6.40 8.62 11.33
C ILE A 2 6.20 8.98 9.86
N GLN A 3 6.96 8.33 8.99
CA GLN A 3 6.87 8.59 7.55
C GLN A 3 6.44 7.33 6.81
N CYS A 4 5.76 7.53 5.68
CA CYS A 4 5.29 6.40 4.87
C CYS A 4 5.31 6.76 3.39
N TYR A 5 5.56 5.76 2.55
CA TYR A 5 5.60 5.96 1.10
C TYR A 5 4.20 5.95 0.51
N GLN A 6 3.83 7.06 -0.13
CA GLN A 6 2.51 7.18 -0.75
C GLN A 6 2.63 7.24 -2.27
N CYS A 7 2.39 6.10 -2.91
CA CYS A 7 2.46 6.02 -4.36
C CYS A 7 1.08 5.89 -4.98
N GLU A 8 0.45 7.03 -5.27
CA GLU A 8 -0.89 7.04 -5.85
C GLU A 8 -0.81 6.89 -7.38
N GLU A 9 0.24 6.24 -7.85
CA GLU A 9 0.43 6.03 -9.27
C GLU A 9 1.22 4.75 -9.54
N PHE A 10 0.58 3.80 -10.20
CA PHE A 10 1.22 2.52 -10.52
C PHE A 10 2.31 2.71 -11.56
N GLN A 11 3.23 1.75 -11.63
CA GLN A 11 4.33 1.81 -12.58
C GLN A 11 5.26 0.61 -12.43
N LEU A 12 5.78 0.12 -13.53
CA LEU A 12 6.69 -1.03 -13.52
C LEU A 12 8.14 -0.58 -13.64
N ASN A 13 8.94 -0.93 -12.65
CA ASN A 13 10.36 -0.56 -12.64
C ASN A 13 10.53 0.96 -12.76
N ASN A 14 9.81 1.69 -11.92
CA ASN A 14 9.87 3.15 -11.92
C ASN A 14 10.39 3.67 -10.59
N ASP A 15 10.40 4.99 -10.44
CA ASP A 15 10.86 5.62 -9.21
C ASP A 15 9.74 5.74 -8.19
N CYS A 16 9.07 4.62 -7.93
CA CYS A 16 7.96 4.60 -6.97
C CYS A 16 8.48 4.36 -5.56
N SER A 17 9.56 3.61 -5.45
CA SER A 17 10.14 3.29 -4.15
C SER A 17 11.26 4.28 -3.81
N SER A 18 11.09 5.52 -4.24
CA SER A 18 12.08 6.56 -3.98
C SER A 18 11.78 7.29 -2.68
N PRO A 19 12.83 7.85 -2.05
CA PRO A 19 12.70 8.58 -0.79
C PRO A 19 11.98 9.91 -0.96
N GLU A 20 11.69 10.26 -2.21
CA GLU A 20 11.00 11.51 -2.52
C GLU A 20 9.51 11.41 -2.21
N PHE A 21 9.00 10.18 -2.18
CA PHE A 21 7.59 9.94 -1.90
C PHE A 21 7.36 9.79 -0.39
N ILE A 22 8.36 10.15 0.40
CA ILE A 22 8.27 10.05 1.85
C ILE A 22 7.44 11.19 2.42
N VAL A 23 6.28 10.86 2.97
CA VAL A 23 5.39 11.86 3.57
C VAL A 23 5.29 11.67 5.07
N ASN A 24 4.99 12.76 5.78
CA ASN A 24 4.87 12.71 7.24
C ASN A 24 3.39 12.65 7.65
N CYS A 25 2.74 11.55 7.29
CA CYS A 25 1.34 11.35 7.63
C CYS A 25 1.15 11.13 9.13
N THR A 26 0.74 12.19 9.83
CA THR A 26 0.54 12.10 11.27
C THR A 26 -0.56 13.07 11.72
N VAL A 27 -1.04 12.88 12.95
CA VAL A 27 -2.09 13.73 13.50
C VAL A 27 -3.35 13.68 12.63
N ASN A 28 -3.67 12.49 12.15
CA ASN A 28 -4.85 12.31 11.30
C ASN A 28 -5.05 10.84 10.96
N VAL A 29 -6.06 10.57 10.14
CA VAL A 29 -6.36 9.20 9.73
C VAL A 29 -5.36 8.71 8.69
N GLN A 30 -4.10 8.61 9.10
CA GLN A 30 -3.04 8.15 8.20
C GLN A 30 -1.74 7.96 8.95
N ASP A 31 -1.83 7.50 10.19
CA ASP A 31 -0.65 7.28 11.02
C ASP A 31 0.18 6.12 10.47
N MET A 32 -0.49 5.04 10.10
CA MET A 32 0.20 3.87 9.56
C MET A 32 0.32 3.97 8.05
N CYS A 33 0.96 2.97 7.45
CA CYS A 33 1.15 2.94 6.00
C CYS A 33 0.38 1.77 5.38
N GLN A 34 -0.13 1.99 4.16
CA GLN A 34 -0.89 0.96 3.46
C GLN A 34 -0.17 0.55 2.18
N LYS A 35 -0.41 -0.69 1.75
CA LYS A 35 0.20 -1.21 0.54
C LYS A 35 -0.70 -2.24 -0.14
N GLU A 36 -0.82 -2.14 -1.46
CA GLU A 36 -1.66 -3.06 -2.22
C GLU A 36 -0.90 -3.60 -3.43
N VAL A 37 -1.10 -4.89 -3.70
CA VAL A 37 -0.43 -5.54 -4.83
C VAL A 37 -1.45 -6.09 -5.82
N MET A 38 -1.23 -5.81 -7.10
CA MET A 38 -2.12 -6.27 -8.15
C MET A 38 -1.36 -6.49 -9.46
N GLU A 39 -1.99 -7.20 -10.39
CA GLU A 39 -1.37 -7.49 -11.68
C GLU A 39 -2.38 -7.35 -12.81
N GLN A 40 -1.93 -6.83 -13.95
CA GLN A 40 -2.80 -6.65 -15.11
C GLN A 40 -2.01 -6.75 -16.40
N SER A 41 -2.67 -6.48 -17.52
CA SER A 41 -2.03 -6.55 -18.83
C SER A 41 -0.81 -5.63 -18.89
N ALA A 42 -0.91 -4.49 -18.22
CA ALA A 42 0.19 -3.53 -18.19
C ALA A 42 1.37 -4.05 -17.37
N GLY A 43 1.05 -4.81 -16.33
CA GLY A 43 2.10 -5.37 -15.48
C GLY A 43 1.67 -5.50 -14.04
N ILE A 44 2.64 -5.54 -13.13
CA ILE A 44 2.36 -5.66 -11.70
C ILE A 44 2.18 -4.29 -11.07
N MET A 45 0.93 -3.85 -10.94
CA MET A 45 0.63 -2.56 -10.34
C MET A 45 0.44 -2.69 -8.83
N TYR A 46 0.65 -1.59 -8.12
CA TYR A 46 0.50 -1.58 -6.66
C TYR A 46 0.07 -0.21 -6.17
N ARG A 47 -0.89 -0.19 -5.26
CA ARG A 47 -1.40 1.06 -4.70
C ARG A 47 -0.86 1.28 -3.29
N LYS A 48 0.03 2.26 -3.14
CA LYS A 48 0.63 2.58 -1.85
C LYS A 48 0.17 3.95 -1.37
N SER A 49 -0.05 4.07 -0.07
CA SER A 49 -0.49 5.33 0.52
C SER A 49 -0.67 5.20 2.03
N CYS A 50 -0.68 6.33 2.73
CA CYS A 50 -0.84 6.34 4.18
C CYS A 50 -2.25 5.93 4.57
N ALA A 51 -2.38 5.25 5.70
CA ALA A 51 -3.67 4.80 6.19
C ALA A 51 -3.69 4.73 7.72
N SER A 52 -4.80 4.25 8.27
CA SER A 52 -4.95 4.14 9.71
C SER A 52 -5.16 2.69 10.13
N SER A 53 -4.87 2.39 11.38
CA SER A 53 -5.02 1.04 11.90
C SER A 53 -6.43 0.51 11.66
N ALA A 54 -7.42 1.26 12.13
CA ALA A 54 -8.82 0.88 11.96
C ALA A 54 -9.13 0.56 10.50
N ALA A 55 -8.69 1.44 9.61
CA ALA A 55 -8.92 1.25 8.18
C ALA A 55 -8.36 -0.08 7.70
N CYS A 56 -7.08 -0.31 7.97
CA CYS A 56 -6.42 -1.54 7.57
C CYS A 56 -7.22 -2.76 8.03
N LEU A 57 -7.83 -2.64 9.21
CA LEU A 57 -8.62 -3.73 9.77
C LEU A 57 -9.87 -3.99 8.92
N ILE A 58 -10.41 -2.93 8.33
CA ILE A 58 -11.59 -3.05 7.50
C ILE A 58 -11.30 -3.86 6.25
N ALA A 59 -10.13 -3.64 5.66
CA ALA A 59 -9.73 -4.36 4.45
C ALA A 59 -9.52 -5.84 4.75
N SER A 60 -8.90 -6.14 5.88
CA SER A 60 -8.64 -7.53 6.27
C SER A 60 -9.94 -8.28 6.52
N ALA A 61 -10.62 -7.92 7.61
CA ALA A 61 -11.89 -8.56 7.96
C ALA A 61 -12.94 -8.31 6.89
N GLY A 62 -12.68 -7.34 6.02
CA GLY A 62 -13.62 -7.02 4.96
C GLY A 62 -13.71 -8.12 3.92
N TYR A 63 -14.93 -8.38 3.44
CA TYR A 63 -15.15 -9.42 2.44
C TYR A 63 -14.49 -9.04 1.11
N GLN A 64 -14.74 -9.86 0.10
CA GLN A 64 -14.17 -9.62 -1.23
C GLN A 64 -12.65 -9.58 -1.17
N SER A 65 -12.07 -10.46 -0.36
CA SER A 65 -10.62 -10.51 -0.22
C SER A 65 -10.05 -11.73 -0.94
N PHE A 66 -10.47 -11.92 -2.19
CA PHE A 66 -10.00 -13.05 -2.98
C PHE A 66 -8.63 -12.77 -3.59
N CYS A 67 -7.63 -13.52 -3.15
CA CYS A 67 -6.26 -13.35 -3.64
C CYS A 67 -5.78 -14.61 -4.34
N SER A 68 -4.69 -14.48 -5.09
CA SER A 68 -4.11 -15.61 -5.80
C SER A 68 -2.84 -16.09 -5.13
N PRO A 69 -2.49 -17.37 -5.37
CA PRO A 69 -1.29 -17.99 -4.80
C PRO A 69 -0.01 -17.42 -5.39
N GLY A 70 -0.06 -17.05 -6.67
CA GLY A 70 1.10 -16.50 -7.32
C GLY A 70 0.98 -15.01 -7.56
N LYS A 71 0.93 -14.60 -8.83
CA LYS A 71 0.83 -13.19 -9.19
C LYS A 71 -0.42 -12.95 -10.04
N LEU A 72 -0.79 -13.95 -10.83
CA LEU A 72 -1.96 -13.83 -11.70
C LEU A 72 -3.18 -13.36 -10.91
N ASN A 73 -3.56 -12.10 -11.13
CA ASN A 73 -4.71 -11.53 -10.44
C ASN A 73 -4.52 -11.58 -8.92
N SER A 74 -3.28 -11.40 -8.48
CA SER A 74 -2.96 -11.43 -7.06
C SER A 74 -3.37 -10.13 -6.38
N VAL A 75 -4.65 -10.01 -6.05
CA VAL A 75 -5.17 -8.82 -5.41
C VAL A 75 -5.09 -8.94 -3.89
N CYS A 76 -4.01 -8.42 -3.32
CA CYS A 76 -3.81 -8.46 -1.88
C CYS A 76 -3.42 -7.08 -1.34
N ILE A 77 -3.68 -6.87 -0.05
CA ILE A 77 -3.35 -5.60 0.59
C ILE A 77 -2.74 -5.82 1.97
N SER A 78 -2.11 -4.78 2.49
CA SER A 78 -1.48 -4.86 3.81
C SER A 78 -1.10 -3.47 4.32
N CYS A 79 -0.49 -3.42 5.49
CA CYS A 79 -0.08 -2.15 6.09
C CYS A 79 1.16 -2.34 6.97
N CYS A 80 1.69 -1.23 7.49
CA CYS A 80 2.87 -1.28 8.34
C CYS A 80 2.71 -0.34 9.53
N ASN A 81 3.59 -0.49 10.52
CA ASN A 81 3.55 0.35 11.71
C ASN A 81 4.91 0.99 11.97
N THR A 82 5.80 0.89 10.99
CA THR A 82 7.14 1.45 11.13
C THR A 82 7.40 2.51 10.05
N PRO A 83 8.37 3.39 10.31
CA PRO A 83 8.73 4.46 9.38
C PRO A 83 9.42 3.93 8.12
N LEU A 84 8.98 4.42 6.96
CA LEU A 84 9.55 3.99 5.69
C LEU A 84 9.46 2.48 5.54
N CYS A 85 8.35 1.90 5.98
CA CYS A 85 8.15 0.46 5.89
C CYS A 85 7.69 0.06 4.49
N ASN A 86 7.20 1.04 3.74
CA ASN A 86 6.72 0.79 2.39
C ASN A 86 7.86 0.91 1.38
N MET A 1 8.00 11.58 14.33
CA MET A 1 8.41 11.83 12.95
C MET A 1 8.14 10.61 12.07
N ILE A 2 6.97 9.99 12.27
CA ILE A 2 6.60 8.81 11.50
C ILE A 2 6.32 9.18 10.04
N GLN A 3 6.93 8.43 9.12
CA GLN A 3 6.75 8.67 7.70
C GLN A 3 6.43 7.38 6.96
N CYS A 4 5.85 7.51 5.76
CA CYS A 4 5.50 6.36 4.95
C CYS A 4 5.65 6.66 3.47
N TYR A 5 6.01 5.64 2.70
CA TYR A 5 6.19 5.80 1.26
C TYR A 5 4.85 5.79 0.54
N GLN A 6 4.45 6.94 0.02
CA GLN A 6 3.20 7.07 -0.69
C GLN A 6 3.43 7.15 -2.20
N CYS A 7 3.19 6.04 -2.89
CA CYS A 7 3.37 5.98 -4.34
C CYS A 7 2.03 6.04 -5.06
N GLU A 8 1.76 7.16 -5.70
CA GLU A 8 0.51 7.35 -6.44
C GLU A 8 0.59 6.71 -7.82
N GLU A 9 1.81 6.62 -8.36
CA GLU A 9 2.02 6.04 -9.67
C GLU A 9 2.25 4.54 -9.57
N PHE A 10 1.20 3.76 -9.82
CA PHE A 10 1.29 2.31 -9.75
C PHE A 10 1.83 1.74 -11.05
N GLN A 11 2.72 0.76 -10.93
CA GLN A 11 3.32 0.13 -12.11
C GLN A 11 4.04 -1.16 -11.73
N LEU A 12 4.80 -1.72 -12.67
CA LEU A 12 5.54 -2.95 -12.44
C LEU A 12 6.83 -2.68 -11.67
N ASN A 13 7.62 -1.74 -12.18
CA ASN A 13 8.88 -1.38 -11.54
C ASN A 13 9.26 0.07 -11.85
N ASN A 14 9.24 0.91 -10.82
CA ASN A 14 9.58 2.33 -10.99
C ASN A 14 10.51 2.79 -9.87
N ASP A 15 11.15 3.93 -10.09
CA ASP A 15 12.08 4.49 -9.11
C ASP A 15 11.32 5.20 -8.00
N CYS A 16 10.44 4.47 -7.32
CA CYS A 16 9.65 5.02 -6.23
C CYS A 16 10.42 4.95 -4.92
N SER A 17 11.70 5.29 -4.96
CA SER A 17 12.54 5.27 -3.77
C SER A 17 13.14 6.64 -3.49
N SER A 18 12.32 7.67 -3.62
CA SER A 18 12.77 9.04 -3.39
C SER A 18 12.15 9.61 -2.11
N PRO A 19 12.88 10.53 -1.46
CA PRO A 19 12.43 11.16 -0.22
C PRO A 19 11.26 12.12 -0.46
N GLU A 20 10.95 12.36 -1.72
CA GLU A 20 9.86 13.26 -2.08
C GLU A 20 8.50 12.58 -1.88
N PHE A 21 8.52 11.25 -1.89
CA PHE A 21 7.29 10.48 -1.71
C PHE A 21 7.02 10.20 -0.23
N ILE A 22 8.08 10.27 0.57
CA ILE A 22 7.96 10.03 2.00
C ILE A 22 7.11 11.10 2.67
N VAL A 23 5.91 10.71 3.10
CA VAL A 23 5.00 11.63 3.75
C VAL A 23 4.86 11.30 5.24
N ASN A 24 4.50 12.31 6.03
CA ASN A 24 4.34 12.13 7.47
C ASN A 24 2.91 11.73 7.80
N CYS A 25 2.72 10.47 8.16
CA CYS A 25 1.39 9.96 8.51
C CYS A 25 0.91 10.56 9.82
N THR A 26 0.32 11.75 9.75
CA THR A 26 -0.18 12.42 10.93
C THR A 26 -1.19 11.56 11.68
N VAL A 27 -0.86 11.24 12.93
CA VAL A 27 -1.73 10.41 13.76
C VAL A 27 -3.18 10.91 13.71
N ASN A 28 -3.34 12.22 13.55
CA ASN A 28 -4.67 12.81 13.49
C ASN A 28 -5.54 12.09 12.46
N VAL A 29 -4.91 11.57 11.42
CA VAL A 29 -5.63 10.85 10.38
C VAL A 29 -4.97 9.50 10.08
N GLN A 30 -3.85 9.54 9.39
CA GLN A 30 -3.12 8.32 9.05
C GLN A 30 -2.03 8.02 10.07
N ASP A 31 -1.97 6.77 10.50
CA ASP A 31 -0.98 6.35 11.49
C ASP A 31 -0.06 5.28 10.91
N MET A 32 -0.59 4.48 9.99
CA MET A 32 0.17 3.41 9.37
C MET A 32 0.29 3.63 7.87
N CYS A 33 1.05 2.76 7.21
CA CYS A 33 1.26 2.87 5.76
C CYS A 33 0.48 1.78 5.03
N GLN A 34 -0.35 2.19 4.07
CA GLN A 34 -1.14 1.25 3.29
C GLN A 34 -0.39 0.79 2.05
N LYS A 35 -0.53 -0.49 1.72
CA LYS A 35 0.15 -1.07 0.57
C LYS A 35 -0.65 -2.22 -0.02
N GLU A 36 -0.93 -2.16 -1.31
CA GLU A 36 -1.69 -3.21 -1.98
C GLU A 36 -1.13 -3.49 -3.37
N VAL A 37 -1.21 -4.73 -3.81
CA VAL A 37 -0.71 -5.13 -5.11
C VAL A 37 -1.81 -5.77 -5.96
N MET A 38 -1.69 -5.66 -7.27
CA MET A 38 -2.67 -6.22 -8.18
C MET A 38 -2.01 -6.72 -9.47
N GLU A 39 -2.79 -7.36 -10.32
CA GLU A 39 -2.28 -7.88 -11.58
C GLU A 39 -3.27 -7.66 -12.72
N GLN A 40 -2.95 -6.71 -13.59
CA GLN A 40 -3.83 -6.39 -14.72
C GLN A 40 -3.04 -6.37 -16.03
N SER A 41 -3.69 -5.94 -17.10
CA SER A 41 -3.05 -5.87 -18.41
C SER A 41 -1.59 -5.42 -18.29
N ALA A 42 -1.41 -4.13 -18.00
CA ALA A 42 -0.06 -3.57 -17.85
C ALA A 42 0.85 -4.55 -17.13
N GLY A 43 0.35 -5.14 -16.05
CA GLY A 43 1.15 -6.09 -15.29
C GLY A 43 0.83 -6.05 -13.81
N ILE A 44 1.86 -6.15 -12.98
CA ILE A 44 1.68 -6.14 -11.53
C ILE A 44 1.72 -4.70 -11.00
N MET A 45 0.55 -4.16 -10.69
CA MET A 45 0.46 -2.80 -10.17
C MET A 45 0.50 -2.81 -8.64
N TYR A 46 0.82 -1.65 -8.05
CA TYR A 46 0.89 -1.53 -6.60
C TYR A 46 0.56 -0.11 -6.16
N ARG A 47 -0.28 -0.01 -5.13
CA ARG A 47 -0.68 1.30 -4.61
C ARG A 47 -0.19 1.49 -3.19
N LYS A 48 0.48 2.62 -2.95
CA LYS A 48 1.01 2.93 -1.63
C LYS A 48 0.63 4.35 -1.21
N SER A 49 0.31 4.51 0.08
CA SER A 49 -0.08 5.81 0.61
C SER A 49 -0.36 5.72 2.10
N CYS A 50 -0.37 6.87 2.77
CA CYS A 50 -0.63 6.93 4.21
C CYS A 50 -2.06 6.51 4.53
N ALA A 51 -2.22 5.68 5.55
CA ALA A 51 -3.54 5.22 5.96
C ALA A 51 -3.63 5.11 7.48
N SER A 52 -4.84 4.85 7.97
CA SER A 52 -5.06 4.71 9.41
C SER A 52 -5.35 3.27 9.78
N SER A 53 -5.60 3.03 11.07
CA SER A 53 -5.89 1.69 11.55
C SER A 53 -7.27 1.24 11.11
N ALA A 54 -8.24 2.13 11.20
CA ALA A 54 -9.61 1.83 10.81
C ALA A 54 -9.69 1.45 9.33
N ALA A 55 -9.03 2.23 8.50
CA ALA A 55 -9.03 1.98 7.06
C ALA A 55 -8.48 0.59 6.75
N CYS A 56 -7.27 0.31 7.24
CA CYS A 56 -6.63 -0.98 7.01
C CYS A 56 -7.57 -2.12 7.40
N LEU A 57 -8.36 -1.90 8.45
CA LEU A 57 -9.30 -2.91 8.92
C LEU A 57 -10.39 -3.16 7.89
N ILE A 58 -10.78 -2.12 7.17
CA ILE A 58 -11.82 -2.23 6.15
C ILE A 58 -11.39 -3.18 5.04
N ALA A 59 -10.22 -2.93 4.47
CA ALA A 59 -9.70 -3.78 3.40
C ALA A 59 -9.68 -5.24 3.82
N SER A 60 -9.07 -5.51 4.97
CA SER A 60 -8.97 -6.87 5.49
C SER A 60 -10.36 -7.45 5.76
N ALA A 61 -11.15 -6.71 6.53
CA ALA A 61 -12.50 -7.16 6.87
C ALA A 61 -13.29 -7.54 5.62
N GLY A 62 -12.96 -6.88 4.51
CA GLY A 62 -13.65 -7.17 3.25
C GLY A 62 -13.31 -8.54 2.71
N TYR A 63 -14.34 -9.35 2.48
CA TYR A 63 -14.16 -10.70 1.96
C TYR A 63 -13.43 -10.66 0.61
N GLN A 64 -13.29 -11.84 0.00
CA GLN A 64 -12.61 -11.94 -1.29
C GLN A 64 -11.18 -11.41 -1.21
N SER A 65 -10.47 -11.80 -0.16
CA SER A 65 -9.10 -11.35 0.05
C SER A 65 -8.12 -12.47 -0.29
N PHE A 66 -8.00 -12.77 -1.57
CA PHE A 66 -7.09 -13.82 -2.02
C PHE A 66 -5.74 -13.24 -2.44
N CYS A 67 -4.67 -13.73 -1.82
CA CYS A 67 -3.33 -13.26 -2.13
C CYS A 67 -2.41 -14.42 -2.49
N SER A 68 -2.13 -14.56 -3.78
CA SER A 68 -1.25 -15.63 -4.26
C SER A 68 -0.50 -15.20 -5.51
N PRO A 69 0.71 -15.75 -5.68
CA PRO A 69 1.56 -15.44 -6.83
C PRO A 69 1.01 -16.01 -8.14
N GLY A 70 0.31 -17.13 -8.04
CA GLY A 70 -0.26 -17.76 -9.21
C GLY A 70 -1.75 -17.50 -9.34
N LYS A 71 -2.13 -16.24 -9.40
CA LYS A 71 -3.54 -15.86 -9.53
C LYS A 71 -3.68 -14.55 -10.30
N LEU A 72 -4.46 -14.58 -11.37
CA LEU A 72 -4.68 -13.40 -12.19
C LEU A 72 -5.17 -12.23 -11.33
N ASN A 73 -6.18 -12.49 -10.52
CA ASN A 73 -6.74 -11.46 -9.64
C ASN A 73 -6.11 -11.52 -8.25
N SER A 74 -4.79 -11.66 -8.22
CA SER A 74 -4.06 -11.74 -6.95
C SER A 74 -4.06 -10.39 -6.24
N VAL A 75 -5.16 -10.09 -5.55
CA VAL A 75 -5.27 -8.82 -4.83
C VAL A 75 -4.80 -8.97 -3.39
N CYS A 76 -3.62 -8.45 -3.10
CA CYS A 76 -3.05 -8.52 -1.75
C CYS A 76 -3.12 -7.16 -1.07
N ILE A 77 -3.75 -7.12 0.09
CA ILE A 77 -3.89 -5.88 0.85
C ILE A 77 -3.26 -6.01 2.24
N SER A 78 -2.57 -4.97 2.67
CA SER A 78 -1.91 -4.97 3.98
C SER A 78 -1.19 -3.64 4.22
N CYS A 79 -1.02 -3.31 5.49
CA CYS A 79 -0.34 -2.07 5.87
C CYS A 79 0.87 -2.36 6.75
N CYS A 80 1.51 -1.30 7.23
CA CYS A 80 2.68 -1.43 8.08
C CYS A 80 2.63 -0.46 9.25
N ASN A 81 3.47 -0.69 10.25
CA ASN A 81 3.51 0.17 11.43
C ASN A 81 4.86 0.86 11.55
N THR A 82 5.82 0.44 10.72
CA THR A 82 7.16 1.02 10.73
C THR A 82 7.30 2.09 9.66
N PRO A 83 8.29 2.98 9.83
CA PRO A 83 8.56 4.06 8.88
C PRO A 83 9.11 3.55 7.55
N LEU A 84 8.65 4.13 6.46
CA LEU A 84 9.11 3.73 5.13
C LEU A 84 9.13 2.22 5.00
N CYS A 85 8.01 1.58 5.32
CA CYS A 85 7.90 0.13 5.24
C CYS A 85 7.63 -0.32 3.80
N ASN A 86 7.02 0.56 3.02
CA ASN A 86 6.71 0.28 1.62
C ASN A 86 7.87 0.66 0.71
N MET A 1 6.17 11.32 15.53
CA MET A 1 5.82 11.50 14.13
C MET A 1 6.13 10.25 13.32
N ILE A 2 5.22 9.89 12.42
CA ILE A 2 5.39 8.71 11.58
C ILE A 2 5.25 9.06 10.11
N GLN A 3 6.23 8.65 9.31
CA GLN A 3 6.22 8.92 7.88
C GLN A 3 6.19 7.62 7.09
N CYS A 4 5.65 7.68 5.88
CA CYS A 4 5.57 6.51 5.01
C CYS A 4 5.79 6.89 3.54
N TYR A 5 5.83 5.89 2.68
CA TYR A 5 6.03 6.12 1.26
C TYR A 5 4.71 6.08 0.50
N GLN A 6 4.29 7.23 -0.02
CA GLN A 6 3.04 7.33 -0.77
C GLN A 6 3.31 7.57 -2.24
N CYS A 7 3.15 6.54 -3.06
CA CYS A 7 3.37 6.66 -4.49
C CYS A 7 2.32 5.88 -5.27
N GLU A 8 1.26 6.58 -5.69
CA GLU A 8 0.18 5.96 -6.44
C GLU A 8 0.51 5.93 -7.94
N GLU A 9 1.75 5.59 -8.26
CA GLU A 9 2.18 5.54 -9.66
C GLU A 9 3.25 4.47 -9.85
N PHE A 10 3.10 3.35 -9.16
CA PHE A 10 4.05 2.25 -9.25
C PHE A 10 3.81 1.43 -10.51
N GLN A 11 4.69 0.45 -10.75
CA GLN A 11 4.56 -0.41 -11.93
C GLN A 11 5.72 -1.40 -12.00
N LEU A 12 5.88 -2.04 -13.15
CA LEU A 12 6.95 -3.01 -13.34
C LEU A 12 8.31 -2.33 -13.31
N ASN A 13 8.35 -1.07 -13.74
CA ASN A 13 9.59 -0.31 -13.76
C ASN A 13 9.38 1.09 -13.19
N ASN A 14 9.31 1.19 -11.87
CA ASN A 14 9.10 2.47 -11.20
C ASN A 14 10.29 2.82 -10.31
N ASP A 15 10.79 4.04 -10.46
CA ASP A 15 11.92 4.51 -9.67
C ASP A 15 11.47 5.39 -8.51
N CYS A 16 10.40 4.95 -7.84
CA CYS A 16 9.86 5.70 -6.71
C CYS A 16 10.54 5.31 -5.41
N SER A 17 11.86 5.50 -5.36
CA SER A 17 12.64 5.15 -4.17
C SER A 17 13.38 6.37 -3.64
N SER A 18 12.68 7.48 -3.49
CA SER A 18 13.27 8.71 -3.00
C SER A 18 12.57 9.18 -1.73
N PRO A 19 13.32 9.85 -0.85
CA PRO A 19 12.79 10.38 0.41
C PRO A 19 11.82 11.53 0.20
N GLU A 20 11.64 11.93 -1.06
CA GLU A 20 10.74 13.03 -1.38
C GLU A 20 9.29 12.59 -1.30
N PHE A 21 9.06 11.27 -1.44
CA PHE A 21 7.72 10.72 -1.39
C PHE A 21 7.31 10.42 0.05
N ILE A 22 8.20 10.74 0.99
CA ILE A 22 7.93 10.50 2.41
C ILE A 22 6.87 11.47 2.93
N VAL A 23 5.67 10.94 3.16
CA VAL A 23 4.57 11.75 3.68
C VAL A 23 4.42 11.58 5.18
N ASN A 24 3.94 12.62 5.86
CA ASN A 24 3.73 12.58 7.29
C ASN A 24 2.32 12.14 7.63
N CYS A 25 2.16 10.85 7.92
CA CYS A 25 0.84 10.30 8.26
C CYS A 25 0.38 10.82 9.62
N THR A 26 -0.29 11.97 9.61
CA THR A 26 -0.79 12.57 10.84
C THR A 26 -1.83 11.67 11.50
N VAL A 27 -2.17 11.99 12.75
CA VAL A 27 -3.16 11.22 13.49
C VAL A 27 -4.57 11.75 13.26
N ASN A 28 -4.92 11.92 11.99
CA ASN A 28 -6.24 12.42 11.62
C ASN A 28 -6.97 11.42 10.73
N VAL A 29 -6.50 11.28 9.49
CA VAL A 29 -7.10 10.36 8.54
C VAL A 29 -6.25 9.11 8.37
N GLN A 30 -4.95 9.30 8.14
CA GLN A 30 -4.03 8.19 7.96
C GLN A 30 -2.77 8.39 8.80
N ASP A 31 -2.45 7.40 9.62
CA ASP A 31 -1.26 7.47 10.48
C ASP A 31 -0.28 6.37 10.11
N MET A 32 -0.81 5.22 9.67
CA MET A 32 0.03 4.09 9.29
C MET A 32 0.24 4.05 7.78
N CYS A 33 1.04 3.09 7.32
CA CYS A 33 1.31 2.94 5.91
C CYS A 33 0.55 1.75 5.32
N GLN A 34 0.18 1.86 4.05
CA GLN A 34 -0.55 0.79 3.37
C GLN A 34 -0.08 0.63 1.93
N LYS A 35 -0.19 -0.60 1.41
CA LYS A 35 0.23 -0.88 0.04
C LYS A 35 -0.69 -1.92 -0.59
N GLU A 36 -1.13 -1.64 -1.81
CA GLU A 36 -2.01 -2.55 -2.53
C GLU A 36 -1.37 -3.02 -3.82
N VAL A 37 -1.55 -4.31 -4.13
CA VAL A 37 -0.98 -4.89 -5.35
C VAL A 37 -2.07 -5.42 -6.27
N MET A 38 -1.89 -5.21 -7.57
CA MET A 38 -2.86 -5.68 -8.55
C MET A 38 -2.17 -6.23 -9.79
N GLU A 39 -2.95 -6.82 -10.68
CA GLU A 39 -2.39 -7.39 -11.91
C GLU A 39 -3.10 -6.83 -13.14
N GLN A 40 -2.33 -6.56 -14.19
CA GLN A 40 -2.88 -6.01 -15.42
C GLN A 40 -2.06 -6.45 -16.63
N SER A 41 -2.51 -6.07 -17.82
CA SER A 41 -1.82 -6.44 -19.05
C SER A 41 -0.34 -6.09 -18.95
N ALA A 42 -0.03 -4.98 -18.31
CA ALA A 42 1.35 -4.54 -18.14
C ALA A 42 2.11 -5.45 -17.18
N GLY A 43 1.44 -5.84 -16.09
CA GLY A 43 2.06 -6.71 -15.12
C GLY A 43 1.48 -6.52 -13.73
N ILE A 44 2.27 -6.82 -12.70
CA ILE A 44 1.82 -6.69 -11.33
C ILE A 44 2.22 -5.35 -10.74
N MET A 45 1.23 -4.48 -10.54
CA MET A 45 1.47 -3.15 -9.99
C MET A 45 1.31 -3.15 -8.48
N TYR A 46 2.08 -2.32 -7.80
CA TYR A 46 2.03 -2.22 -6.35
C TYR A 46 2.03 -0.77 -5.88
N ARG A 47 0.85 -0.23 -5.63
CA ARG A 47 0.72 1.16 -5.19
C ARG A 47 0.84 1.25 -3.67
N LYS A 48 1.51 2.30 -3.19
CA LYS A 48 1.68 2.51 -1.76
C LYS A 48 1.17 3.88 -1.35
N SER A 49 0.52 3.94 -0.19
CA SER A 49 -0.02 5.19 0.33
C SER A 49 -0.35 5.08 1.81
N CYS A 50 -0.46 6.22 2.48
CA CYS A 50 -0.76 6.24 3.90
C CYS A 50 -2.21 5.80 4.16
N ALA A 51 -2.39 4.99 5.19
CA ALA A 51 -3.71 4.48 5.55
C ALA A 51 -4.01 4.72 7.02
N SER A 52 -5.21 4.34 7.45
CA SER A 52 -5.62 4.51 8.84
C SER A 52 -5.64 3.17 9.57
N SER A 53 -5.81 3.23 10.88
CA SER A 53 -5.83 2.02 11.71
C SER A 53 -7.00 1.13 11.31
N ALA A 54 -8.22 1.58 11.62
CA ALA A 54 -9.42 0.81 11.30
C ALA A 54 -9.33 0.22 9.89
N ALA A 55 -8.93 1.04 8.93
CA ALA A 55 -8.80 0.61 7.55
C ALA A 55 -8.00 -0.69 7.45
N CYS A 56 -6.77 -0.65 7.94
CA CYS A 56 -5.90 -1.82 7.92
C CYS A 56 -6.60 -3.03 8.50
N LEU A 57 -7.30 -2.83 9.61
CA LEU A 57 -8.02 -3.91 10.27
C LEU A 57 -8.99 -4.59 9.30
N ILE A 58 -9.56 -3.82 8.40
CA ILE A 58 -10.50 -4.34 7.42
C ILE A 58 -9.81 -5.29 6.45
N ALA A 59 -8.69 -4.85 5.90
CA ALA A 59 -7.92 -5.65 4.96
C ALA A 59 -7.45 -6.96 5.61
N SER A 60 -7.08 -6.87 6.88
CA SER A 60 -6.61 -8.04 7.62
C SER A 60 -7.77 -8.95 8.01
N ALA A 61 -8.64 -8.44 8.88
CA ALA A 61 -9.80 -9.19 9.33
C ALA A 61 -10.58 -9.76 8.16
N GLY A 62 -11.04 -8.89 7.26
CA GLY A 62 -11.78 -9.33 6.10
C GLY A 62 -11.41 -8.58 4.84
N TYR A 63 -10.42 -9.08 4.12
CA TYR A 63 -9.96 -8.44 2.90
C TYR A 63 -11.12 -8.21 1.93
N GLN A 64 -10.93 -7.28 1.00
CA GLN A 64 -11.96 -6.97 0.02
C GLN A 64 -12.32 -8.19 -0.81
N SER A 65 -11.30 -8.84 -1.36
CA SER A 65 -11.50 -10.04 -2.18
C SER A 65 -10.37 -11.04 -1.98
N PHE A 66 -10.47 -12.18 -2.64
CA PHE A 66 -9.46 -13.23 -2.53
C PHE A 66 -8.07 -12.65 -2.79
N CYS A 67 -7.05 -13.38 -2.33
CA CYS A 67 -5.66 -12.95 -2.52
C CYS A 67 -4.74 -14.16 -2.66
N SER A 68 -4.61 -14.66 -3.87
CA SER A 68 -3.75 -15.82 -4.13
C SER A 68 -3.22 -15.78 -5.56
N PRO A 69 -1.95 -16.17 -5.73
CA PRO A 69 -1.29 -16.19 -7.04
C PRO A 69 -1.85 -17.28 -7.95
N GLY A 70 -3.14 -17.20 -8.24
CA GLY A 70 -3.77 -18.19 -9.10
C GLY A 70 -4.95 -17.62 -9.85
N LYS A 71 -5.04 -16.29 -9.91
CA LYS A 71 -6.13 -15.62 -10.60
C LYS A 71 -5.68 -14.26 -11.13
N LEU A 72 -6.07 -13.96 -12.37
CA LEU A 72 -5.71 -12.68 -12.99
C LEU A 72 -6.12 -11.51 -12.10
N ASN A 73 -7.22 -11.67 -11.37
CA ASN A 73 -7.72 -10.63 -10.48
C ASN A 73 -7.23 -10.86 -9.06
N SER A 74 -5.97 -11.25 -8.93
CA SER A 74 -5.37 -11.51 -7.62
C SER A 74 -5.06 -10.19 -6.90
N VAL A 75 -6.06 -9.65 -6.21
CA VAL A 75 -5.91 -8.40 -5.48
C VAL A 75 -5.41 -8.66 -4.06
N CYS A 76 -4.43 -7.87 -3.63
CA CYS A 76 -3.87 -8.01 -2.29
C CYS A 76 -3.48 -6.64 -1.72
N ILE A 77 -3.39 -6.56 -0.40
CA ILE A 77 -3.02 -5.33 0.27
C ILE A 77 -2.32 -5.60 1.59
N SER A 78 -1.58 -4.62 2.08
CA SER A 78 -0.85 -4.75 3.33
C SER A 78 -0.65 -3.39 3.99
N CYS A 79 -0.15 -3.40 5.23
CA CYS A 79 0.09 -2.17 5.97
C CYS A 79 1.25 -2.34 6.94
N CYS A 80 1.74 -1.22 7.46
CA CYS A 80 2.86 -1.24 8.40
C CYS A 80 2.62 -0.27 9.56
N ASN A 81 3.41 -0.41 10.62
CA ASN A 81 3.29 0.45 11.78
C ASN A 81 4.61 1.15 12.08
N THR A 82 5.55 1.06 11.15
CA THR A 82 6.86 1.68 11.31
C THR A 82 7.10 2.74 10.26
N PRO A 83 8.00 3.70 10.57
CA PRO A 83 8.33 4.80 9.65
C PRO A 83 9.12 4.31 8.44
N LEU A 84 8.66 4.70 7.25
CA LEU A 84 9.33 4.31 6.01
C LEU A 84 9.36 2.79 5.87
N CYS A 85 8.25 2.15 6.24
CA CYS A 85 8.16 0.69 6.15
C CYS A 85 7.82 0.26 4.73
N ASN A 86 7.38 1.21 3.91
CA ASN A 86 7.02 0.93 2.53
C ASN A 86 8.25 1.04 1.62
N MET A 1 4.38 10.65 14.78
CA MET A 1 5.82 10.44 14.81
C MET A 1 6.21 9.23 13.96
N ILE A 2 5.56 9.08 12.81
CA ILE A 2 5.84 7.98 11.91
C ILE A 2 5.74 8.42 10.46
N GLN A 3 6.77 8.08 9.67
CA GLN A 3 6.80 8.44 8.26
C GLN A 3 6.29 7.29 7.39
N CYS A 4 5.85 7.61 6.18
CA CYS A 4 5.35 6.61 5.26
C CYS A 4 5.59 7.03 3.81
N TYR A 5 5.80 6.04 2.95
CA TYR A 5 6.05 6.30 1.54
C TYR A 5 4.76 6.27 0.73
N GLN A 6 4.41 7.40 0.14
CA GLN A 6 3.19 7.50 -0.66
C GLN A 6 3.52 7.65 -2.14
N CYS A 7 2.99 6.74 -2.95
CA CYS A 7 3.23 6.77 -4.39
C CYS A 7 2.05 6.18 -5.14
N GLU A 8 0.98 6.97 -5.29
CA GLU A 8 -0.21 6.52 -5.99
C GLU A 8 -0.02 6.63 -7.50
N GLU A 9 1.01 5.96 -8.02
CA GLU A 9 1.30 5.98 -9.44
C GLU A 9 1.97 4.68 -9.87
N PHE A 10 1.17 3.63 -9.99
CA PHE A 10 1.69 2.32 -10.39
C PHE A 10 2.58 2.45 -11.62
N GLN A 11 3.63 1.63 -11.68
CA GLN A 11 4.56 1.65 -12.79
C GLN A 11 5.67 0.62 -12.60
N LEU A 12 6.09 -0.01 -13.69
CA LEU A 12 7.14 -1.01 -13.64
C LEU A 12 8.48 -0.43 -14.09
N ASN A 13 8.43 0.45 -15.09
CA ASN A 13 9.63 1.08 -15.61
C ASN A 13 10.27 2.00 -14.56
N ASN A 14 9.42 2.63 -13.75
CA ASN A 14 9.90 3.52 -12.70
C ASN A 14 10.19 2.76 -11.41
N ASP A 15 10.49 3.49 -10.35
CA ASP A 15 10.78 2.89 -9.06
C ASP A 15 10.63 3.90 -7.94
N CYS A 16 9.49 3.87 -7.26
CA CYS A 16 9.21 4.77 -6.16
C CYS A 16 10.07 4.45 -4.94
N SER A 17 11.34 4.80 -5.02
CA SER A 17 12.27 4.55 -3.93
C SER A 17 13.06 5.81 -3.57
N SER A 18 12.35 6.91 -3.36
CA SER A 18 12.97 8.17 -3.02
C SER A 18 12.32 8.80 -1.80
N PRO A 19 13.13 9.48 -0.97
CA PRO A 19 12.63 10.13 0.25
C PRO A 19 11.76 11.34 -0.06
N GLU A 20 11.53 11.59 -1.34
CA GLU A 20 10.71 12.73 -1.76
C GLU A 20 9.23 12.42 -1.57
N PHE A 21 8.88 11.14 -1.58
CA PHE A 21 7.50 10.72 -1.41
C PHE A 21 7.22 10.35 0.05
N ILE A 22 8.28 10.09 0.80
CA ILE A 22 8.15 9.73 2.20
C ILE A 22 7.75 10.94 3.05
N VAL A 23 6.52 10.90 3.57
CA VAL A 23 6.01 11.99 4.40
C VAL A 23 5.82 11.54 5.84
N ASN A 24 5.56 12.50 6.73
CA ASN A 24 5.37 12.19 8.14
C ASN A 24 3.88 12.16 8.48
N CYS A 25 3.21 11.09 8.08
CA CYS A 25 1.78 10.93 8.36
C CYS A 25 1.53 10.73 9.85
N THR A 26 0.74 11.63 10.43
CA THR A 26 0.41 11.55 11.86
C THR A 26 -0.93 10.86 12.07
N VAL A 27 -1.11 10.29 13.26
CA VAL A 27 -2.36 9.61 13.60
C VAL A 27 -3.56 10.49 13.30
N ASN A 28 -3.36 11.80 13.34
CA ASN A 28 -4.42 12.75 13.08
C ASN A 28 -5.24 12.34 11.86
N VAL A 29 -4.56 11.77 10.87
CA VAL A 29 -5.21 11.32 9.65
C VAL A 29 -4.74 9.93 9.24
N GLN A 30 -3.43 9.70 9.34
CA GLN A 30 -2.85 8.41 8.99
C GLN A 30 -1.60 8.13 9.81
N ASP A 31 -1.56 6.98 10.45
CA ASP A 31 -0.41 6.59 11.27
C ASP A 31 0.34 5.44 10.63
N MET A 32 -0.36 4.63 9.85
CA MET A 32 0.25 3.48 9.17
C MET A 32 0.35 3.73 7.67
N CYS A 33 1.03 2.82 6.97
CA CYS A 33 1.20 2.94 5.53
C CYS A 33 0.36 1.90 4.79
N GLN A 34 -0.31 2.32 3.73
CA GLN A 34 -1.14 1.43 2.93
C GLN A 34 -0.39 0.92 1.71
N LYS A 35 -0.67 -0.31 1.32
CA LYS A 35 -0.02 -0.92 0.17
C LYS A 35 -0.95 -1.91 -0.53
N GLU A 36 -1.05 -1.80 -1.85
CA GLU A 36 -1.90 -2.69 -2.62
C GLU A 36 -1.17 -3.21 -3.85
N VAL A 37 -1.19 -4.53 -4.03
CA VAL A 37 -0.52 -5.16 -5.17
C VAL A 37 -1.49 -6.02 -5.96
N MET A 38 -1.56 -5.77 -7.27
CA MET A 38 -2.45 -6.52 -8.15
C MET A 38 -1.76 -6.90 -9.45
N GLU A 39 -2.29 -7.90 -10.14
CA GLU A 39 -1.71 -8.34 -11.41
C GLU A 39 -2.64 -8.02 -12.57
N GLN A 40 -2.07 -7.44 -13.63
CA GLN A 40 -2.84 -7.09 -14.81
C GLN A 40 -1.98 -7.17 -16.07
N SER A 41 -2.51 -6.63 -17.17
CA SER A 41 -1.79 -6.65 -18.44
C SER A 41 -0.36 -6.13 -18.27
N ALA A 42 -0.25 -4.92 -17.72
CA ALA A 42 1.06 -4.31 -17.49
C ALA A 42 1.99 -5.26 -16.77
N GLY A 43 1.45 -6.03 -15.83
CA GLY A 43 2.26 -6.97 -15.08
C GLY A 43 2.10 -6.82 -13.58
N ILE A 44 3.04 -6.13 -12.95
CA ILE A 44 3.00 -5.92 -11.51
C ILE A 44 2.48 -4.52 -11.18
N MET A 45 1.16 -4.36 -11.18
CA MET A 45 0.55 -3.08 -10.87
C MET A 45 0.24 -2.96 -9.38
N TYR A 46 0.73 -1.88 -8.77
CA TYR A 46 0.51 -1.65 -7.35
C TYR A 46 0.51 -0.16 -7.03
N ARG A 47 -0.21 0.21 -5.98
CA ARG A 47 -0.30 1.61 -5.57
C ARG A 47 0.10 1.78 -4.11
N LYS A 48 0.89 2.81 -3.83
CA LYS A 48 1.35 3.08 -2.48
C LYS A 48 0.76 4.40 -1.97
N SER A 49 0.44 4.43 -0.68
CA SER A 49 -0.13 5.64 -0.06
C SER A 49 -0.29 5.45 1.45
N CYS A 50 -0.46 6.56 2.15
CA CYS A 50 -0.61 6.52 3.60
C CYS A 50 -1.95 5.87 3.99
N ALA A 51 -2.03 5.42 5.23
CA ALA A 51 -3.25 4.78 5.73
C ALA A 51 -3.45 5.05 7.21
N SER A 52 -4.65 4.77 7.71
CA SER A 52 -4.97 4.99 9.11
C SER A 52 -5.31 3.67 9.80
N SER A 53 -5.62 3.76 11.09
CA SER A 53 -5.95 2.57 11.87
C SER A 53 -7.35 2.05 11.51
N ALA A 54 -8.35 2.91 11.69
CA ALA A 54 -9.72 2.56 11.39
C ALA A 54 -9.85 1.97 9.99
N ALA A 55 -9.25 2.65 9.02
CA ALA A 55 -9.28 2.21 7.63
C ALA A 55 -8.69 0.81 7.49
N CYS A 56 -7.48 0.63 8.01
CA CYS A 56 -6.80 -0.65 7.95
C CYS A 56 -7.72 -1.78 8.41
N LEU A 57 -8.51 -1.51 9.43
CA LEU A 57 -9.44 -2.50 9.97
C LEU A 57 -10.53 -2.84 8.96
N ILE A 58 -10.97 -1.83 8.20
CA ILE A 58 -12.00 -2.02 7.19
C ILE A 58 -11.60 -3.12 6.21
N ALA A 59 -10.43 -2.99 5.60
CA ALA A 59 -9.94 -3.97 4.65
C ALA A 59 -9.86 -5.35 5.28
N SER A 60 -9.11 -5.46 6.38
CA SER A 60 -8.96 -6.73 7.07
C SER A 60 -10.31 -7.36 7.35
N ALA A 61 -11.01 -6.82 8.35
CA ALA A 61 -12.32 -7.33 8.72
C ALA A 61 -13.22 -7.49 7.51
N GLY A 62 -12.98 -6.66 6.48
CA GLY A 62 -13.78 -6.72 5.27
C GLY A 62 -13.54 -8.00 4.49
N TYR A 63 -13.57 -7.89 3.17
CA TYR A 63 -13.35 -9.04 2.30
C TYR A 63 -12.09 -9.80 2.69
N GLN A 64 -12.16 -11.12 2.60
CA GLN A 64 -11.01 -11.97 2.95
C GLN A 64 -10.85 -13.10 1.94
N SER A 65 -9.91 -12.91 1.01
CA SER A 65 -9.65 -13.92 -0.02
C SER A 65 -8.15 -14.07 -0.25
N PHE A 66 -7.69 -15.32 -0.21
CA PHE A 66 -6.27 -15.61 -0.43
C PHE A 66 -5.81 -15.09 -1.78
N CYS A 67 -4.69 -14.36 -1.78
CA CYS A 67 -4.14 -13.80 -3.00
C CYS A 67 -2.65 -14.13 -3.13
N SER A 68 -2.25 -14.58 -4.31
CA SER A 68 -0.85 -14.94 -4.56
C SER A 68 -0.49 -14.73 -6.03
N PRO A 69 0.81 -14.61 -6.31
CA PRO A 69 1.32 -14.41 -7.66
C PRO A 69 1.14 -15.65 -8.54
N GLY A 70 -0.11 -16.00 -8.81
CA GLY A 70 -0.39 -17.16 -9.63
C GLY A 70 -1.69 -17.03 -10.40
N LYS A 71 -2.72 -16.51 -9.72
CA LYS A 71 -4.03 -16.34 -10.34
C LYS A 71 -4.19 -14.92 -10.87
N LEU A 72 -4.88 -14.80 -12.00
CA LEU A 72 -5.10 -13.49 -12.62
C LEU A 72 -5.74 -12.52 -11.63
N ASN A 73 -6.50 -13.07 -10.69
CA ASN A 73 -7.17 -12.25 -9.68
C ASN A 73 -6.30 -12.14 -8.43
N SER A 74 -4.99 -12.00 -8.62
CA SER A 74 -4.06 -11.88 -7.50
C SER A 74 -4.05 -10.46 -6.96
N VAL A 75 -5.01 -10.15 -6.10
CA VAL A 75 -5.11 -8.82 -5.50
C VAL A 75 -4.97 -8.89 -3.98
N CYS A 76 -4.11 -8.03 -3.44
CA CYS A 76 -3.89 -7.99 -2.00
C CYS A 76 -3.94 -6.55 -1.48
N ILE A 77 -4.55 -6.38 -0.31
CA ILE A 77 -4.66 -5.06 0.30
C ILE A 77 -4.41 -5.12 1.80
N SER A 78 -3.55 -4.22 2.28
CA SER A 78 -3.22 -4.16 3.70
C SER A 78 -2.30 -2.98 4.00
N CYS A 79 -2.08 -2.74 5.28
CA CYS A 79 -1.22 -1.63 5.71
C CYS A 79 -0.07 -2.14 6.56
N CYS A 80 0.78 -1.22 7.02
CA CYS A 80 1.92 -1.57 7.85
C CYS A 80 2.07 -0.60 9.02
N ASN A 81 2.54 -1.12 10.15
CA ASN A 81 2.73 -0.29 11.34
C ASN A 81 4.12 0.35 11.35
N THR A 82 5.02 -0.19 10.53
CA THR A 82 6.38 0.32 10.44
C THR A 82 6.48 1.42 9.39
N PRO A 83 7.38 2.40 9.64
CA PRO A 83 7.59 3.52 8.73
C PRO A 83 8.26 3.10 7.43
N LEU A 84 8.05 3.87 6.37
CA LEU A 84 8.63 3.58 5.07
C LEU A 84 8.43 2.12 4.70
N CYS A 85 7.19 1.65 4.80
CA CYS A 85 6.85 0.27 4.48
C CYS A 85 6.71 0.09 2.97
N ASN A 86 6.22 1.12 2.29
CA ASN A 86 6.02 1.07 0.85
C ASN A 86 7.29 1.54 0.12
N MET A 1 5.18 11.45 14.15
CA MET A 1 6.60 11.13 14.00
C MET A 1 6.78 9.81 13.26
N ILE A 2 5.82 9.47 12.41
CA ILE A 2 5.88 8.23 11.64
C ILE A 2 5.81 8.51 10.14
N GLN A 3 6.78 7.98 9.41
CA GLN A 3 6.84 8.16 7.96
C GLN A 3 6.47 6.88 7.24
N CYS A 4 5.88 7.02 6.05
CA CYS A 4 5.48 5.86 5.25
C CYS A 4 5.70 6.14 3.76
N TYR A 5 5.76 5.06 2.98
CA TYR A 5 5.97 5.18 1.54
C TYR A 5 4.64 5.32 0.81
N GLN A 6 4.44 6.47 0.16
CA GLN A 6 3.21 6.72 -0.57
C GLN A 6 3.47 6.74 -2.07
N CYS A 7 3.08 5.67 -2.75
CA CYS A 7 3.28 5.56 -4.19
C CYS A 7 1.95 5.72 -4.93
N GLU A 8 1.73 6.92 -5.47
CA GLU A 8 0.50 7.20 -6.20
C GLU A 8 0.56 6.62 -7.60
N GLU A 9 1.68 6.00 -7.94
CA GLU A 9 1.86 5.39 -9.26
C GLU A 9 1.88 3.87 -9.15
N PHE A 10 0.70 3.27 -9.14
CA PHE A 10 0.58 1.81 -9.05
C PHE A 10 0.77 1.17 -10.41
N GLN A 11 1.92 1.41 -11.03
CA GLN A 11 2.22 0.85 -12.34
C GLN A 11 3.62 0.22 -12.35
N LEU A 12 3.90 -0.54 -13.40
CA LEU A 12 5.19 -1.20 -13.53
C LEU A 12 6.22 -0.27 -14.18
N ASN A 13 7.33 -0.85 -14.62
CA ASN A 13 8.39 -0.07 -15.26
C ASN A 13 8.60 1.26 -14.54
N ASN A 14 8.71 1.19 -13.23
CA ASN A 14 8.91 2.40 -12.42
C ASN A 14 9.99 2.16 -11.36
N ASP A 15 10.24 3.18 -10.54
CA ASP A 15 11.25 3.09 -9.49
C ASP A 15 10.76 3.76 -8.21
N CYS A 16 9.90 3.06 -7.47
CA CYS A 16 9.36 3.60 -6.22
C CYS A 16 10.21 3.18 -5.03
N SER A 17 11.53 3.25 -5.21
CA SER A 17 12.47 2.88 -4.15
C SER A 17 13.33 4.06 -3.75
N SER A 18 12.70 5.22 -3.59
CA SER A 18 13.42 6.43 -3.21
C SER A 18 12.83 7.03 -1.93
N PRO A 19 13.69 7.68 -1.14
CA PRO A 19 13.28 8.32 0.11
C PRO A 19 12.40 9.54 -0.10
N GLU A 20 12.24 9.93 -1.37
CA GLU A 20 11.43 11.09 -1.71
C GLU A 20 9.94 10.76 -1.60
N PHE A 21 9.63 9.47 -1.56
CA PHE A 21 8.24 9.03 -1.46
C PHE A 21 7.81 8.95 0.00
N ILE A 22 8.79 8.83 0.90
CA ILE A 22 8.51 8.73 2.33
C ILE A 22 7.87 10.02 2.84
N VAL A 23 6.61 9.91 3.28
CA VAL A 23 5.89 11.06 3.79
C VAL A 23 5.43 10.82 5.24
N ASN A 24 5.13 11.91 5.94
CA ASN A 24 4.69 11.82 7.32
C ASN A 24 3.17 11.77 7.41
N CYS A 25 2.62 10.61 7.75
CA CYS A 25 1.18 10.43 7.86
C CYS A 25 0.64 11.21 9.05
N THR A 26 1.43 11.28 10.12
CA THR A 26 1.03 11.99 11.33
C THR A 26 0.47 13.37 10.99
N VAL A 27 -0.20 13.97 11.96
CA VAL A 27 -0.78 15.30 11.77
C VAL A 27 -1.91 15.26 10.74
N ASN A 28 -2.66 14.18 10.74
CA ASN A 28 -3.77 14.02 9.80
C ASN A 28 -4.52 12.71 10.06
N VAL A 29 -5.59 12.49 9.30
CA VAL A 29 -6.39 11.29 9.44
C VAL A 29 -5.51 10.04 9.42
N GLN A 30 -4.94 9.76 8.25
CA GLN A 30 -4.08 8.59 8.08
C GLN A 30 -2.80 8.75 8.89
N ASP A 31 -2.48 7.74 9.69
CA ASP A 31 -1.27 7.76 10.51
C ASP A 31 -0.54 6.43 10.44
N MET A 32 -0.63 5.78 9.28
CA MET A 32 0.03 4.49 9.09
C MET A 32 0.40 4.30 7.62
N CYS A 33 0.98 3.14 7.30
CA CYS A 33 1.38 2.82 5.94
C CYS A 33 0.48 1.74 5.35
N GLN A 34 0.17 1.86 4.07
CA GLN A 34 -0.67 0.89 3.38
C GLN A 34 -0.10 0.53 2.01
N LYS A 35 -0.25 -0.73 1.62
CA LYS A 35 0.25 -1.19 0.33
C LYS A 35 -0.62 -2.31 -0.22
N GLU A 36 -1.54 -1.96 -1.12
CA GLU A 36 -2.43 -2.94 -1.72
C GLU A 36 -2.05 -3.20 -3.18
N VAL A 37 -1.77 -4.46 -3.49
CA VAL A 37 -1.39 -4.84 -4.85
C VAL A 37 -2.60 -5.30 -5.65
N MET A 38 -2.69 -4.86 -6.90
CA MET A 38 -3.80 -5.22 -7.76
C MET A 38 -3.31 -5.76 -9.10
N GLU A 39 -4.22 -6.24 -9.92
CA GLU A 39 -3.87 -6.79 -11.23
C GLU A 39 -4.90 -6.39 -12.29
N GLN A 40 -4.40 -5.89 -13.42
CA GLN A 40 -5.27 -5.46 -14.50
C GLN A 40 -4.58 -5.62 -15.86
N SER A 41 -5.18 -5.05 -16.90
CA SER A 41 -4.62 -5.14 -18.23
C SER A 41 -3.14 -4.78 -18.24
N ALA A 42 -2.80 -3.71 -17.54
CA ALA A 42 -1.41 -3.27 -17.46
C ALA A 42 -0.50 -4.39 -16.98
N GLY A 43 -0.91 -5.07 -15.91
CA GLY A 43 -0.12 -6.16 -15.38
C GLY A 43 -0.13 -6.19 -13.86
N ILE A 44 1.05 -6.04 -13.26
CA ILE A 44 1.16 -6.04 -11.81
C ILE A 44 1.22 -4.62 -11.24
N MET A 45 0.09 -4.17 -10.71
CA MET A 45 0.02 -2.82 -10.15
C MET A 45 0.14 -2.87 -8.62
N TYR A 46 0.68 -1.81 -8.05
CA TYR A 46 0.85 -1.73 -6.59
C TYR A 46 0.48 -0.35 -6.07
N ARG A 47 -0.67 -0.26 -5.41
CA ARG A 47 -1.15 1.00 -4.86
C ARG A 47 -0.64 1.20 -3.44
N LYS A 48 0.29 2.14 -3.27
CA LYS A 48 0.85 2.43 -1.96
C LYS A 48 0.52 3.86 -1.53
N SER A 49 0.23 4.03 -0.25
CA SER A 49 -0.11 5.34 0.30
C SER A 49 -0.44 5.24 1.79
N CYS A 50 -0.45 6.39 2.45
CA CYS A 50 -0.76 6.44 3.88
C CYS A 50 -2.22 6.07 4.14
N ALA A 51 -2.44 5.32 5.22
CA ALA A 51 -3.79 4.90 5.58
C ALA A 51 -4.08 5.18 7.05
N SER A 52 -5.25 4.75 7.51
CA SER A 52 -5.65 4.95 8.90
C SER A 52 -5.99 3.63 9.58
N SER A 53 -6.01 3.64 10.90
CA SER A 53 -6.33 2.44 11.67
C SER A 53 -7.61 1.78 11.15
N ALA A 54 -8.73 2.47 11.35
CA ALA A 54 -10.02 1.96 10.91
C ALA A 54 -9.94 1.43 9.48
N ALA A 55 -9.34 2.22 8.60
CA ALA A 55 -9.20 1.83 7.20
C ALA A 55 -8.57 0.45 7.08
N CYS A 56 -7.41 0.27 7.70
CA CYS A 56 -6.71 -1.01 7.65
C CYS A 56 -7.64 -2.15 8.02
N LEU A 57 -8.42 -1.97 9.08
CA LEU A 57 -9.35 -2.99 9.54
C LEU A 57 -10.29 -3.40 8.42
N ILE A 58 -10.67 -2.44 7.58
CA ILE A 58 -11.57 -2.70 6.46
C ILE A 58 -10.95 -3.69 5.48
N ALA A 59 -9.73 -3.39 5.04
CA ALA A 59 -9.02 -4.25 4.10
C ALA A 59 -9.02 -5.70 4.58
N SER A 60 -8.41 -5.93 5.74
CA SER A 60 -8.33 -7.27 6.30
C SER A 60 -9.73 -7.90 6.41
N ALA A 61 -10.65 -7.18 7.06
CA ALA A 61 -12.01 -7.66 7.22
C ALA A 61 -12.64 -8.01 5.88
N GLY A 62 -12.17 -7.35 4.82
CA GLY A 62 -12.70 -7.61 3.50
C GLY A 62 -12.32 -8.97 2.97
N TYR A 63 -13.10 -9.49 2.02
CA TYR A 63 -12.84 -10.79 1.44
C TYR A 63 -11.50 -10.81 0.72
N GLN A 64 -11.02 -9.63 0.34
CA GLN A 64 -9.75 -9.52 -0.36
C GLN A 64 -8.67 -10.36 0.32
N SER A 65 -8.32 -11.47 -0.32
CA SER A 65 -7.30 -12.36 0.23
C SER A 65 -6.92 -13.44 -0.80
N PHE A 66 -6.05 -14.36 -0.38
CA PHE A 66 -5.61 -15.43 -1.26
C PHE A 66 -5.11 -14.88 -2.58
N CYS A 67 -3.91 -14.32 -2.58
CA CYS A 67 -3.32 -13.76 -3.79
C CYS A 67 -2.06 -14.52 -4.19
N SER A 68 -1.36 -14.01 -5.21
CA SER A 68 -0.15 -14.65 -5.69
C SER A 68 0.92 -13.60 -6.02
N PRO A 69 2.18 -14.06 -6.10
CA PRO A 69 3.32 -13.19 -6.41
C PRO A 69 3.30 -12.69 -7.85
N GLY A 70 2.62 -13.44 -8.71
CA GLY A 70 2.53 -13.06 -10.11
C GLY A 70 1.36 -12.16 -10.40
N LYS A 71 0.39 -12.67 -11.17
CA LYS A 71 -0.79 -11.90 -11.52
C LYS A 71 -2.06 -12.67 -11.17
N LEU A 72 -1.99 -13.99 -11.28
CA LEU A 72 -3.13 -14.84 -10.97
C LEU A 72 -3.76 -14.46 -9.64
N ASN A 73 -4.90 -13.78 -9.71
CA ASN A 73 -5.61 -13.34 -8.51
C ASN A 73 -4.68 -12.53 -7.60
N SER A 74 -3.79 -11.75 -8.21
CA SER A 74 -2.86 -10.93 -7.46
C SER A 74 -3.57 -9.75 -6.81
N VAL A 75 -4.23 -10.02 -5.69
CA VAL A 75 -4.96 -8.97 -4.96
C VAL A 75 -4.83 -9.16 -3.45
N CYS A 76 -4.07 -8.28 -2.82
CA CYS A 76 -3.87 -8.35 -1.37
C CYS A 76 -3.63 -6.96 -0.79
N ILE A 77 -3.65 -6.88 0.53
CA ILE A 77 -3.44 -5.60 1.22
C ILE A 77 -2.54 -5.77 2.44
N SER A 78 -1.69 -4.78 2.68
CA SER A 78 -0.77 -4.83 3.82
C SER A 78 -0.57 -3.43 4.40
N CYS A 79 -0.75 -3.31 5.71
CA CYS A 79 -0.59 -2.04 6.39
C CYS A 79 -0.06 -2.24 7.81
N CYS A 80 0.77 -1.32 8.26
CA CYS A 80 1.35 -1.40 9.60
C CYS A 80 1.37 -0.02 10.26
N ASN A 81 1.39 -0.01 11.60
CA ASN A 81 1.42 1.24 12.35
C ASN A 81 2.85 1.70 12.60
N THR A 82 3.79 1.02 11.95
CA THR A 82 5.21 1.36 12.11
C THR A 82 5.72 2.16 10.91
N PRO A 83 6.80 2.91 11.11
CA PRO A 83 7.41 3.74 10.07
C PRO A 83 8.09 2.89 8.99
N LEU A 84 7.95 3.33 7.74
CA LEU A 84 8.53 2.61 6.61
C LEU A 84 8.12 1.15 6.62
N CYS A 85 6.81 0.91 6.69
CA CYS A 85 6.28 -0.45 6.69
C CYS A 85 6.22 -1.03 5.28
N ASN A 86 6.00 -0.15 4.30
CA ASN A 86 5.92 -0.57 2.91
C ASN A 86 7.29 -0.54 2.26
N MET A 1 6.22 12.50 14.14
CA MET A 1 7.48 11.91 13.69
C MET A 1 7.25 10.52 13.09
N ILE A 2 6.14 10.37 12.38
CA ILE A 2 5.80 9.10 11.75
C ILE A 2 5.57 9.27 10.25
N GLN A 3 6.34 8.54 9.46
CA GLN A 3 6.23 8.61 8.00
C GLN A 3 5.93 7.22 7.42
N CYS A 4 5.49 7.20 6.16
CA CYS A 4 5.17 5.95 5.48
C CYS A 4 5.43 6.07 3.99
N TYR A 5 5.64 4.93 3.34
CA TYR A 5 5.91 4.90 1.90
C TYR A 5 4.62 5.10 1.11
N GLN A 6 4.45 6.31 0.57
CA GLN A 6 3.27 6.63 -0.21
C GLN A 6 3.60 6.77 -1.69
N CYS A 7 3.04 5.90 -2.51
CA CYS A 7 3.28 5.92 -3.95
C CYS A 7 2.00 5.65 -4.73
N GLU A 8 1.15 6.67 -4.83
CA GLU A 8 -0.11 6.54 -5.55
C GLU A 8 0.13 6.25 -7.02
N GLU A 9 1.32 6.57 -7.50
CA GLU A 9 1.68 6.35 -8.89
C GLU A 9 2.26 4.96 -9.09
N PHE A 10 1.45 4.05 -9.58
CA PHE A 10 1.88 2.67 -9.81
C PHE A 10 2.64 2.56 -11.13
N GLN A 11 3.30 1.43 -11.34
CA GLN A 11 4.07 1.20 -12.56
C GLN A 11 4.44 -0.28 -12.69
N LEU A 12 4.71 -0.70 -13.91
CA LEU A 12 5.09 -2.09 -14.19
C LEU A 12 6.60 -2.22 -14.32
N ASN A 13 7.13 -1.81 -15.47
CA ASN A 13 8.56 -1.89 -15.72
C ASN A 13 9.34 -1.15 -14.64
N ASN A 14 8.75 -0.10 -14.09
CA ASN A 14 9.38 0.69 -13.05
C ASN A 14 9.07 0.12 -11.67
N ASP A 15 9.53 0.82 -10.63
CA ASP A 15 9.29 0.40 -9.26
C ASP A 15 9.65 1.50 -8.28
N CYS A 16 8.64 2.17 -7.75
CA CYS A 16 8.84 3.26 -6.79
C CYS A 16 9.24 2.71 -5.43
N SER A 17 10.42 2.09 -5.36
CA SER A 17 10.92 1.52 -4.13
C SER A 17 12.05 2.38 -3.54
N SER A 18 11.85 3.69 -3.58
CA SER A 18 12.85 4.62 -3.06
C SER A 18 12.33 5.35 -1.84
N PRO A 19 13.25 5.76 -0.96
CA PRO A 19 12.91 6.48 0.28
C PRO A 19 12.39 7.89 0.01
N GLU A 20 12.44 8.30 -1.25
CA GLU A 20 11.99 9.62 -1.65
C GLU A 20 10.47 9.73 -1.52
N PHE A 21 9.80 8.59 -1.52
CA PHE A 21 8.35 8.55 -1.41
C PHE A 21 7.91 8.57 0.05
N ILE A 22 8.87 8.44 0.95
CA ILE A 22 8.60 8.44 2.38
C ILE A 22 7.99 9.78 2.82
N VAL A 23 6.69 9.78 3.08
CA VAL A 23 6.00 10.98 3.52
C VAL A 23 5.74 10.96 5.02
N ASN A 24 5.92 12.11 5.66
CA ASN A 24 5.72 12.23 7.10
C ASN A 24 4.26 12.57 7.41
N CYS A 25 3.46 11.55 7.70
CA CYS A 25 2.05 11.74 8.02
C CYS A 25 1.89 12.34 9.41
N THR A 26 1.91 13.67 9.48
CA THR A 26 1.76 14.36 10.75
C THR A 26 0.40 15.05 10.85
N VAL A 27 -0.66 14.28 10.65
CA VAL A 27 -2.02 14.80 10.71
C VAL A 27 -2.88 14.00 11.67
N ASN A 28 -4.08 14.50 11.95
CA ASN A 28 -5.01 13.81 12.85
C ASN A 28 -5.10 12.34 12.51
N VAL A 29 -4.99 12.02 11.23
CA VAL A 29 -5.07 10.63 10.77
C VAL A 29 -4.10 9.75 11.54
N GLN A 30 -4.40 8.45 11.59
CA GLN A 30 -3.55 7.50 12.30
C GLN A 30 -2.11 7.60 11.83
N ASP A 31 -1.92 8.02 10.59
CA ASP A 31 -0.58 8.17 10.02
C ASP A 31 0.08 6.82 9.83
N MET A 32 -0.72 5.83 9.44
CA MET A 32 -0.21 4.47 9.23
C MET A 32 0.15 4.25 7.75
N CYS A 33 0.74 3.10 7.45
CA CYS A 33 1.13 2.77 6.10
C CYS A 33 0.23 1.69 5.51
N GLN A 34 -0.20 1.89 4.26
CA GLN A 34 -1.07 0.94 3.59
C GLN A 34 -0.51 0.56 2.23
N LYS A 35 -0.74 -0.70 1.83
CA LYS A 35 -0.26 -1.19 0.55
C LYS A 35 -1.36 -1.93 -0.20
N GLU A 36 -1.73 -1.42 -1.37
CA GLU A 36 -2.78 -2.04 -2.17
C GLU A 36 -2.20 -2.62 -3.45
N VAL A 37 -2.26 -3.95 -3.59
CA VAL A 37 -1.75 -4.62 -4.77
C VAL A 37 -2.86 -5.33 -5.53
N MET A 38 -2.96 -5.05 -6.83
CA MET A 38 -3.98 -5.66 -7.67
C MET A 38 -3.48 -5.81 -9.10
N GLU A 39 -4.16 -6.66 -9.86
CA GLU A 39 -3.78 -6.91 -11.25
C GLU A 39 -4.86 -6.39 -12.21
N GLN A 40 -4.42 -5.81 -13.32
CA GLN A 40 -5.35 -5.28 -14.31
C GLN A 40 -4.87 -5.58 -15.73
N SER A 41 -5.60 -5.09 -16.72
CA SER A 41 -5.25 -5.31 -18.11
C SER A 41 -3.80 -4.92 -18.38
N ALA A 42 -3.35 -3.87 -17.71
CA ALA A 42 -1.98 -3.39 -17.87
C ALA A 42 -0.98 -4.43 -17.38
N GLY A 43 -1.25 -5.01 -16.22
CA GLY A 43 -0.36 -6.02 -15.67
C GLY A 43 -0.32 -5.98 -14.15
N ILE A 44 0.82 -5.55 -13.60
CA ILE A 44 0.99 -5.46 -12.16
C ILE A 44 0.79 -4.03 -11.67
N MET A 45 -0.29 -3.81 -10.93
CA MET A 45 -0.59 -2.49 -10.40
C MET A 45 -0.56 -2.49 -8.87
N TYR A 46 -0.03 -1.44 -8.29
CA TYR A 46 0.06 -1.32 -6.84
C TYR A 46 0.01 0.14 -6.40
N ARG A 47 -0.91 0.45 -5.51
CA ARG A 47 -1.07 1.81 -5.00
C ARG A 47 -0.79 1.87 -3.51
N LYS A 48 0.28 2.57 -3.14
CA LYS A 48 0.66 2.71 -1.74
C LYS A 48 0.42 4.13 -1.24
N SER A 49 0.10 4.25 0.04
CA SER A 49 -0.17 5.56 0.63
C SER A 49 -0.56 5.42 2.11
N CYS A 50 -0.61 6.54 2.82
CA CYS A 50 -0.96 6.55 4.22
C CYS A 50 -2.42 6.12 4.42
N ALA A 51 -2.69 5.46 5.54
CA ALA A 51 -4.03 5.01 5.85
C ALA A 51 -4.42 5.35 7.28
N SER A 52 -5.67 5.04 7.65
CA SER A 52 -6.15 5.33 8.99
C SER A 52 -6.67 4.06 9.66
N SER A 53 -6.86 4.13 10.98
CA SER A 53 -7.34 2.98 11.73
C SER A 53 -8.60 2.40 11.10
N ALA A 54 -9.61 3.25 10.94
CA ALA A 54 -10.88 2.82 10.34
C ALA A 54 -10.65 2.16 8.99
N ALA A 55 -9.84 2.79 8.15
CA ALA A 55 -9.54 2.26 6.83
C ALA A 55 -8.88 0.89 6.92
N CYS A 56 -7.88 0.78 7.79
CA CYS A 56 -7.16 -0.48 7.97
C CYS A 56 -8.14 -1.63 8.17
N LEU A 57 -9.13 -1.42 9.03
CA LEU A 57 -10.13 -2.44 9.32
C LEU A 57 -10.83 -2.89 8.03
N ILE A 58 -11.42 -1.94 7.33
CA ILE A 58 -12.13 -2.23 6.08
C ILE A 58 -11.38 -3.29 5.27
N ALA A 59 -10.12 -3.01 4.95
CA ALA A 59 -9.31 -3.94 4.18
C ALA A 59 -9.35 -5.34 4.79
N SER A 60 -9.06 -5.43 6.08
CA SER A 60 -9.06 -6.71 6.78
C SER A 60 -10.43 -7.39 6.65
N ALA A 61 -11.48 -6.65 6.98
CA ALA A 61 -12.84 -7.19 6.90
C ALA A 61 -13.16 -7.64 5.49
N GLY A 62 -12.62 -6.94 4.50
CA GLY A 62 -12.87 -7.30 3.11
C GLY A 62 -12.19 -8.60 2.72
N TYR A 63 -12.64 -9.18 1.61
CA TYR A 63 -12.08 -10.44 1.13
C TYR A 63 -10.56 -10.34 1.00
N GLN A 64 -9.90 -11.49 0.96
CA GLN A 64 -8.44 -11.53 0.85
C GLN A 64 -7.99 -12.83 0.20
N SER A 65 -7.05 -12.73 -0.73
CA SER A 65 -6.53 -13.90 -1.44
C SER A 65 -5.02 -14.01 -1.25
N PHE A 66 -4.44 -15.07 -1.83
CA PHE A 66 -3.00 -15.29 -1.73
C PHE A 66 -2.23 -14.10 -2.30
N CYS A 67 -0.90 -14.20 -2.27
CA CYS A 67 -0.05 -13.13 -2.78
C CYS A 67 1.02 -13.68 -3.72
N SER A 68 1.09 -13.13 -4.93
CA SER A 68 2.05 -13.57 -5.92
C SER A 68 2.60 -12.38 -6.71
N PRO A 69 3.81 -12.56 -7.28
CA PRO A 69 4.47 -11.52 -8.06
C PRO A 69 3.77 -11.26 -9.39
N GLY A 70 3.25 -12.32 -10.00
CA GLY A 70 2.56 -12.18 -11.27
C GLY A 70 1.49 -13.23 -11.46
N LYS A 71 0.44 -13.15 -10.64
CA LYS A 71 -0.66 -14.10 -10.72
C LYS A 71 -1.98 -13.38 -10.99
N LEU A 72 -2.85 -14.01 -11.78
CA LEU A 72 -4.14 -13.43 -12.11
C LEU A 72 -4.88 -12.99 -10.85
N ASN A 73 -4.71 -13.75 -9.78
CA ASN A 73 -5.36 -13.44 -8.51
C ASN A 73 -4.36 -12.88 -7.51
N SER A 74 -3.44 -12.04 -7.99
CA SER A 74 -2.43 -11.44 -7.14
C SER A 74 -3.01 -10.27 -6.34
N VAL A 75 -3.74 -10.59 -5.27
CA VAL A 75 -4.35 -9.57 -4.43
C VAL A 75 -3.65 -9.48 -3.08
N CYS A 76 -2.84 -8.44 -2.90
CA CYS A 76 -2.11 -8.24 -1.66
C CYS A 76 -2.45 -6.88 -1.04
N ILE A 77 -3.27 -6.91 0.00
CA ILE A 77 -3.67 -5.69 0.69
C ILE A 77 -3.45 -5.80 2.19
N SER A 78 -2.81 -4.78 2.78
CA SER A 78 -2.54 -4.77 4.20
C SER A 78 -1.91 -3.44 4.63
N CYS A 79 -1.92 -3.18 5.93
CA CYS A 79 -1.35 -1.95 6.46
C CYS A 79 -0.45 -2.24 7.65
N CYS A 80 0.31 -1.23 8.08
CA CYS A 80 1.21 -1.37 9.21
C CYS A 80 1.15 -0.14 10.12
N ASN A 81 1.43 -0.35 11.41
CA ASN A 81 1.40 0.74 12.38
C ASN A 81 2.76 1.42 12.46
N THR A 82 3.80 0.72 12.03
CA THR A 82 5.16 1.25 12.06
C THR A 82 5.47 2.01 10.78
N PRO A 83 6.28 3.07 10.89
CA PRO A 83 6.68 3.90 9.75
C PRO A 83 7.64 3.16 8.81
N LEU A 84 7.68 3.60 7.56
CA LEU A 84 8.53 2.99 6.55
C LEU A 84 8.21 1.51 6.38
N CYS A 85 6.92 1.19 6.35
CA CYS A 85 6.47 -0.18 6.20
C CYS A 85 6.52 -0.61 4.73
N ASN A 86 5.93 0.21 3.86
CA ASN A 86 5.92 -0.08 2.43
C ASN A 86 7.14 0.50 1.74
N MET A 1 5.60 12.98 12.51
CA MET A 1 6.80 12.21 12.80
C MET A 1 6.85 10.94 11.97
N ILE A 2 5.85 10.08 12.14
CA ILE A 2 5.79 8.82 11.40
C ILE A 2 5.58 9.07 9.91
N GLN A 3 6.43 8.48 9.08
CA GLN A 3 6.33 8.64 7.63
C GLN A 3 6.04 7.30 6.97
N CYS A 4 5.50 7.37 5.75
CA CYS A 4 5.18 6.16 4.99
C CYS A 4 5.36 6.39 3.50
N TYR A 5 5.83 5.36 2.80
CA TYR A 5 6.06 5.44 1.36
C TYR A 5 4.74 5.53 0.61
N GLN A 6 4.36 6.74 0.23
CA GLN A 6 3.13 6.97 -0.51
C GLN A 6 3.39 7.11 -2.00
N CYS A 7 2.90 6.14 -2.78
CA CYS A 7 3.09 6.16 -4.22
C CYS A 7 1.81 6.61 -4.93
N GLU A 8 1.84 7.82 -5.49
CA GLU A 8 0.68 8.36 -6.18
C GLU A 8 0.03 7.30 -7.06
N GLU A 9 0.59 7.09 -8.25
CA GLU A 9 0.06 6.10 -9.18
C GLU A 9 1.12 5.03 -9.50
N PHE A 10 0.65 3.81 -9.72
CA PHE A 10 1.55 2.70 -10.04
C PHE A 10 1.92 2.71 -11.52
N GLN A 11 2.92 1.90 -11.87
CA GLN A 11 3.37 1.81 -13.25
C GLN A 11 4.45 0.75 -13.41
N LEU A 12 4.84 0.49 -14.65
CA LEU A 12 5.86 -0.52 -14.93
C LEU A 12 7.25 0.12 -14.98
N ASN A 13 8.28 -0.72 -14.89
CA ASN A 13 9.66 -0.24 -14.92
C ASN A 13 9.85 0.92 -13.95
N ASN A 14 9.18 0.85 -12.80
CA ASN A 14 9.27 1.89 -11.79
C ASN A 14 9.76 1.31 -10.46
N ASP A 15 10.05 2.19 -9.51
CA ASP A 15 10.52 1.77 -8.20
C ASP A 15 10.15 2.79 -7.13
N CYS A 16 9.02 2.54 -6.46
CA CYS A 16 8.54 3.44 -5.41
C CYS A 16 9.38 3.30 -4.15
N SER A 17 10.68 3.59 -4.27
CA SER A 17 11.59 3.50 -3.14
C SER A 17 12.43 4.77 -3.01
N SER A 18 11.83 5.91 -3.35
CA SER A 18 12.51 7.19 -3.28
C SER A 18 12.09 7.97 -2.04
N PRO A 19 13.02 8.76 -1.49
CA PRO A 19 12.75 9.58 -0.31
C PRO A 19 11.79 10.72 -0.59
N GLU A 20 11.47 10.93 -1.86
CA GLU A 20 10.55 11.99 -2.25
C GLU A 20 9.10 11.57 -2.05
N PHE A 21 8.89 10.26 -1.95
CA PHE A 21 7.55 9.71 -1.76
C PHE A 21 7.20 9.64 -0.28
N ILE A 22 8.22 9.61 0.57
CA ILE A 22 8.03 9.54 2.01
C ILE A 22 7.18 10.71 2.50
N VAL A 23 5.93 10.41 2.86
CA VAL A 23 5.01 11.42 3.35
C VAL A 23 4.85 11.33 4.87
N ASN A 24 4.53 12.46 5.49
CA ASN A 24 4.35 12.50 6.94
C ASN A 24 2.89 12.29 7.31
N CYS A 25 2.56 11.05 7.71
CA CYS A 25 1.20 10.71 8.09
C CYS A 25 0.81 11.41 9.39
N THR A 26 -0.32 12.13 9.35
CA THR A 26 -0.80 12.85 10.52
C THR A 26 -0.81 11.95 11.75
N VAL A 27 -0.43 12.52 12.89
CA VAL A 27 -0.40 11.78 14.15
C VAL A 27 -1.80 11.42 14.61
N ASN A 28 -2.75 12.32 14.37
CA ASN A 28 -4.13 12.10 14.76
C ASN A 28 -4.79 11.05 13.88
N VAL A 29 -4.87 11.34 12.59
CA VAL A 29 -5.48 10.42 11.62
C VAL A 29 -4.42 9.78 10.73
N GLN A 30 -4.59 8.49 10.46
CA GLN A 30 -3.64 7.76 9.62
C GLN A 30 -2.25 7.74 10.25
N ASP A 31 -1.95 6.68 10.99
CA ASP A 31 -0.67 6.54 11.64
C ASP A 31 0.05 5.27 11.18
N MET A 32 -0.22 4.87 9.94
CA MET A 32 0.40 3.68 9.37
C MET A 32 0.56 3.81 7.86
N CYS A 33 1.14 2.79 7.24
CA CYS A 33 1.35 2.79 5.80
C CYS A 33 0.46 1.74 5.12
N GLN A 34 0.30 1.88 3.80
CA GLN A 34 -0.51 0.95 3.04
C GLN A 34 0.14 0.61 1.71
N LYS A 35 -0.08 -0.61 1.24
CA LYS A 35 0.50 -1.07 -0.02
C LYS A 35 -0.39 -2.10 -0.69
N GLU A 36 -0.83 -1.81 -1.91
CA GLU A 36 -1.69 -2.72 -2.66
C GLU A 36 -1.02 -3.15 -3.96
N VAL A 37 -1.03 -4.46 -4.21
CA VAL A 37 -0.43 -4.99 -5.43
C VAL A 37 -1.45 -5.77 -6.24
N MET A 38 -1.44 -5.55 -7.55
CA MET A 38 -2.36 -6.24 -8.45
C MET A 38 -1.74 -6.42 -9.84
N GLU A 39 -2.05 -7.54 -10.47
CA GLU A 39 -1.52 -7.83 -11.80
C GLU A 39 -2.61 -7.72 -12.86
N GLN A 40 -2.30 -7.06 -13.96
CA GLN A 40 -3.25 -6.89 -15.04
C GLN A 40 -2.54 -6.76 -16.38
N SER A 41 -3.29 -6.41 -17.43
CA SER A 41 -2.74 -6.26 -18.76
C SER A 41 -1.36 -5.61 -18.71
N ALA A 42 -1.33 -4.32 -18.45
CA ALA A 42 -0.07 -3.58 -18.37
C ALA A 42 0.99 -4.39 -17.65
N GLY A 43 0.61 -5.01 -16.54
CA GLY A 43 1.55 -5.81 -15.77
C GLY A 43 1.23 -5.82 -14.30
N ILE A 44 2.26 -6.00 -13.47
CA ILE A 44 2.07 -6.03 -12.03
C ILE A 44 2.18 -4.64 -11.42
N MET A 45 1.05 -3.95 -11.32
CA MET A 45 1.01 -2.60 -10.77
C MET A 45 0.67 -2.64 -9.28
N TYR A 46 1.22 -1.70 -8.53
CA TYR A 46 0.97 -1.63 -7.10
C TYR A 46 1.10 -0.19 -6.59
N ARG A 47 0.04 0.30 -5.96
CA ARG A 47 0.04 1.66 -5.43
C ARG A 47 0.28 1.65 -3.92
N LYS A 48 0.64 2.82 -3.39
CA LYS A 48 0.91 2.96 -1.96
C LYS A 48 0.50 4.33 -1.45
N SER A 49 0.26 4.43 -0.14
CA SER A 49 -0.15 5.70 0.45
C SER A 49 -0.39 5.52 1.95
N CYS A 50 -0.51 6.65 2.65
CA CYS A 50 -0.74 6.62 4.10
C CYS A 50 -2.13 6.06 4.42
N ALA A 51 -2.20 5.25 5.46
CA ALA A 51 -3.46 4.65 5.89
C ALA A 51 -3.64 4.74 7.39
N SER A 52 -4.83 4.39 7.86
CA SER A 52 -5.14 4.44 9.29
C SER A 52 -5.58 3.08 9.80
N SER A 53 -5.56 2.91 11.12
CA SER A 53 -5.96 1.65 11.73
C SER A 53 -7.33 1.21 11.24
N ALA A 54 -8.33 2.07 11.43
CA ALA A 54 -9.69 1.78 11.01
C ALA A 54 -9.72 1.33 9.55
N ALA A 55 -9.04 2.09 8.70
CA ALA A 55 -9.00 1.77 7.27
C ALA A 55 -8.48 0.36 7.04
N CYS A 56 -7.31 0.06 7.60
CA CYS A 56 -6.71 -1.25 7.46
C CYS A 56 -7.71 -2.36 7.81
N LEU A 57 -8.52 -2.11 8.82
CA LEU A 57 -9.52 -3.08 9.25
C LEU A 57 -10.55 -3.32 8.17
N ILE A 58 -10.86 -2.27 7.41
CA ILE A 58 -11.83 -2.37 6.33
C ILE A 58 -11.38 -3.36 5.27
N ALA A 59 -10.17 -3.15 4.75
CA ALA A 59 -9.61 -4.04 3.73
C ALA A 59 -9.67 -5.50 4.18
N SER A 60 -9.25 -5.74 5.42
CA SER A 60 -9.24 -7.09 5.97
C SER A 60 -10.67 -7.63 6.13
N ALA A 61 -11.47 -6.91 6.92
CA ALA A 61 -12.85 -7.31 7.16
C ALA A 61 -13.58 -7.55 5.84
N GLY A 62 -13.22 -6.80 4.81
CA GLY A 62 -13.85 -6.94 3.52
C GLY A 62 -13.49 -8.25 2.84
N TYR A 63 -14.30 -8.65 1.86
CA TYR A 63 -14.07 -9.89 1.13
C TYR A 63 -12.68 -9.91 0.52
N GLN A 64 -12.35 -10.99 -0.18
CA GLN A 64 -11.05 -11.14 -0.82
C GLN A 64 -9.92 -11.00 0.20
N SER A 65 -10.16 -11.47 1.41
CA SER A 65 -9.17 -11.39 2.48
C SER A 65 -7.90 -12.15 2.09
N PHE A 66 -8.07 -13.39 1.64
CA PHE A 66 -6.95 -14.22 1.23
C PHE A 66 -6.62 -14.00 -0.24
N CYS A 67 -5.39 -14.36 -0.62
CA CYS A 67 -4.95 -14.21 -2.00
C CYS A 67 -3.69 -15.04 -2.26
N SER A 68 -3.13 -14.88 -3.45
CA SER A 68 -1.91 -15.62 -3.83
C SER A 68 -0.86 -14.67 -4.39
N PRO A 69 0.42 -15.08 -4.30
CA PRO A 69 1.54 -14.28 -4.80
C PRO A 69 1.57 -14.21 -6.32
N GLY A 70 1.10 -15.27 -6.97
CA GLY A 70 1.08 -15.31 -8.42
C GLY A 70 -0.19 -15.94 -8.97
N LYS A 71 -1.24 -15.13 -9.09
CA LYS A 71 -2.52 -15.62 -9.60
C LYS A 71 -3.20 -14.55 -10.46
N LEU A 72 -4.18 -14.98 -11.25
CA LEU A 72 -4.91 -14.06 -12.11
C LEU A 72 -5.46 -12.88 -11.32
N ASN A 73 -4.86 -11.71 -11.50
CA ASN A 73 -5.29 -10.50 -10.81
C ASN A 73 -5.03 -10.63 -9.31
N SER A 74 -3.83 -11.08 -8.95
CA SER A 74 -3.46 -11.24 -7.55
C SER A 74 -3.63 -9.93 -6.78
N VAL A 75 -4.79 -9.76 -6.17
CA VAL A 75 -5.08 -8.55 -5.40
C VAL A 75 -4.77 -8.76 -3.92
N CYS A 76 -3.75 -8.06 -3.43
CA CYS A 76 -3.35 -8.17 -2.03
C CYS A 76 -2.96 -6.81 -1.48
N ILE A 77 -3.37 -6.54 -0.25
CA ILE A 77 -3.06 -5.27 0.40
C ILE A 77 -2.82 -5.46 1.91
N SER A 78 -1.94 -4.65 2.46
CA SER A 78 -1.62 -4.72 3.88
C SER A 78 -1.01 -3.42 4.38
N CYS A 79 -1.07 -3.20 5.69
CA CYS A 79 -0.51 -1.99 6.29
C CYS A 79 0.61 -2.33 7.28
N CYS A 80 1.37 -1.32 7.67
CA CYS A 80 2.46 -1.51 8.61
C CYS A 80 2.50 -0.38 9.64
N ASN A 81 2.96 -0.70 10.84
CA ASN A 81 3.04 0.29 11.92
C ASN A 81 4.40 1.00 11.90
N THR A 82 5.35 0.42 11.18
CA THR A 82 6.68 0.99 11.08
C THR A 82 6.77 1.97 9.90
N PRO A 83 7.62 3.00 10.06
CA PRO A 83 7.82 4.03 9.03
C PRO A 83 8.55 3.48 7.80
N LEU A 84 8.24 4.03 6.64
CA LEU A 84 8.86 3.60 5.40
C LEU A 84 8.83 2.08 5.27
N CYS A 85 7.64 1.51 5.43
CA CYS A 85 7.47 0.07 5.32
C CYS A 85 7.36 -0.37 3.87
N ASN A 86 6.72 0.47 3.05
CA ASN A 86 6.56 0.17 1.64
C ASN A 86 7.72 0.72 0.82
N MET A 1 7.89 11.78 14.04
CA MET A 1 8.13 12.07 12.63
C MET A 1 7.86 10.83 11.78
N ILE A 2 6.86 10.05 12.17
CA ILE A 2 6.50 8.84 11.44
C ILE A 2 6.15 9.16 9.99
N GLN A 3 6.92 8.60 9.06
CA GLN A 3 6.68 8.82 7.64
C GLN A 3 6.23 7.53 6.95
N CYS A 4 5.63 7.67 5.78
CA CYS A 4 5.16 6.52 5.02
C CYS A 4 5.27 6.78 3.52
N TYR A 5 5.51 5.72 2.76
CA TYR A 5 5.63 5.83 1.31
C TYR A 5 4.27 5.78 0.64
N GLN A 6 3.92 6.85 -0.06
CA GLN A 6 2.64 6.93 -0.75
C GLN A 6 2.84 7.06 -2.26
N CYS A 7 2.43 6.03 -3.00
CA CYS A 7 2.57 6.02 -4.45
C CYS A 7 1.33 5.43 -5.11
N GLU A 8 0.25 6.22 -5.15
CA GLU A 8 -1.00 5.77 -5.76
C GLU A 8 -0.80 5.46 -7.24
N GLU A 9 0.28 5.97 -7.80
CA GLU A 9 0.58 5.74 -9.22
C GLU A 9 1.39 4.46 -9.40
N PHE A 10 0.83 3.52 -10.15
CA PHE A 10 1.50 2.25 -10.41
C PHE A 10 2.65 2.43 -11.40
N GLN A 11 3.36 1.33 -11.68
CA GLN A 11 4.48 1.37 -12.60
C GLN A 11 5.16 0.00 -12.69
N LEU A 12 5.65 -0.33 -13.88
CA LEU A 12 6.32 -1.62 -14.10
C LEU A 12 7.82 -1.48 -13.89
N ASN A 13 8.50 -0.91 -14.88
CA ASN A 13 9.94 -0.72 -14.81
C ASN A 13 10.28 0.61 -14.16
N ASN A 14 9.79 0.82 -12.95
CA ASN A 14 10.05 2.06 -12.21
C ASN A 14 10.24 1.78 -10.72
N ASP A 15 11.19 2.48 -10.12
CA ASP A 15 11.47 2.31 -8.69
C ASP A 15 10.89 3.46 -7.88
N CYS A 16 9.60 3.35 -7.54
CA CYS A 16 8.93 4.38 -6.76
C CYS A 16 9.40 4.37 -5.31
N SER A 17 10.69 4.63 -5.11
CA SER A 17 11.27 4.65 -3.77
C SER A 17 12.00 5.96 -3.52
N SER A 18 11.43 7.06 -3.98
CA SER A 18 12.03 8.37 -3.81
C SER A 18 11.57 9.02 -2.51
N PRO A 19 12.43 9.86 -1.94
CA PRO A 19 12.14 10.56 -0.68
C PRO A 19 11.05 11.62 -0.84
N GLU A 20 10.65 11.86 -2.09
CA GLU A 20 9.63 12.85 -2.38
C GLU A 20 8.23 12.29 -2.14
N PHE A 21 8.14 10.96 -2.15
CA PHE A 21 6.86 10.27 -1.94
C PHE A 21 6.63 10.03 -0.45
N ILE A 22 7.69 10.11 0.33
CA ILE A 22 7.59 9.90 1.77
C ILE A 22 6.84 11.04 2.45
N VAL A 23 5.65 10.76 2.95
CA VAL A 23 4.84 11.76 3.62
C VAL A 23 4.93 11.62 5.13
N ASN A 24 4.77 12.73 5.84
CA ASN A 24 4.83 12.73 7.30
C ASN A 24 3.45 12.48 7.90
N CYS A 25 3.02 11.22 7.87
CA CYS A 25 1.71 10.85 8.41
C CYS A 25 1.76 10.80 9.93
N THR A 26 1.98 11.97 10.54
CA THR A 26 2.04 12.06 12.00
C THR A 26 0.83 12.79 12.55
N VAL A 27 0.20 13.61 11.71
CA VAL A 27 -0.98 14.36 12.12
C VAL A 27 -1.96 13.48 12.89
N ASN A 28 -2.05 12.20 12.50
CA ASN A 28 -2.94 11.26 13.15
C ASN A 28 -2.27 9.90 13.32
N VAL A 29 -2.28 9.39 14.55
CA VAL A 29 -1.67 8.11 14.85
C VAL A 29 -2.16 7.02 13.88
N GLN A 30 -3.44 7.08 13.53
CA GLN A 30 -4.02 6.12 12.61
C GLN A 30 -3.32 6.16 11.25
N ASP A 31 -2.88 7.35 10.87
CA ASP A 31 -2.19 7.52 9.59
C ASP A 31 -0.95 6.63 9.52
N MET A 32 -1.10 5.45 8.92
CA MET A 32 0.01 4.51 8.79
C MET A 32 0.36 4.29 7.33
N CYS A 33 1.20 3.30 7.06
CA CYS A 33 1.62 2.99 5.70
C CYS A 33 0.90 1.76 5.17
N GLN A 34 0.33 1.89 3.97
CA GLN A 34 -0.40 0.78 3.35
C GLN A 34 0.11 0.52 1.93
N LYS A 35 0.10 -0.75 1.53
CA LYS A 35 0.56 -1.13 0.21
C LYS A 35 -0.34 -2.21 -0.39
N GLU A 36 -0.51 -2.18 -1.70
CA GLU A 36 -1.34 -3.16 -2.40
C GLU A 36 -0.57 -3.81 -3.54
N VAL A 37 -0.83 -5.09 -3.77
CA VAL A 37 -0.17 -5.83 -4.84
C VAL A 37 -1.16 -6.25 -5.91
N MET A 38 -0.77 -6.09 -7.17
CA MET A 38 -1.64 -6.46 -8.29
C MET A 38 -0.81 -6.93 -9.48
N GLU A 39 -1.35 -7.87 -10.24
CA GLU A 39 -0.66 -8.40 -11.41
C GLU A 39 -1.63 -8.65 -12.56
N GLN A 40 -1.48 -7.88 -13.63
CA GLN A 40 -2.36 -8.02 -14.79
C GLN A 40 -1.55 -7.98 -16.09
N SER A 41 -2.24 -8.01 -17.22
CA SER A 41 -1.60 -7.99 -18.52
C SER A 41 -0.60 -6.83 -18.60
N ALA A 42 -1.01 -5.67 -18.10
CA ALA A 42 -0.16 -4.49 -18.12
C ALA A 42 1.13 -4.72 -17.34
N GLY A 43 1.03 -5.50 -16.27
CA GLY A 43 2.19 -5.79 -15.46
C GLY A 43 1.86 -5.88 -13.97
N ILE A 44 2.89 -5.88 -13.14
CA ILE A 44 2.70 -5.96 -11.70
C ILE A 44 2.54 -4.57 -11.07
N MET A 45 1.29 -4.14 -10.92
CA MET A 45 1.00 -2.83 -10.34
C MET A 45 0.86 -2.93 -8.82
N TYR A 46 1.02 -1.79 -8.15
CA TYR A 46 0.92 -1.75 -6.70
C TYR A 46 0.42 -0.39 -6.22
N ARG A 47 -0.55 -0.40 -5.31
CA ARG A 47 -1.11 0.83 -4.78
C ARG A 47 -0.57 1.12 -3.40
N LYS A 48 0.26 2.16 -3.29
CA LYS A 48 0.86 2.54 -2.02
C LYS A 48 0.30 3.88 -1.54
N SER A 49 0.03 3.98 -0.25
CA SER A 49 -0.51 5.21 0.33
C SER A 49 -0.80 5.02 1.82
N CYS A 50 -0.98 6.13 2.52
CA CYS A 50 -1.27 6.10 3.95
C CYS A 50 -2.65 5.51 4.21
N ALA A 51 -2.81 4.85 5.35
CA ALA A 51 -4.08 4.25 5.72
C ALA A 51 -4.34 4.37 7.21
N SER A 52 -5.60 4.53 7.59
CA SER A 52 -5.97 4.67 8.99
C SER A 52 -6.15 3.30 9.64
N SER A 53 -5.89 3.23 10.94
CA SER A 53 -6.00 1.98 11.68
C SER A 53 -7.35 1.31 11.40
N ALA A 54 -8.42 1.90 11.91
CA ALA A 54 -9.76 1.37 11.73
C ALA A 54 -10.01 1.04 10.25
N ALA A 55 -9.61 1.96 9.37
CA ALA A 55 -9.80 1.77 7.94
C ALA A 55 -9.18 0.45 7.48
N CYS A 56 -7.90 0.28 7.77
CA CYS A 56 -7.19 -0.94 7.39
C CYS A 56 -7.98 -2.18 7.78
N LEU A 57 -8.50 -2.18 9.00
CA LEU A 57 -9.28 -3.30 9.50
C LEU A 57 -10.45 -3.60 8.58
N ILE A 58 -11.05 -2.56 8.02
CA ILE A 58 -12.18 -2.72 7.12
C ILE A 58 -11.80 -3.55 5.89
N ALA A 59 -10.75 -3.13 5.20
CA ALA A 59 -10.28 -3.84 4.02
C ALA A 59 -9.91 -5.27 4.36
N SER A 60 -9.35 -5.48 5.56
CA SER A 60 -8.94 -6.80 5.99
C SER A 60 -10.16 -7.67 6.31
N ALA A 61 -10.84 -7.34 7.40
CA ALA A 61 -12.02 -8.08 7.82
C ALA A 61 -13.02 -8.22 6.67
N GLY A 62 -13.10 -7.20 5.83
CA GLY A 62 -14.01 -7.23 4.71
C GLY A 62 -13.58 -8.21 3.64
N TYR A 63 -14.51 -9.03 3.18
CA TYR A 63 -14.21 -10.03 2.15
C TYR A 63 -13.78 -9.36 0.85
N GLN A 64 -12.78 -9.94 0.20
CA GLN A 64 -12.28 -9.40 -1.05
C GLN A 64 -11.67 -10.50 -1.92
N SER A 65 -11.23 -10.13 -3.11
CA SER A 65 -10.63 -11.09 -4.03
C SER A 65 -9.49 -11.86 -3.35
N PHE A 66 -9.35 -13.13 -3.71
CA PHE A 66 -8.31 -13.97 -3.14
C PHE A 66 -6.94 -13.31 -3.26
N CYS A 67 -6.14 -13.43 -2.21
CA CYS A 67 -4.81 -12.83 -2.19
C CYS A 67 -3.73 -13.90 -2.40
N SER A 68 -3.19 -13.96 -3.61
CA SER A 68 -2.17 -14.93 -3.94
C SER A 68 -0.86 -14.24 -4.32
N PRO A 69 0.25 -14.99 -4.25
CA PRO A 69 1.58 -14.46 -4.58
C PRO A 69 1.74 -14.20 -6.08
N GLY A 70 1.21 -15.10 -6.89
CA GLY A 70 1.30 -14.96 -8.33
C GLY A 70 0.11 -15.56 -9.05
N LYS A 71 -0.97 -14.80 -9.12
CA LYS A 71 -2.18 -15.27 -9.80
C LYS A 71 -2.92 -14.11 -10.47
N LEU A 72 -3.82 -14.43 -11.39
CA LEU A 72 -4.58 -13.42 -12.10
C LEU A 72 -5.34 -12.53 -11.12
N ASN A 73 -5.44 -11.24 -11.46
CA ASN A 73 -6.14 -10.28 -10.61
C ASN A 73 -5.81 -10.51 -9.14
N SER A 74 -4.56 -10.87 -8.88
CA SER A 74 -4.11 -11.12 -7.51
C SER A 74 -4.01 -9.82 -6.72
N VAL A 75 -5.16 -9.36 -6.22
CA VAL A 75 -5.21 -8.12 -5.45
C VAL A 75 -5.00 -8.40 -3.96
N CYS A 76 -4.17 -7.58 -3.32
CA CYS A 76 -3.88 -7.73 -1.90
C CYS A 76 -3.76 -6.38 -1.21
N ILE A 77 -4.09 -6.33 0.07
CA ILE A 77 -4.02 -5.10 0.84
C ILE A 77 -3.41 -5.34 2.21
N SER A 78 -2.50 -4.45 2.62
CA SER A 78 -1.85 -4.57 3.91
C SER A 78 -1.22 -3.24 4.33
N CYS A 79 -0.97 -3.09 5.63
CA CYS A 79 -0.37 -1.87 6.15
C CYS A 79 0.53 -2.18 7.34
N CYS A 80 1.33 -1.19 7.74
CA CYS A 80 2.24 -1.35 8.86
C CYS A 80 2.26 -0.10 9.73
N ASN A 81 2.51 -0.30 11.03
CA ASN A 81 2.55 0.81 11.97
C ASN A 81 3.98 1.35 12.13
N THR A 82 4.83 1.00 11.18
CA THR A 82 6.22 1.43 11.22
C THR A 82 6.53 2.41 10.07
N PRO A 83 7.52 3.28 10.30
CA PRO A 83 7.92 4.28 9.29
C PRO A 83 8.62 3.65 8.10
N LEU A 84 8.29 4.12 6.91
CA LEU A 84 8.88 3.60 5.68
C LEU A 84 8.70 2.09 5.57
N CYS A 85 7.45 1.65 5.72
CA CYS A 85 7.13 0.23 5.64
C CYS A 85 7.26 -0.28 4.22
N ASN A 86 6.94 0.58 3.25
CA ASN A 86 7.03 0.21 1.85
C ASN A 86 8.42 0.51 1.28
#